data_1NZA
# 
_entry.id   1NZA 
# 
_audit_conform.dict_name       mmcif_pdbx.dic 
_audit_conform.dict_version    5.380 
_audit_conform.dict_location   http://mmcif.pdb.org/dictionaries/ascii/mmcif_pdbx.dic 
# 
loop_
_database_2.database_id 
_database_2.database_code 
_database_2.pdbx_database_accession 
_database_2.pdbx_DOI 
PDB   1NZA         pdb_00001nza 10.2210/pdb1nza/pdb 
RCSB  RCSB018379   ?            ?                   
WWPDB D_1000018379 ?            ?                   
# 
_pdbx_database_related.db_name        TargetDB 
_pdbx_database_related.db_id          ttk003001193.1 
_pdbx_database_related.details        . 
_pdbx_database_related.content_type   unspecified 
# 
_pdbx_database_status.status_code                     REL 
_pdbx_database_status.entry_id                        1NZA 
_pdbx_database_status.recvd_initial_deposition_date   2003-02-17 
_pdbx_database_status.deposit_site                    RCSB 
_pdbx_database_status.process_site                    PDBJ 
_pdbx_database_status.status_code_sf                  REL 
_pdbx_database_status.SG_entry                        Y 
_pdbx_database_status.status_code_mr                  ? 
_pdbx_database_status.status_code_cs                  ? 
_pdbx_database_status.pdb_format_compatible           Y 
_pdbx_database_status.status_code_nmr_data            ? 
_pdbx_database_status.methods_development_category    ? 
# 
loop_
_audit_author.name 
_audit_author.pdbx_ordinal 
'Bagautdinov, B.'                                        1 
'Miyano, M.'                                             2 
'Tahirov, T.H.'                                          3 
'RIKEN Structural Genomics/Proteomics Initiative (RSGI)' 4 
# 
_citation.id                        primary 
_citation.title                     
;The structures of the CutA1 proteins from Thermus thermophilus and Pyrococcus horikoshii: characterization of metal-binding sites and metal-induced assembly.
;
_citation.journal_abbrev            'Acta Crystallogr.,Sect.F' 
_citation.journal_volume            70 
_citation.page_first                404 
_citation.page_last                 413 
_citation.year                      2014 
_citation.journal_id_ASTM           ? 
_citation.country                   DK 
_citation.journal_id_ISSN           1744-3091 
_citation.journal_id_CSD            ? 
_citation.book_publisher            ? 
_citation.pdbx_database_id_PubMed   24699729 
_citation.pdbx_database_id_DOI      10.1107/S2053230X14003422 
# 
_citation_author.citation_id        primary 
_citation_author.name               'Bagautdinov, B.' 
_citation_author.ordinal            1 
_citation_author.identifier_ORCID   ? 
# 
_cell.entry_id           1NZA 
_cell.length_a           83.003 
_cell.length_b           83.003 
_cell.length_c           83.003 
_cell.angle_alpha        90.00 
_cell.angle_beta         90.00 
_cell.angle_gamma        90.00 
_cell.Z_PDB              24 
_cell.pdbx_unique_axis   ? 
# 
_symmetry.entry_id                         1NZA 
_symmetry.space_group_name_H-M             'I 2 3' 
_symmetry.pdbx_full_space_group_name_H-M   ? 
_symmetry.cell_setting                     ? 
_symmetry.Int_Tables_number                197 
# 
loop_
_entity.id 
_entity.type 
_entity.src_method 
_entity.pdbx_description 
_entity.formula_weight 
_entity.pdbx_number_of_molecules 
_entity.pdbx_ec 
_entity.pdbx_mutation 
_entity.pdbx_fragment 
_entity.details 
1 polymer     man 'Divalent cation tolerance protein' 11635.439 1  ? ? ? ? 
2 non-polymer syn 'SODIUM ION'                        22.990    2  ? ? ? ? 
3 non-polymer syn 'CHLORIDE ION'                      35.453    4  ? ? ? ? 
4 non-polymer syn 'SULFATE ION'                       96.063    1  ? ? ? ? 
5 non-polymer syn GLYCEROL                            92.094    1  ? ? ? ? 
6 water       nat water                               18.015    84 ? ? ? ? 
# 
_entity_name_com.entity_id   1 
_entity_name_com.name        CutA 
# 
_entity_poly.entity_id                      1 
_entity_poly.type                           'polypeptide(L)' 
_entity_poly.nstd_linkage                   no 
_entity_poly.nstd_monomer                   no 
_entity_poly.pdbx_seq_one_letter_code       
;MEEVVLITVPSEEVARTIAKALVEERLAACVNIVPGLTSIYRWQGEVVEDQELLLLVKTTTHAFPKLKERVKALHPYTVP
EIVALPIAEGNREYLDWLRENTG
;
_entity_poly.pdbx_seq_one_letter_code_can   
;MEEVVLITVPSEEVARTIAKALVEERLAACVNIVPGLTSIYRWQGEVVEDQELLLLVKTTTHAFPKLKERVKALHPYTVP
EIVALPIAEGNREYLDWLRENTG
;
_entity_poly.pdbx_strand_id                 A 
_entity_poly.pdbx_target_identifier         ttk003001193.1 
# 
loop_
_entity_poly_seq.entity_id 
_entity_poly_seq.num 
_entity_poly_seq.mon_id 
_entity_poly_seq.hetero 
1 1   MET n 
1 2   GLU n 
1 3   GLU n 
1 4   VAL n 
1 5   VAL n 
1 6   LEU n 
1 7   ILE n 
1 8   THR n 
1 9   VAL n 
1 10  PRO n 
1 11  SER n 
1 12  GLU n 
1 13  GLU n 
1 14  VAL n 
1 15  ALA n 
1 16  ARG n 
1 17  THR n 
1 18  ILE n 
1 19  ALA n 
1 20  LYS n 
1 21  ALA n 
1 22  LEU n 
1 23  VAL n 
1 24  GLU n 
1 25  GLU n 
1 26  ARG n 
1 27  LEU n 
1 28  ALA n 
1 29  ALA n 
1 30  CYS n 
1 31  VAL n 
1 32  ASN n 
1 33  ILE n 
1 34  VAL n 
1 35  PRO n 
1 36  GLY n 
1 37  LEU n 
1 38  THR n 
1 39  SER n 
1 40  ILE n 
1 41  TYR n 
1 42  ARG n 
1 43  TRP n 
1 44  GLN n 
1 45  GLY n 
1 46  GLU n 
1 47  VAL n 
1 48  VAL n 
1 49  GLU n 
1 50  ASP n 
1 51  GLN n 
1 52  GLU n 
1 53  LEU n 
1 54  LEU n 
1 55  LEU n 
1 56  LEU n 
1 57  VAL n 
1 58  LYS n 
1 59  THR n 
1 60  THR n 
1 61  THR n 
1 62  HIS n 
1 63  ALA n 
1 64  PHE n 
1 65  PRO n 
1 66  LYS n 
1 67  LEU n 
1 68  LYS n 
1 69  GLU n 
1 70  ARG n 
1 71  VAL n 
1 72  LYS n 
1 73  ALA n 
1 74  LEU n 
1 75  HIS n 
1 76  PRO n 
1 77  TYR n 
1 78  THR n 
1 79  VAL n 
1 80  PRO n 
1 81  GLU n 
1 82  ILE n 
1 83  VAL n 
1 84  ALA n 
1 85  LEU n 
1 86  PRO n 
1 87  ILE n 
1 88  ALA n 
1 89  GLU n 
1 90  GLY n 
1 91  ASN n 
1 92  ARG n 
1 93  GLU n 
1 94  TYR n 
1 95  LEU n 
1 96  ASP n 
1 97  TRP n 
1 98  LEU n 
1 99  ARG n 
1 100 GLU n 
1 101 ASN n 
1 102 THR n 
1 103 GLY n 
# 
_entity_src_gen.entity_id                          1 
_entity_src_gen.pdbx_src_id                        1 
_entity_src_gen.pdbx_alt_source_flag               sample 
_entity_src_gen.pdbx_seq_type                      ? 
_entity_src_gen.pdbx_beg_seq_num                   ? 
_entity_src_gen.pdbx_end_seq_num                   ? 
_entity_src_gen.gene_src_common_name               ? 
_entity_src_gen.gene_src_genus                     Thermus 
_entity_src_gen.pdbx_gene_src_gene                 ? 
_entity_src_gen.gene_src_species                   ? 
_entity_src_gen.gene_src_strain                    ? 
_entity_src_gen.gene_src_tissue                    ? 
_entity_src_gen.gene_src_tissue_fraction           ? 
_entity_src_gen.gene_src_details                   ? 
_entity_src_gen.pdbx_gene_src_fragment             ? 
_entity_src_gen.pdbx_gene_src_scientific_name      'Thermus thermophilus' 
_entity_src_gen.pdbx_gene_src_ncbi_taxonomy_id     274 
_entity_src_gen.pdbx_gene_src_variant              ? 
_entity_src_gen.pdbx_gene_src_cell_line            ? 
_entity_src_gen.pdbx_gene_src_atcc                 ? 
_entity_src_gen.pdbx_gene_src_organ                ? 
_entity_src_gen.pdbx_gene_src_organelle            ? 
_entity_src_gen.pdbx_gene_src_cell                 ? 
_entity_src_gen.pdbx_gene_src_cellular_location    ? 
_entity_src_gen.host_org_common_name               ? 
_entity_src_gen.pdbx_host_org_scientific_name      'Escherichia coli BL21(DE3)' 
_entity_src_gen.pdbx_host_org_ncbi_taxonomy_id     469008 
_entity_src_gen.host_org_genus                     Escherichia 
_entity_src_gen.pdbx_host_org_gene                 ? 
_entity_src_gen.pdbx_host_org_organ                ? 
_entity_src_gen.host_org_species                   'Escherichia coli' 
_entity_src_gen.pdbx_host_org_tissue               ? 
_entity_src_gen.pdbx_host_org_tissue_fraction      ? 
_entity_src_gen.pdbx_host_org_strain               'BL21(DE3)' 
_entity_src_gen.pdbx_host_org_variant              ? 
_entity_src_gen.pdbx_host_org_cell_line            ? 
_entity_src_gen.pdbx_host_org_atcc                 ? 
_entity_src_gen.pdbx_host_org_culture_collection   ? 
_entity_src_gen.pdbx_host_org_cell                 ? 
_entity_src_gen.pdbx_host_org_organelle            ? 
_entity_src_gen.pdbx_host_org_cellular_location    ? 
_entity_src_gen.pdbx_host_org_vector_type          plasmid 
_entity_src_gen.pdbx_host_org_vector               ? 
_entity_src_gen.host_org_details                   ? 
_entity_src_gen.expression_system_id               ? 
_entity_src_gen.plasmid_name                       pET11a 
_entity_src_gen.plasmid_details                    ? 
_entity_src_gen.pdbx_description                   ? 
# 
_struct_ref.id                         1 
_struct_ref.db_name                    UNP 
_struct_ref.db_code                    CUTA_THET8 
_struct_ref.pdbx_db_accession          Q7SIA8 
_struct_ref.entity_id                  1 
_struct_ref.pdbx_align_begin           1 
_struct_ref.pdbx_db_isoform            ? 
_struct_ref.pdbx_seq_one_letter_code   ? 
# 
_struct_ref_seq.align_id                      1 
_struct_ref_seq.ref_id                        1 
_struct_ref_seq.pdbx_PDB_id_code              1NZA 
_struct_ref_seq.pdbx_strand_id                A 
_struct_ref_seq.seq_align_beg                 1 
_struct_ref_seq.pdbx_seq_align_beg_ins_code   ? 
_struct_ref_seq.seq_align_end                 103 
_struct_ref_seq.pdbx_seq_align_end_ins_code   ? 
_struct_ref_seq.pdbx_db_accession             Q7SIA8 
_struct_ref_seq.db_align_beg                  1 
_struct_ref_seq.pdbx_db_align_beg_ins_code    ? 
_struct_ref_seq.db_align_end                  103 
_struct_ref_seq.pdbx_db_align_end_ins_code    ? 
_struct_ref_seq.pdbx_auth_seq_align_beg       1 
_struct_ref_seq.pdbx_auth_seq_align_end       103 
# 
loop_
_chem_comp.id 
_chem_comp.type 
_chem_comp.mon_nstd_flag 
_chem_comp.name 
_chem_comp.pdbx_synonyms 
_chem_comp.formula 
_chem_comp.formula_weight 
ALA 'L-peptide linking' y ALANINE         ?                               'C3 H7 N O2'     89.093  
ARG 'L-peptide linking' y ARGININE        ?                               'C6 H15 N4 O2 1' 175.209 
ASN 'L-peptide linking' y ASPARAGINE      ?                               'C4 H8 N2 O3'    132.118 
ASP 'L-peptide linking' y 'ASPARTIC ACID' ?                               'C4 H7 N O4'     133.103 
CL  non-polymer         . 'CHLORIDE ION'  ?                               'Cl -1'          35.453  
CYS 'L-peptide linking' y CYSTEINE        ?                               'C3 H7 N O2 S'   121.158 
GLN 'L-peptide linking' y GLUTAMINE       ?                               'C5 H10 N2 O3'   146.144 
GLU 'L-peptide linking' y 'GLUTAMIC ACID' ?                               'C5 H9 N O4'     147.129 
GLY 'peptide linking'   y GLYCINE         ?                               'C2 H5 N O2'     75.067  
GOL non-polymer         . GLYCEROL        'GLYCERIN; PROPANE-1,2,3-TRIOL' 'C3 H8 O3'       92.094  
HIS 'L-peptide linking' y HISTIDINE       ?                               'C6 H10 N3 O2 1' 156.162 
HOH non-polymer         . WATER           ?                               'H2 O'           18.015  
ILE 'L-peptide linking' y ISOLEUCINE      ?                               'C6 H13 N O2'    131.173 
LEU 'L-peptide linking' y LEUCINE         ?                               'C6 H13 N O2'    131.173 
LYS 'L-peptide linking' y LYSINE          ?                               'C6 H15 N2 O2 1' 147.195 
MET 'L-peptide linking' y METHIONINE      ?                               'C5 H11 N O2 S'  149.211 
NA  non-polymer         . 'SODIUM ION'    ?                               'Na 1'           22.990  
PHE 'L-peptide linking' y PHENYLALANINE   ?                               'C9 H11 N O2'    165.189 
PRO 'L-peptide linking' y PROLINE         ?                               'C5 H9 N O2'     115.130 
SER 'L-peptide linking' y SERINE          ?                               'C3 H7 N O3'     105.093 
SO4 non-polymer         . 'SULFATE ION'   ?                               'O4 S -2'        96.063  
THR 'L-peptide linking' y THREONINE       ?                               'C4 H9 N O3'     119.119 
TRP 'L-peptide linking' y TRYPTOPHAN      ?                               'C11 H12 N2 O2'  204.225 
TYR 'L-peptide linking' y TYROSINE        ?                               'C9 H11 N O3'    181.189 
VAL 'L-peptide linking' y VALINE          ?                               'C5 H11 N O2'    117.146 
# 
_exptl.entry_id          1NZA 
_exptl.method            'X-RAY DIFFRACTION' 
_exptl.crystals_number   1 
# 
_exptl_crystal.id                    1 
_exptl_crystal.density_meas          ? 
_exptl_crystal.density_Matthews      1.85 
_exptl_crystal.density_percent_sol   32.99 
_exptl_crystal.description           ? 
# 
_exptl_crystal_grow.crystal_id      1 
_exptl_crystal_grow.method          MICROBATCH 
_exptl_crystal_grow.temp            295 
_exptl_crystal_grow.temp_details    ? 
_exptl_crystal_grow.pH              6.6 
_exptl_crystal_grow.pdbx_details    'NA ACETATE 1.65M, MES 0.1M , pH 6.6, MICROBATCH, temperature 295K' 
_exptl_crystal_grow.pdbx_pH_range   . 
# 
_diffrn.id                     1 
_diffrn.ambient_temp           100 
_diffrn.ambient_temp_details   ? 
_diffrn.crystal_id             1 
# 
_diffrn_detector.diffrn_id              1 
_diffrn_detector.detector               CCD 
_diffrn_detector.type                   MARRESEARCH 
_diffrn_detector.pdbx_collection_date   2002-01-27 
_diffrn_detector.details                mirrors 
# 
_diffrn_radiation.diffrn_id                        1 
_diffrn_radiation.wavelength_id                    1 
_diffrn_radiation.pdbx_monochromatic_or_laue_m_l   M 
_diffrn_radiation.monochromator                    'FIXED EXIT DOUBLE CRYSTAL' 
_diffrn_radiation.pdbx_diffrn_protocol             'SINGLE WAVELENGTH' 
_diffrn_radiation.pdbx_scattering_type             x-ray 
# 
_diffrn_radiation_wavelength.id           1 
_diffrn_radiation_wavelength.wavelength   0.9 
_diffrn_radiation_wavelength.wt           1.0 
# 
_diffrn_source.diffrn_id                   1 
_diffrn_source.source                      SYNCHROTRON 
_diffrn_source.type                        'SPRING-8 BEAMLINE BL44B2' 
_diffrn_source.pdbx_synchrotron_site       SPring-8 
_diffrn_source.pdbx_synchrotron_beamline   BL44B2 
_diffrn_source.pdbx_wavelength             ? 
_diffrn_source.pdbx_wavelength_list        0.9 
# 
_reflns.entry_id                     1NZA 
_reflns.observed_criterion_sigma_F   0.0 
_reflns.observed_criterion_sigma_I   0.0 
_reflns.d_resolution_high            1.7 
_reflns.d_resolution_low             40.0 
_reflns.number_all                   230767 
_reflns.number_obs                   230757 
_reflns.percent_possible_obs         99.8 
_reflns.pdbx_Rmerge_I_obs            0.073 
_reflns.pdbx_Rsym_value              ? 
_reflns.pdbx_netI_over_sigmaI        51.26 
_reflns.B_iso_Wilson_estimate        19.8 
_reflns.pdbx_redundancy              21.7 
_reflns.R_free_details               ? 
_reflns.limit_h_max                  ? 
_reflns.limit_h_min                  ? 
_reflns.limit_k_max                  ? 
_reflns.limit_k_min                  ? 
_reflns.limit_l_max                  ? 
_reflns.limit_l_min                  ? 
_reflns.observed_criterion_F_max     ? 
_reflns.observed_criterion_F_min     ? 
_reflns.pdbx_ordinal                 1 
_reflns.pdbx_diffrn_id               1 
# 
_reflns_shell.d_res_high             1.70 
_reflns_shell.d_res_low              1.76 
_reflns_shell.percent_possible_all   100 
_reflns_shell.Rmerge_I_obs           0.479 
_reflns_shell.pdbx_Rsym_value        ? 
_reflns_shell.meanI_over_sigI_obs    7.9 
_reflns_shell.pdbx_redundancy        2.9 
_reflns_shell.percent_possible_obs   ? 
_reflns_shell.number_unique_all      1030 
_reflns_shell.pdbx_ordinal           1 
_reflns_shell.pdbx_diffrn_id         1 
# 
_refine.entry_id                                 1NZA 
_refine.ls_d_res_high                            1.7 
_refine.ls_d_res_low                             40.0 
_refine.pdbx_ls_sigma_F                          0 
_refine.pdbx_ls_sigma_I                          ? 
_refine.ls_number_reflns_all                     10616 
_refine.ls_number_reflns_obs                     10452 
_refine.ls_number_reflns_R_free                  544 
_refine.ls_percent_reflns_obs                    98.3 
_refine.ls_R_factor_all                          ? 
_refine.ls_R_factor_obs                          ? 
_refine.ls_R_factor_R_work                       0.229 
_refine.ls_R_factor_R_free                       0.246 
_refine.ls_redundancy_reflns_obs                 ? 
_refine.pdbx_data_cutoff_high_absF               ? 
_refine.pdbx_data_cutoff_low_absF                ? 
_refine.ls_number_parameters                     ? 
_refine.ls_number_restraints                     ? 
_refine.ls_percent_reflns_R_free                 ? 
_refine.ls_R_factor_R_free_error                 ? 
_refine.ls_R_factor_R_free_error_details         ? 
_refine.pdbx_method_to_determine_struct          'MOLECULAR REPLACEMENT' 
_refine.pdbx_starting_model                      1KR4 
_refine.pdbx_ls_cross_valid_method               THROUGHOUT 
_refine.pdbx_R_Free_selection_details            RANDOM 
_refine.pdbx_stereochem_target_val_spec_case     ? 
_refine.pdbx_stereochemistry_target_values       'Engh & Huber' 
_refine.solvent_model_details                    ? 
_refine.solvent_model_param_bsol                 ? 
_refine.solvent_model_param_ksol                 ? 
_refine.occupancy_max                            ? 
_refine.occupancy_min                            ? 
_refine.pdbx_isotropic_thermal_model             ? 
_refine.B_iso_mean                               27.7 
_refine.aniso_B[1][1]                            0.0 
_refine.aniso_B[1][2]                            0.0 
_refine.aniso_B[1][3]                            0.0 
_refine.aniso_B[2][2]                            0.0 
_refine.aniso_B[2][3]                            0.0 
_refine.aniso_B[3][3]                            0.0 
_refine.details                                  ? 
_refine.B_iso_min                                ? 
_refine.B_iso_max                                ? 
_refine.correlation_coeff_Fo_to_Fc               ? 
_refine.correlation_coeff_Fo_to_Fc_free          ? 
_refine.pdbx_solvent_vdw_probe_radii             ? 
_refine.pdbx_solvent_ion_probe_radii             ? 
_refine.pdbx_solvent_shrinkage_radii             ? 
_refine.overall_SU_R_Cruickshank_DPI             ? 
_refine.overall_SU_R_free                        ? 
_refine.overall_SU_B                             ? 
_refine.overall_SU_ML                            ? 
_refine.pdbx_overall_ESU_R                       ? 
_refine.pdbx_overall_ESU_R_Free                  ? 
_refine.pdbx_data_cutoff_high_rms_absF           ? 
_refine.pdbx_refine_id                           'X-RAY DIFFRACTION' 
_refine.pdbx_diffrn_id                           1 
_refine.pdbx_TLS_residual_ADP_flag               ? 
_refine.pdbx_overall_phase_error                 ? 
_refine.pdbx_overall_SU_R_free_Cruickshank_DPI   ? 
_refine.pdbx_overall_SU_R_Blow_DPI               ? 
_refine.pdbx_overall_SU_R_free_Blow_DPI          ? 
# 
_refine_analyze.entry_id                        1NZA 
_refine_analyze.Luzzati_coordinate_error_obs    0.23 
_refine_analyze.Luzzati_sigma_a_obs             0.20 
_refine_analyze.Luzzati_d_res_low_obs           5.00 
_refine_analyze.Luzzati_coordinate_error_free   0.27 
_refine_analyze.Luzzati_sigma_a_free            0.22 
_refine_analyze.Luzzati_d_res_low_free          ? 
_refine_analyze.number_disordered_residues      ? 
_refine_analyze.occupancy_sum_non_hydrogen      ? 
_refine_analyze.occupancy_sum_hydrogen          ? 
_refine_analyze.pdbx_Luzzati_d_res_high_obs     ? 
_refine_analyze.pdbx_refine_id                  'X-RAY DIFFRACTION' 
# 
_refine_hist.pdbx_refine_id                   'X-RAY DIFFRACTION' 
_refine_hist.cycle_id                         LAST 
_refine_hist.pdbx_number_atoms_protein        819 
_refine_hist.pdbx_number_atoms_nucleic_acid   0 
_refine_hist.pdbx_number_atoms_ligand         17 
_refine_hist.number_atoms_solvent             84 
_refine_hist.number_atoms_total               920 
_refine_hist.d_res_high                       1.7 
_refine_hist.d_res_low                        40.0 
# 
loop_
_refine_ls_restr.type 
_refine_ls_restr.dev_ideal 
_refine_ls_restr.dev_ideal_target 
_refine_ls_restr.weight 
_refine_ls_restr.number 
_refine_ls_restr.pdbx_refine_id 
_refine_ls_restr.pdbx_restraint_function 
c_angle_deg 1.3   ? ? ? 'X-RAY DIFFRACTION' ? 
c_bond_d    0.005 ? ? ? 'X-RAY DIFFRACTION' ? 
# 
_struct.entry_id                  1NZA 
_struct.title                     'Divalent cation tolerance protein (Cut A1) from thermus thermophilus HB8' 
_struct.pdbx_model_details        ? 
_struct.pdbx_CASP_flag            ? 
_struct.pdbx_model_type_details   ? 
# 
_struct_keywords.entry_id        1NZA 
_struct_keywords.pdbx_keywords   'structural genomics, unknown function' 
_struct_keywords.text            
'CutA, Cellular tolerance, Monomer, structural genomics, RIKEN Structural Genomics/Proteomics Initiative, RSGI, unknown function' 
# 
loop_
_struct_asym.id 
_struct_asym.pdbx_blank_PDB_chainid_flag 
_struct_asym.pdbx_modified 
_struct_asym.entity_id 
_struct_asym.details 
A N N 1 ? 
B N N 2 ? 
C N N 2 ? 
D N N 3 ? 
E N N 3 ? 
F N N 3 ? 
G N N 3 ? 
H N N 4 ? 
I N N 5 ? 
J N N 6 ? 
# 
_struct_biol.id                    1 
_struct_biol.pdbx_parent_biol_id   ? 
_struct_biol.details               ? 
# 
loop_
_struct_conf.conf_type_id 
_struct_conf.id 
_struct_conf.pdbx_PDB_helix_id 
_struct_conf.beg_label_comp_id 
_struct_conf.beg_label_asym_id 
_struct_conf.beg_label_seq_id 
_struct_conf.pdbx_beg_PDB_ins_code 
_struct_conf.end_label_comp_id 
_struct_conf.end_label_asym_id 
_struct_conf.end_label_seq_id 
_struct_conf.pdbx_end_PDB_ins_code 
_struct_conf.beg_auth_comp_id 
_struct_conf.beg_auth_asym_id 
_struct_conf.beg_auth_seq_id 
_struct_conf.end_auth_comp_id 
_struct_conf.end_auth_asym_id 
_struct_conf.end_auth_seq_id 
_struct_conf.pdbx_PDB_helix_class 
_struct_conf.details 
_struct_conf.pdbx_PDB_helix_length 
HELX_P HELX_P1 1 SER A 11 ? GLU A 25  ? SER A 11 GLU A 25  1 ? 15 
HELX_P HELX_P2 2 ALA A 63 ? HIS A 75  ? ALA A 63 HIS A 75  1 ? 13 
HELX_P HELX_P3 3 ASN A 91 ? ASN A 101 ? ASN A 91 ASN A 101 1 ? 11 
# 
_struct_conf_type.id          HELX_P 
_struct_conf_type.criteria    ? 
_struct_conf_type.reference   ? 
# 
loop_
_struct_conn.id 
_struct_conn.conn_type_id 
_struct_conn.pdbx_leaving_atom_flag 
_struct_conn.pdbx_PDB_id 
_struct_conn.ptnr1_label_asym_id 
_struct_conn.ptnr1_label_comp_id 
_struct_conn.ptnr1_label_seq_id 
_struct_conn.ptnr1_label_atom_id 
_struct_conn.pdbx_ptnr1_label_alt_id 
_struct_conn.pdbx_ptnr1_PDB_ins_code 
_struct_conn.pdbx_ptnr1_standard_comp_id 
_struct_conn.ptnr1_symmetry 
_struct_conn.ptnr2_label_asym_id 
_struct_conn.ptnr2_label_comp_id 
_struct_conn.ptnr2_label_seq_id 
_struct_conn.ptnr2_label_atom_id 
_struct_conn.pdbx_ptnr2_label_alt_id 
_struct_conn.pdbx_ptnr2_PDB_ins_code 
_struct_conn.ptnr1_auth_asym_id 
_struct_conn.ptnr1_auth_comp_id 
_struct_conn.ptnr1_auth_seq_id 
_struct_conn.ptnr2_auth_asym_id 
_struct_conn.ptnr2_auth_comp_id 
_struct_conn.ptnr2_auth_seq_id 
_struct_conn.ptnr2_symmetry 
_struct_conn.pdbx_ptnr3_label_atom_id 
_struct_conn.pdbx_ptnr3_label_seq_id 
_struct_conn.pdbx_ptnr3_label_comp_id 
_struct_conn.pdbx_ptnr3_label_asym_id 
_struct_conn.pdbx_ptnr3_label_alt_id 
_struct_conn.pdbx_ptnr3_PDB_ins_code 
_struct_conn.details 
_struct_conn.pdbx_dist_value 
_struct_conn.pdbx_value_order 
_struct_conn.pdbx_role 
metalc1  metalc ? ? A THR 8  OG1 ? ? ? 1_555 B NA  . NA ? ? A THR 8   A NA  104 1_555 ? ? ? ? ? ? ? 2.293 ? ? 
metalc2  metalc ? ? A ASP 50 OD1 ? ? ? 1_555 C NA  . NA ? ? A ASP 50  A NA  105 1_555 ? ? ? ? ? ? ? 2.220 ? ? 
metalc3  metalc ? ? A ASP 50 OD1 ? ? ? 3_656 C NA  . NA ? ? A ASP 50  A NA  105 1_555 ? ? ? ? ? ? ? 2.225 ? ? 
metalc4  metalc ? ? A GLU 52 OE1 ? ? ? 1_555 B NA  . NA ? ? A GLU 52  A NA  104 1_555 ? ? ? ? ? ? ? 2.424 ? ? 
metalc5  metalc ? ? A GLU 52 OE2 ? ? ? 1_555 B NA  . NA ? ? A GLU 52  A NA  104 1_555 ? ? ? ? ? ? ? 2.418 ? ? 
metalc6  metalc ? ? B NA  .  NA  ? ? ? 1_555 J HOH . O  ? ? A NA  104 A HOH 510 1_555 ? ? ? ? ? ? ? 2.404 ? ? 
metalc7  metalc ? ? B NA  .  NA  ? ? ? 1_555 J HOH . O  ? ? A NA  104 A HOH 520 1_555 ? ? ? ? ? ? ? 2.533 ? ? 
metalc8  metalc ? ? C NA  .  NA  ? ? ? 1_555 J HOH . O  ? ? A NA  105 A HOH 501 1_555 ? ? ? ? ? ? ? 2.360 ? ? 
metalc9  metalc ? ? C NA  .  NA  ? ? ? 1_555 J HOH . O  ? ? A NA  105 A HOH 501 3_656 ? ? ? ? ? ? ? 2.381 ? ? 
metalc10 metalc ? ? C NA  .  NA  ? ? ? 1_555 J HOH . O  ? ? A NA  105 A HOH 502 1_555 ? ? ? ? ? ? ? 2.397 ? ? 
metalc11 metalc ? ? C NA  .  NA  ? ? ? 1_555 J HOH . O  ? ? A NA  105 A HOH 502 3_656 ? ? ? ? ? ? ? 2.421 ? ? 
# 
_struct_conn_type.id          metalc 
_struct_conn_type.criteria    ? 
_struct_conn_type.reference   ? 
# 
_struct_sheet.id               A 
_struct_sheet.type             ? 
_struct_sheet.number_strands   4 
_struct_sheet.details          ? 
# 
loop_
_struct_sheet_order.sheet_id 
_struct_sheet_order.range_id_1 
_struct_sheet_order.range_id_2 
_struct_sheet_order.offset 
_struct_sheet_order.sense 
A 1 2 ? anti-parallel 
A 2 3 ? anti-parallel 
A 3 4 ? anti-parallel 
# 
loop_
_struct_sheet_range.sheet_id 
_struct_sheet_range.id 
_struct_sheet_range.beg_label_comp_id 
_struct_sheet_range.beg_label_asym_id 
_struct_sheet_range.beg_label_seq_id 
_struct_sheet_range.pdbx_beg_PDB_ins_code 
_struct_sheet_range.end_label_comp_id 
_struct_sheet_range.end_label_asym_id 
_struct_sheet_range.end_label_seq_id 
_struct_sheet_range.pdbx_end_PDB_ins_code 
_struct_sheet_range.beg_auth_comp_id 
_struct_sheet_range.beg_auth_asym_id 
_struct_sheet_range.beg_auth_seq_id 
_struct_sheet_range.end_auth_comp_id 
_struct_sheet_range.end_auth_asym_id 
_struct_sheet_range.end_auth_seq_id 
A 1 CYS A 30 ? ARG A 42 ? CYS A 30 ARG A 42 
A 2 VAL A 47 ? THR A 60 ? VAL A 47 THR A 60 
A 3 GLU A 2  ? VAL A 9  ? GLU A 2  VAL A 9  
A 4 ILE A 82 ? PRO A 86 ? ILE A 82 PRO A 86 
# 
loop_
_pdbx_struct_sheet_hbond.sheet_id 
_pdbx_struct_sheet_hbond.range_id_1 
_pdbx_struct_sheet_hbond.range_id_2 
_pdbx_struct_sheet_hbond.range_1_label_atom_id 
_pdbx_struct_sheet_hbond.range_1_label_comp_id 
_pdbx_struct_sheet_hbond.range_1_label_asym_id 
_pdbx_struct_sheet_hbond.range_1_label_seq_id 
_pdbx_struct_sheet_hbond.range_1_PDB_ins_code 
_pdbx_struct_sheet_hbond.range_1_auth_atom_id 
_pdbx_struct_sheet_hbond.range_1_auth_comp_id 
_pdbx_struct_sheet_hbond.range_1_auth_asym_id 
_pdbx_struct_sheet_hbond.range_1_auth_seq_id 
_pdbx_struct_sheet_hbond.range_2_label_atom_id 
_pdbx_struct_sheet_hbond.range_2_label_comp_id 
_pdbx_struct_sheet_hbond.range_2_label_asym_id 
_pdbx_struct_sheet_hbond.range_2_label_seq_id 
_pdbx_struct_sheet_hbond.range_2_PDB_ins_code 
_pdbx_struct_sheet_hbond.range_2_auth_atom_id 
_pdbx_struct_sheet_hbond.range_2_auth_comp_id 
_pdbx_struct_sheet_hbond.range_2_auth_asym_id 
_pdbx_struct_sheet_hbond.range_2_auth_seq_id 
A 1 2 N SER A 39 ? N SER A 39 O ASP A 50 ? O ASP A 50 
A 2 3 O LEU A 55 ? O LEU A 55 N ILE A 7  ? N ILE A 7  
A 3 4 N LEU A 6  ? N LEU A 6  O VAL A 83 ? O VAL A 83 
# 
loop_
_struct_site.id 
_struct_site.pdbx_evidence_code 
_struct_site.pdbx_auth_asym_id 
_struct_site.pdbx_auth_comp_id 
_struct_site.pdbx_auth_seq_id 
_struct_site.pdbx_auth_ins_code 
_struct_site.pdbx_num_residues 
_struct_site.details 
AC1 Software A NA  104 ? 5 'BINDING SITE FOR RESIDUE NA A 104'  
AC2 Software A NA  105 ? 6 'BINDING SITE FOR RESIDUE NA A 105'  
AC3 Software A CL  108 ? 2 'BINDING SITE FOR RESIDUE CL A 108'  
AC4 Software A CL  109 ? 1 'BINDING SITE FOR RESIDUE CL A 109'  
AC5 Software A CL  110 ? 3 'BINDING SITE FOR RESIDUE CL A 110'  
AC6 Software A CL  111 ? 2 'BINDING SITE FOR RESIDUE CL A 111'  
AC7 Software A SO4 200 ? 5 'BINDING SITE FOR RESIDUE SO4 A 200' 
AC8 Software A GOL 500 ? 9 'BINDING SITE FOR RESIDUE GOL A 500' 
# 
loop_
_struct_site_gen.id 
_struct_site_gen.site_id 
_struct_site_gen.pdbx_num_res 
_struct_site_gen.label_comp_id 
_struct_site_gen.label_asym_id 
_struct_site_gen.label_seq_id 
_struct_site_gen.pdbx_auth_ins_code 
_struct_site_gen.auth_comp_id 
_struct_site_gen.auth_asym_id 
_struct_site_gen.auth_seq_id 
_struct_site_gen.label_atom_id 
_struct_site_gen.label_alt_id 
_struct_site_gen.symmetry 
_struct_site_gen.details 
1  AC1 5 THR A 8  ? THR A 8   . ? 1_555  ? 
2  AC1 5 GLU A 52 ? GLU A 52  . ? 1_555  ? 
3  AC1 5 CL  E .  ? CL  A 109 . ? 1_555  ? 
4  AC1 5 HOH J .  ? HOH A 510 . ? 1_555  ? 
5  AC1 5 HOH J .  ? HOH A 520 . ? 1_555  ? 
6  AC2 6 ASP A 50 ? ASP A 50  . ? 3_656  ? 
7  AC2 6 ASP A 50 ? ASP A 50  . ? 1_555  ? 
8  AC2 6 HOH J .  ? HOH A 501 . ? 1_555  ? 
9  AC2 6 HOH J .  ? HOH A 501 . ? 3_656  ? 
10 AC2 6 HOH J .  ? HOH A 502 . ? 3_656  ? 
11 AC2 6 HOH J .  ? HOH A 502 . ? 1_555  ? 
12 AC3 2 GLY A 36 ? GLY A 36  . ? 1_555  ? 
13 AC3 2 HOH J .  ? HOH A 509 . ? 1_555  ? 
14 AC4 1 NA  B .  ? NA  A 104 . ? 1_555  ? 
15 AC5 3 GLU A 12 ? GLU A 12  . ? 3_656  ? 
16 AC5 3 GOL I .  ? GOL A 500 . ? 1_555  ? 
17 AC5 3 HOH J .  ? HOH A 517 . ? 1_555  ? 
18 AC6 2 GLN A 44 ? GLN A 44  . ? 1_555  ? 
19 AC6 2 TRP A 97 ? TRP A 97  . ? 11_566 ? 
20 AC7 5 MET A 1  ? MET A 1   . ? 1_555  ? 
21 AC7 5 GLU A 2  ? GLU A 2   . ? 1_555  ? 
22 AC7 5 GLU A 25 ? GLU A 25  . ? 22_655 ? 
23 AC7 5 ARG A 70 ? ARG A 70  . ? 22_655 ? 
24 AC7 5 HOH J .  ? HOH A 521 . ? 1_555  ? 
25 AC8 9 GLY A 36 ? GLY A 36  . ? 1_555  ? 
26 AC8 9 LEU A 37 ? LEU A 37  . ? 1_555  ? 
27 AC8 9 THR A 38 ? THR A 38  . ? 1_555  ? 
28 AC8 9 GLN A 51 ? GLN A 51  . ? 1_555  ? 
29 AC8 9 GLN A 51 ? GLN A 51  . ? 3_656  ? 
30 AC8 9 CL  F .  ? CL  A 110 . ? 1_555  ? 
31 AC8 9 HOH J .  ? HOH A 509 . ? 1_555  ? 
32 AC8 9 HOH J .  ? HOH A 561 . ? 1_555  ? 
33 AC8 9 HOH J .  ? HOH A 580 . ? 1_555  ? 
# 
_atom_sites.entry_id                    1NZA 
_atom_sites.fract_transf_matrix[1][1]   0.01188150 
_atom_sites.fract_transf_matrix[1][2]   0.00159742 
_atom_sites.fract_transf_matrix[1][3]   0.00119683 
_atom_sites.fract_transf_matrix[2][1]   0.00166188 
_atom_sites.fract_transf_matrix[2][2]   -0.00391562 
_atom_sites.fract_transf_matrix[2][3]   -0.01127211 
_atom_sites.fract_transf_matrix[3][1]   -0.00110558 
_atom_sites.fract_transf_matrix[3][2]   0.01128142 
_atom_sites.fract_transf_matrix[3][3]   -0.00408185 
_atom_sites.fract_transf_vector[1]      0.563895 
_atom_sites.fract_transf_vector[2]      0.747295 
_atom_sites.fract_transf_vector[3]      0.297859 
# 
loop_
_atom_type.symbol 
C  
CL 
N  
NA 
O  
S  
# 
loop_
_atom_site.group_PDB 
_atom_site.id 
_atom_site.type_symbol 
_atom_site.label_atom_id 
_atom_site.label_alt_id 
_atom_site.label_comp_id 
_atom_site.label_asym_id 
_atom_site.label_entity_id 
_atom_site.label_seq_id 
_atom_site.pdbx_PDB_ins_code 
_atom_site.Cartn_x 
_atom_site.Cartn_y 
_atom_site.Cartn_z 
_atom_site.occupancy 
_atom_site.B_iso_or_equiv 
_atom_site.pdbx_formal_charge 
_atom_site.auth_seq_id 
_atom_site.auth_comp_id 
_atom_site.auth_asym_id 
_atom_site.auth_atom_id 
_atom_site.pdbx_PDB_model_num 
ATOM   1   N  N   . MET A 1 1   ? 11.897  -10.752 3.320   1.00 32.99 ? 1   MET A N   1 
ATOM   2   C  CA  . MET A 1 1   ? 10.647  -11.329 2.747   1.00 31.59 ? 1   MET A CA  1 
ATOM   3   C  C   . MET A 1 1   ? 9.424   -10.513 3.160   1.00 28.89 ? 1   MET A C   1 
ATOM   4   O  O   . MET A 1 1   ? 8.485   -10.356 2.376   1.00 26.79 ? 1   MET A O   1 
ATOM   5   C  CB  . MET A 1 1   ? 10.493  -12.782 3.191   1.00 35.68 ? 1   MET A CB  1 
ATOM   6   C  CG  . MET A 1 1   ? 9.191   -13.438 2.769   1.00 39.61 ? 1   MET A CG  1 
ATOM   7   S  SD  . MET A 1 1   ? 8.136   -13.738 4.197   1.00 45.85 ? 1   MET A SD  1 
ATOM   8   C  CE  . MET A 1 1   ? 9.251   -14.749 5.172   1.00 44.08 ? 1   MET A CE  1 
ATOM   9   N  N   . GLU A 1 2   ? 9.427   -10.005 4.390   1.00 25.09 ? 2   GLU A N   1 
ATOM   10  C  CA  . GLU A 1 2   ? 8.311   -9.176  4.842   1.00 23.43 ? 2   GLU A CA  1 
ATOM   11  C  C   . GLU A 1 2   ? 8.605   -7.793  4.284   1.00 21.48 ? 2   GLU A C   1 
ATOM   12  O  O   . GLU A 1 2   ? 9.765   -7.412  4.151   1.00 19.20 ? 2   GLU A O   1 
ATOM   13  C  CB  . GLU A 1 2   ? 8.234   -9.115  6.368   1.00 23.78 ? 2   GLU A CB  1 
ATOM   14  C  CG  . GLU A 1 2   ? 8.061   -10.457 7.053   1.00 28.37 ? 2   GLU A CG  1 
ATOM   15  C  CD  . GLU A 1 2   ? 9.386   -11.110 7.389   1.00 31.73 ? 2   GLU A CD  1 
ATOM   16  O  OE1 . GLU A 1 2   ? 9.387   -12.110 8.135   1.00 33.28 ? 2   GLU A OE1 1 
ATOM   17  O  OE2 . GLU A 1 2   ? 10.429  -10.624 6.907   1.00 34.31 ? 2   GLU A OE2 1 
ATOM   18  N  N   . GLU A 1 3   ? 7.560   -7.043  3.964   1.00 19.55 ? 3   GLU A N   1 
ATOM   19  C  CA  . GLU A 1 3   ? 7.742   -5.720  3.376   1.00 20.01 ? 3   GLU A CA  1 
ATOM   20  C  C   . GLU A 1 3   ? 6.714   -4.715  3.855   1.00 18.74 ? 3   GLU A C   1 
ATOM   21  O  O   . GLU A 1 3   ? 5.630   -5.090  4.303   1.00 19.29 ? 3   GLU A O   1 
ATOM   22  C  CB  . GLU A 1 3   ? 7.606   -5.803  1.855   1.00 20.75 ? 3   GLU A CB  1 
ATOM   23  C  CG  . GLU A 1 3   ? 8.682   -6.579  1.128   1.00 24.27 ? 3   GLU A CG  1 
ATOM   24  C  CD  . GLU A 1 3   ? 8.346   -6.779  -0.343  1.00 25.11 ? 3   GLU A CD  1 
ATOM   25  O  OE1 . GLU A 1 3   ? 9.278   -6.757  -1.173  1.00 24.99 ? 3   GLU A OE1 1 
ATOM   26  O  OE2 . GLU A 1 3   ? 7.154   -6.970  -0.668  1.00 26.01 ? 3   GLU A OE2 1 
ATOM   27  N  N   . VAL A 1 4   ? 7.079   -3.437  3.772   1.00 15.94 ? 4   VAL A N   1 
ATOM   28  C  CA  . VAL A 1 4   ? 6.161   -2.348  4.098   1.00 14.91 ? 4   VAL A CA  1 
ATOM   29  C  C   . VAL A 1 4   ? 5.957   -1.689  2.735   1.00 13.69 ? 4   VAL A C   1 
ATOM   30  O  O   . VAL A 1 4   ? 6.893   -1.118  2.163   1.00 15.68 ? 4   VAL A O   1 
ATOM   31  C  CB  . VAL A 1 4   ? 6.768   -1.310  5.061   1.00 13.37 ? 4   VAL A CB  1 
ATOM   32  C  CG1 . VAL A 1 4   ? 5.824   -0.109  5.175   1.00 15.07 ? 4   VAL A CG1 1 
ATOM   33  C  CG2 . VAL A 1 4   ? 6.977   -1.927  6.442   1.00 15.34 ? 4   VAL A CG2 1 
ATOM   34  N  N   . VAL A 1 5   ? 4.746   -1.801  2.202   1.00 13.61 ? 5   VAL A N   1 
ATOM   35  C  CA  . VAL A 1 5   ? 4.432   -1.236  0.896   1.00 14.43 ? 5   VAL A CA  1 
ATOM   36  C  C   . VAL A 1 5   ? 3.760   0.116   1.010   1.00 16.22 ? 5   VAL A C   1 
ATOM   37  O  O   . VAL A 1 5   ? 2.818   0.282   1.786   1.00 17.22 ? 5   VAL A O   1 
ATOM   38  C  CB  . VAL A 1 5   ? 3.524   -2.200  0.102   1.00 15.61 ? 5   VAL A CB  1 
ATOM   39  C  CG1 . VAL A 1 5   ? 3.012   -1.538  -1.157  1.00 13.56 ? 5   VAL A CG1 1 
ATOM   40  C  CG2 . VAL A 1 5   ? 4.305   -3.454  -0.252  1.00 17.66 ? 5   VAL A CG2 1 
ATOM   41  N  N   . LEU A 1 6   ? 4.262   1.088   0.249   1.00 15.44 ? 6   LEU A N   1 
ATOM   42  C  CA  . LEU A 1 6   ? 3.692   2.432   0.251   1.00 14.53 ? 6   LEU A CA  1 
ATOM   43  C  C   . LEU A 1 6   ? 2.798   2.593   -0.972  1.00 15.64 ? 6   LEU A C   1 
ATOM   44  O  O   . LEU A 1 6   ? 3.164   2.185   -2.077  1.00 15.57 ? 6   LEU A O   1 
ATOM   45  C  CB  . LEU A 1 6   ? 4.793   3.496   0.193   1.00 14.77 ? 6   LEU A CB  1 
ATOM   46  C  CG  . LEU A 1 6   ? 5.916   3.442   1.232   1.00 18.65 ? 6   LEU A CG  1 
ATOM   47  C  CD1 . LEU A 1 6   ? 6.777   4.697   1.122   1.00 17.24 ? 6   LEU A CD1 1 
ATOM   48  C  CD2 . LEU A 1 6   ? 5.335   3.329   2.609   1.00 18.83 ? 6   LEU A CD2 1 
ATOM   49  N  N   . ILE A 1 7   ? 1.633   3.198   -0.769  1.00 13.23 ? 7   ILE A N   1 
ATOM   50  C  CA  . ILE A 1 7   ? 0.680   3.442   -1.847  1.00 14.50 ? 7   ILE A CA  1 
ATOM   51  C  C   . ILE A 1 7   ? 0.018   4.772   -1.523  1.00 14.22 ? 7   ILE A C   1 
ATOM   52  O  O   . ILE A 1 7   ? -0.353  5.004   -0.376  1.00 16.91 ? 7   ILE A O   1 
ATOM   53  C  CB  . ILE A 1 7   ? -0.448  2.378   -1.880  1.00 14.85 ? 7   ILE A CB  1 
ATOM   54  C  CG1 . ILE A 1 7   ? 0.139   0.974   -2.045  1.00 13.68 ? 7   ILE A CG1 1 
ATOM   55  C  CG2 . ILE A 1 7   ? -1.408  2.670   -3.040  1.00 15.64 ? 7   ILE A CG2 1 
ATOM   56  C  CD1 . ILE A 1 7   ? -0.876  -0.127  -1.830  1.00 14.28 ? 7   ILE A CD1 1 
ATOM   57  N  N   . THR A 1 8   ? -0.106  5.659   -2.499  1.00 14.26 ? 8   THR A N   1 
ATOM   58  C  CA  . THR A 1 8   ? -0.803  6.907   -2.224  1.00 13.92 ? 8   THR A CA  1 
ATOM   59  C  C   . THR A 1 8   ? -2.103  6.847   -3.012  1.00 16.79 ? 8   THR A C   1 
ATOM   60  O  O   . THR A 1 8   ? -2.161  6.221   -4.075  1.00 16.32 ? 8   THR A O   1 
ATOM   61  C  CB  . THR A 1 8   ? 0.020   8.140   -2.619  1.00 17.11 ? 8   THR A CB  1 
ATOM   62  O  OG1 . THR A 1 8   ? 0.577   7.949   -3.921  1.00 16.17 ? 8   THR A OG1 1 
ATOM   63  C  CG2 . THR A 1 8   ? 1.142   8.370   -1.610  1.00 17.21 ? 8   THR A CG2 1 
ATOM   64  N  N   . VAL A 1 9   ? -3.144  7.473   -2.467  1.00 14.06 ? 9   VAL A N   1 
ATOM   65  C  CA  . VAL A 1 9   ? -4.467  7.489   -3.082  1.00 15.10 ? 9   VAL A CA  1 
ATOM   66  C  C   . VAL A 1 9   ? -5.044  8.909   -3.024  1.00 16.93 ? 9   VAL A C   1 
ATOM   67  O  O   . VAL A 1 9   ? -4.628  9.727   -2.206  1.00 14.34 ? 9   VAL A O   1 
ATOM   68  C  CB  . VAL A 1 9   ? -5.408  6.487   -2.367  1.00 15.51 ? 9   VAL A CB  1 
ATOM   69  C  CG1 . VAL A 1 9   ? -4.820  5.075   -2.446  1.00 16.75 ? 9   VAL A CG1 1 
ATOM   70  C  CG2 . VAL A 1 9   ? -5.581  6.881   -0.907  1.00 19.15 ? 9   VAL A CG2 1 
ATOM   71  N  N   . PRO A 1 10  ? -6.016  9.216   -3.896  1.00 16.22 ? 10  PRO A N   1 
ATOM   72  C  CA  . PRO A 1 10  ? -6.640  10.540  -3.960  1.00 16.09 ? 10  PRO A CA  1 
ATOM   73  C  C   . PRO A 1 10  ? -7.708  10.901  -2.936  1.00 14.99 ? 10  PRO A C   1 
ATOM   74  O  O   . PRO A 1 10  ? -8.020  12.083  -2.771  1.00 15.30 ? 10  PRO A O   1 
ATOM   75  C  CB  . PRO A 1 10  ? -7.196  10.572  -5.379  1.00 18.57 ? 10  PRO A CB  1 
ATOM   76  C  CG  . PRO A 1 10  ? -7.643  9.167   -5.564  1.00 20.01 ? 10  PRO A CG  1 
ATOM   77  C  CD  . PRO A 1 10  ? -6.482  8.367   -5.011  1.00 19.38 ? 10  PRO A CD  1 
ATOM   78  N  N   . SER A 1 11  ? -8.269  9.907   -2.255  1.00 16.19 ? 11  SER A N   1 
ATOM   79  C  CA  . SER A 1 11  ? -9.333  10.174  -1.288  1.00 17.59 ? 11  SER A CA  1 
ATOM   80  C  C   . SER A 1 11  ? -9.416  9.140   -0.180  1.00 18.23 ? 11  SER A C   1 
ATOM   81  O  O   . SER A 1 11  ? -8.895  8.035   -0.304  1.00 15.94 ? 11  SER A O   1 
ATOM   82  C  CB  . SER A 1 11  ? -10.684 10.218  -2.006  1.00 18.65 ? 11  SER A CB  1 
ATOM   83  O  OG  . SER A 1 11  ? -10.995 8.947   -2.559  1.00 21.95 ? 11  SER A OG  1 
ATOM   84  N  N   . GLU A 1 12  ? -10.091 9.511   0.904   1.00 19.58 ? 12  GLU A N   1 
ATOM   85  C  CA  . GLU A 1 12  ? -10.276 8.623   2.043   1.00 21.19 ? 12  GLU A CA  1 
ATOM   86  C  C   . GLU A 1 12  ? -11.076 7.400   1.600   1.00 21.33 ? 12  GLU A C   1 
ATOM   87  O  O   . GLU A 1 12  ? -10.843 6.283   2.068   1.00 20.89 ? 12  GLU A O   1 
ATOM   88  C  CB  . GLU A 1 12  ? -11.029 9.346   3.159   1.00 24.84 ? 12  GLU A CB  1 
ATOM   89  C  CG  . GLU A 1 12  ? -11.269 8.485   4.385   1.00 29.58 ? 12  GLU A CG  1 
ATOM   90  C  CD  . GLU A 1 12  ? -12.198 9.143   5.384   1.00 33.32 ? 12  GLU A CD  1 
ATOM   91  O  OE1 . GLU A 1 12  ? -11.962 10.316  5.739   1.00 35.05 ? 12  GLU A OE1 1 
ATOM   92  O  OE2 . GLU A 1 12  ? -13.163 8.482   5.821   1.00 37.02 ? 12  GLU A OE2 1 
ATOM   93  N  N   . GLU A 1 13  ? -12.023 7.628   0.695   1.00 21.08 ? 13  GLU A N   1 
ATOM   94  C  CA  . GLU A 1 13  ? -12.869 6.571   0.154   1.00 23.20 ? 13  GLU A CA  1 
ATOM   95  C  C   . GLU A 1 13  ? -12.029 5.450   -0.444  1.00 22.07 ? 13  GLU A C   1 
ATOM   96  O  O   . GLU A 1 13  ? -12.196 4.281   -0.089  1.00 21.51 ? 13  GLU A O   1 
ATOM   97  C  CB  . GLU A 1 13  ? -13.793 7.145   -0.930  1.00 27.46 ? 13  GLU A CB  1 
ATOM   98  C  CG  . GLU A 1 13  ? -14.595 6.104   -1.711  1.00 34.72 ? 13  GLU A CG  1 
ATOM   99  C  CD  . GLU A 1 13  ? -15.611 5.371   -0.854  1.00 37.70 ? 13  GLU A CD  1 
ATOM   100 O  OE1 . GLU A 1 13  ? -16.489 6.038   -0.263  1.00 40.64 ? 13  GLU A OE1 1 
ATOM   101 O  OE2 . GLU A 1 13  ? -15.536 4.126   -0.771  1.00 39.63 ? 13  GLU A OE2 1 
ATOM   102 N  N   . VAL A 1 14  ? -11.138 5.810   -1.364  1.00 20.21 ? 14  VAL A N   1 
ATOM   103 C  CA  . VAL A 1 14  ? -10.270 4.829   -2.009  1.00 20.40 ? 14  VAL A CA  1 
ATOM   104 C  C   . VAL A 1 14  ? -9.314  4.227   -0.988  1.00 18.21 ? 14  VAL A C   1 
ATOM   105 O  O   . VAL A 1 14  ? -9.049  3.025   -0.995  1.00 17.04 ? 14  VAL A O   1 
ATOM   106 C  CB  . VAL A 1 14  ? -9.446  5.473   -3.152  1.00 23.12 ? 14  VAL A CB  1 
ATOM   107 C  CG1 . VAL A 1 14  ? -8.372  4.505   -3.636  1.00 26.78 ? 14  VAL A CG1 1 
ATOM   108 C  CG2 . VAL A 1 14  ? -10.367 5.846   -4.304  1.00 27.38 ? 14  VAL A CG2 1 
ATOM   109 N  N   . ALA A 1 15  ? -8.793  5.071   -0.103  1.00 16.58 ? 15  ALA A N   1 
ATOM   110 C  CA  . ALA A 1 15  ? -7.874  4.602   0.919   1.00 16.05 ? 15  ALA A CA  1 
ATOM   111 C  C   . ALA A 1 15  ? -8.487  3.446   1.706   1.00 15.17 ? 15  ALA A C   1 
ATOM   112 O  O   . ALA A 1 15  ? -7.885  2.385   1.840   1.00 16.04 ? 15  ALA A O   1 
ATOM   113 C  CB  . ALA A 1 15  ? -7.510  5.753   1.858   1.00 13.65 ? 15  ALA A CB  1 
ATOM   114 N  N   . ARG A 1 16  ? -9.695  3.649   2.219   1.00 16.72 ? 16  ARG A N   1 
ATOM   115 C  CA  . ARG A 1 16  ? -10.372 2.621   3.000   1.00 16.09 ? 16  ARG A CA  1 
ATOM   116 C  C   . ARG A 1 16  ? -10.740 1.382   2.189   1.00 18.05 ? 16  ARG A C   1 
ATOM   117 O  O   . ARG A 1 16  ? -10.589 0.255   2.666   1.00 18.75 ? 16  ARG A O   1 
ATOM   118 C  CB  . ARG A 1 16  ? -11.625 3.213   3.653   1.00 16.14 ? 16  ARG A CB  1 
ATOM   119 C  CG  . ARG A 1 16  ? -11.309 4.284   4.681   1.00 17.29 ? 16  ARG A CG  1 
ATOM   120 C  CD  . ARG A 1 16  ? -12.577 4.792   5.342   1.00 20.71 ? 16  ARG A CD  1 
ATOM   121 N  NE  . ARG A 1 16  ? -13.242 3.738   6.110   1.00 23.41 ? 16  ARG A NE  1 
ATOM   122 C  CZ  . ARG A 1 16  ? -12.827 3.297   7.292   1.00 24.35 ? 16  ARG A CZ  1 
ATOM   123 N  NH1 . ARG A 1 16  ? -13.495 2.329   7.910   1.00 25.70 ? 16  ARG A NH1 1 
ATOM   124 N  NH2 . ARG A 1 16  ? -11.755 3.828   7.868   1.00 24.58 ? 16  ARG A NH2 1 
ATOM   125 N  N   . THR A 1 17  ? -11.226 1.594   0.969   1.00 17.60 ? 17  THR A N   1 
ATOM   126 C  CA  . THR A 1 17  ? -11.601 0.484   0.097   1.00 20.44 ? 17  THR A CA  1 
ATOM   127 C  C   . THR A 1 17  ? -10.388 -0.411  -0.159  1.00 20.73 ? 17  THR A C   1 
ATOM   128 O  O   . THR A 1 17  ? -10.468 -1.640  -0.043  1.00 21.79 ? 17  THR A O   1 
ATOM   129 C  CB  . THR A 1 17  ? -12.127 0.996   -1.251  1.00 21.39 ? 17  THR A CB  1 
ATOM   130 O  OG1 . THR A 1 17  ? -13.269 1.832   -1.028  1.00 22.60 ? 17  THR A OG1 1 
ATOM   131 C  CG2 . THR A 1 17  ? -12.516 -0.169  -2.153  1.00 22.88 ? 17  THR A CG2 1 
ATOM   132 N  N   . ILE A 1 18  ? -9.260  0.203   -0.506  1.00 20.20 ? 18  ILE A N   1 
ATOM   133 C  CA  . ILE A 1 18  ? -8.050  -0.575  -0.759  1.00 18.88 ? 18  ILE A CA  1 
ATOM   134 C  C   . ILE A 1 18  ? -7.520  -1.233  0.512   1.00 18.61 ? 18  ILE A C   1 
ATOM   135 O  O   . ILE A 1 18  ? -7.134  -2.406  0.502   1.00 16.84 ? 18  ILE A O   1 
ATOM   136 C  CB  . ILE A 1 18  ? -6.957  0.302   -1.408  1.00 17.08 ? 18  ILE A CB  1 
ATOM   137 C  CG1 . ILE A 1 18  ? -7.349  0.613   -2.853  1.00 21.02 ? 18  ILE A CG1 1 
ATOM   138 C  CG2 . ILE A 1 18  ? -5.608  -0.402  -1.369  1.00 18.79 ? 18  ILE A CG2 1 
ATOM   139 C  CD1 . ILE A 1 18  ? -6.409  1.575   -3.549  1.00 20.58 ? 18  ILE A CD1 1 
ATOM   140 N  N   . ALA A 1 19  ? -7.509  -0.494  1.617   1.00 18.80 ? 19  ALA A N   1 
ATOM   141 C  CA  . ALA A 1 19  ? -7.026  -1.065  2.870   1.00 19.56 ? 19  ALA A CA  1 
ATOM   142 C  C   . ALA A 1 19  ? -7.861  -2.279  3.261   1.00 21.11 ? 19  ALA A C   1 
ATOM   143 O  O   . ALA A 1 19  ? -7.321  -3.327  3.614   1.00 21.03 ? 19  ALA A O   1 
ATOM   144 C  CB  . ALA A 1 19  ? -7.073  -0.017  3.986   1.00 18.17 ? 19  ALA A CB  1 
ATOM   145 N  N   . LYS A 1 20  ? -9.183  -2.143  3.187   1.00 20.38 ? 20  LYS A N   1 
ATOM   146 C  CA  . LYS A 1 20  ? -10.062 -3.245  3.555   1.00 22.76 ? 20  LYS A CA  1 
ATOM   147 C  C   . LYS A 1 20  ? -9.922  -4.426  2.607   1.00 22.58 ? 20  LYS A C   1 
ATOM   148 O  O   . LYS A 1 20  ? -9.839  -5.575  3.043   1.00 24.80 ? 20  LYS A O   1 
ATOM   149 C  CB  . LYS A 1 20  ? -11.519 -2.776  3.595   1.00 24.32 ? 20  LYS A CB  1 
ATOM   150 C  CG  . LYS A 1 20  ? -11.817 -1.812  4.728   1.00 28.48 ? 20  LYS A CG  1 
ATOM   151 C  CD  . LYS A 1 20  ? -13.314 -1.633  4.928   1.00 32.95 ? 20  LYS A CD  1 
ATOM   152 C  CE  . LYS A 1 20  ? -13.985 -1.037  3.703   1.00 35.95 ? 20  LYS A CE  1 
ATOM   153 N  NZ  . LYS A 1 20  ? -15.441 -0.830  3.936   1.00 36.92 ? 20  LYS A NZ  1 
ATOM   154 N  N   . ALA A 1 21  ? -9.889  -4.145  1.311   1.00 23.54 ? 21  ALA A N   1 
ATOM   155 C  CA  . ALA A 1 21  ? -9.764  -5.200  0.312   1.00 23.62 ? 21  ALA A CA  1 
ATOM   156 C  C   . ALA A 1 21  ? -8.486  -6.016  0.509   1.00 24.66 ? 21  ALA A C   1 
ATOM   157 O  O   . ALA A 1 21  ? -8.518  -7.244  0.469   1.00 24.94 ? 21  ALA A O   1 
ATOM   158 C  CB  . ALA A 1 21  ? -9.795  -4.600  -1.081  1.00 23.95 ? 21  ALA A CB  1 
ATOM   159 N  N   . LEU A 1 22  ? -7.364  -5.341  0.737   1.00 22.99 ? 22  LEU A N   1 
ATOM   160 C  CA  . LEU A 1 22  ? -6.102  -6.048  0.932   1.00 22.95 ? 22  LEU A CA  1 
ATOM   161 C  C   . LEU A 1 22  ? -6.094  -6.920  2.189   1.00 24.06 ? 22  LEU A C   1 
ATOM   162 O  O   . LEU A 1 22  ? -5.626  -8.063  2.158   1.00 25.73 ? 22  LEU A O   1 
ATOM   163 C  CB  . LEU A 1 22  ? -4.942  -5.046  0.970   1.00 21.26 ? 22  LEU A CB  1 
ATOM   164 C  CG  . LEU A 1 22  ? -4.730  -4.330  -0.363  1.00 20.51 ? 22  LEU A CG  1 
ATOM   165 C  CD1 . LEU A 1 22  ? -3.627  -3.297  -0.243  1.00 20.47 ? 22  LEU A CD1 1 
ATOM   166 C  CD2 . LEU A 1 22  ? -4.389  -5.365  -1.432  1.00 22.54 ? 22  LEU A CD2 1 
ATOM   167 N  N   . VAL A 1 23  ? -6.617  -6.399  3.294   1.00 23.10 ? 23  VAL A N   1 
ATOM   168 C  CA  . VAL A 1 23  ? -6.640  -7.176  4.523   1.00 25.40 ? 23  VAL A CA  1 
ATOM   169 C  C   . VAL A 1 23  ? -7.668  -8.308  4.445   1.00 27.65 ? 23  VAL A C   1 
ATOM   170 O  O   . VAL A 1 23  ? -7.387  -9.437  4.856   1.00 27.72 ? 23  VAL A O   1 
ATOM   171 C  CB  . VAL A 1 23  ? -6.942  -6.286  5.749   1.00 24.91 ? 23  VAL A CB  1 
ATOM   172 C  CG1 . VAL A 1 23  ? -6.927  -7.122  7.019   1.00 24.73 ? 23  VAL A CG1 1 
ATOM   173 C  CG2 . VAL A 1 23  ? -5.898  -5.173  5.845   1.00 23.49 ? 23  VAL A CG2 1 
ATOM   174 N  N   . GLU A 1 24  ? -8.851  -8.012  3.915   1.00 30.07 ? 24  GLU A N   1 
ATOM   175 C  CA  . GLU A 1 24  ? -9.895  -9.030  3.788   1.00 32.37 ? 24  GLU A CA  1 
ATOM   176 C  C   . GLU A 1 24  ? -9.377  -10.211 2.971   1.00 32.01 ? 24  GLU A C   1 
ATOM   177 O  O   . GLU A 1 24  ? -9.562  -11.370 3.342   1.00 32.07 ? 24  GLU A O   1 
ATOM   178 C  CB  . GLU A 1 24  ? -11.136 -8.465  3.081   1.00 34.52 ? 24  GLU A CB  1 
ATOM   179 C  CG  . GLU A 1 24  ? -11.843 -7.324  3.790   1.00 38.52 ? 24  GLU A CG  1 
ATOM   180 C  CD  . GLU A 1 24  ? -13.076 -6.848  3.033   1.00 42.38 ? 24  GLU A CD  1 
ATOM   181 O  OE1 . GLU A 1 24  ? -12.994 -6.673  1.794   1.00 43.92 ? 24  GLU A OE1 1 
ATOM   182 O  OE2 . GLU A 1 24  ? -14.129 -6.641  3.677   1.00 44.08 ? 24  GLU A OE2 1 
ATOM   183 N  N   . GLU A 1 25  ? -8.727  -9.897  1.856   1.00 31.52 ? 25  GLU A N   1 
ATOM   184 C  CA  . GLU A 1 25  ? -8.203  -10.908 0.946   1.00 30.71 ? 25  GLU A CA  1 
ATOM   185 C  C   . GLU A 1 25  ? -6.861  -11.500 1.351   1.00 31.52 ? 25  GLU A C   1 
ATOM   186 O  O   . GLU A 1 25  ? -6.198  -12.159 0.547   1.00 31.56 ? 25  GLU A O   1 
ATOM   187 C  CB  . GLU A 1 25  ? -8.113  -10.317 -0.459  1.00 31.67 ? 25  GLU A CB  1 
ATOM   188 C  CG  . GLU A 1 25  ? -9.476  -10.011 -1.060  1.00 34.20 ? 25  GLU A CG  1 
ATOM   189 C  CD  . GLU A 1 25  ? -9.389  -9.279  -2.383  1.00 36.85 ? 25  GLU A CD  1 
ATOM   190 O  OE1 . GLU A 1 25  ? -8.579  -9.688  -3.242  1.00 36.32 ? 25  GLU A OE1 1 
ATOM   191 O  OE2 . GLU A 1 25  ? -10.142 -8.298  -2.568  1.00 36.99 ? 25  GLU A OE2 1 
ATOM   192 N  N   . ARG A 1 26  ? -6.473  -11.272 2.599   1.00 30.22 ? 26  ARG A N   1 
ATOM   193 C  CA  . ARG A 1 26  ? -5.217  -11.783 3.138   1.00 30.99 ? 26  ARG A CA  1 
ATOM   194 C  C   . ARG A 1 26  ? -3.992  -11.467 2.283   1.00 29.46 ? 26  ARG A C   1 
ATOM   195 O  O   . ARG A 1 26  ? -3.072  -12.280 2.177   1.00 30.85 ? 26  ARG A O   1 
ATOM   196 C  CB  . ARG A 1 26  ? -5.309  -13.298 3.362   1.00 32.69 ? 26  ARG A CB  1 
ATOM   197 C  CG  . ARG A 1 26  ? -6.476  -13.736 4.237   1.00 35.84 ? 26  ARG A CG  1 
ATOM   198 C  CD  . ARG A 1 26  ? -6.373  -15.216 4.591   1.00 38.90 ? 26  ARG A CD  1 
ATOM   199 N  NE  . ARG A 1 26  ? -5.467  -15.451 5.713   1.00 41.72 ? 26  ARG A NE  1 
ATOM   200 C  CZ  . ARG A 1 26  ? -5.831  -15.394 6.991   1.00 43.08 ? 26  ARG A CZ  1 
ATOM   201 N  NH1 . ARG A 1 26  ? -7.088  -15.115 7.315   1.00 43.82 ? 26  ARG A NH1 1 
ATOM   202 N  NH2 . ARG A 1 26  ? -4.938  -15.608 7.949   1.00 44.68 ? 26  ARG A NH2 1 
ATOM   203 N  N   . LEU A 1 27  ? -3.980  -10.290 1.666   1.00 26.73 ? 27  LEU A N   1 
ATOM   204 C  CA  . LEU A 1 27  ? -2.838  -9.882  0.857   1.00 25.14 ? 27  LEU A CA  1 
ATOM   205 C  C   . LEU A 1 27  ? -1.973  -8.960  1.705   1.00 24.93 ? 27  LEU A C   1 
ATOM   206 O  O   . LEU A 1 27  ? -0.902  -8.515  1.284   1.00 24.91 ? 27  LEU A O   1 
ATOM   207 C  CB  . LEU A 1 27  ? -3.301  -9.163  -0.411  1.00 25.06 ? 27  LEU A CB  1 
ATOM   208 C  CG  . LEU A 1 27  ? -4.046  -10.039 -1.424  1.00 26.27 ? 27  LEU A CG  1 
ATOM   209 C  CD1 . LEU A 1 27  ? -4.442  -9.203  -2.621  1.00 28.06 ? 27  LEU A CD1 1 
ATOM   210 C  CD2 . LEU A 1 27  ? -3.157  -11.206 -1.848  1.00 27.31 ? 27  LEU A CD2 1 
ATOM   211 N  N   . ALA A 1 28  ? -2.458  -8.685  2.910   1.00 23.62 ? 28  ALA A N   1 
ATOM   212 C  CA  . ALA A 1 28  ? -1.763  -7.834  3.865   1.00 21.94 ? 28  ALA A CA  1 
ATOM   213 C  C   . ALA A 1 28  ? -2.384  -8.135  5.224   1.00 22.45 ? 28  ALA A C   1 
ATOM   214 O  O   . ALA A 1 28  ? -3.565  -8.477  5.304   1.00 23.77 ? 28  ALA A O   1 
ATOM   215 C  CB  . ALA A 1 28  ? -1.949  -6.367  3.502   1.00 22.17 ? 28  ALA A CB  1 
ATOM   216 N  N   . ALA A 1 29  ? -1.592  -8.025  6.285   1.00 20.30 ? 29  ALA A N   1 
ATOM   217 C  CA  . ALA A 1 29  ? -2.083  -8.303  7.627   1.00 20.27 ? 29  ALA A CA  1 
ATOM   218 C  C   . ALA A 1 29  ? -2.531  -7.016  8.298   1.00 21.79 ? 29  ALA A C   1 
ATOM   219 O  O   . ALA A 1 29  ? -3.408  -7.019  9.163   1.00 20.93 ? 29  ALA A O   1 
ATOM   220 C  CB  . ALA A 1 29  ? -0.991  -8.949  8.459   1.00 22.94 ? 29  ALA A CB  1 
ATOM   221 N  N   . CYS A 1 30  ? -1.918  -5.914  7.887   1.00 20.65 ? 30  CYS A N   1 
ATOM   222 C  CA  . CYS A 1 30  ? -2.233  -4.616  8.468   1.00 20.54 ? 30  CYS A CA  1 
ATOM   223 C  C   . CYS A 1 30  ? -2.028  -3.508  7.455   1.00 18.34 ? 30  CYS A C   1 
ATOM   224 O  O   . CYS A 1 30  ? -1.158  -3.601  6.588   1.00 17.64 ? 30  CYS A O   1 
ATOM   225 C  CB  . CYS A 1 30  ? -1.326  -4.377  9.673   1.00 21.09 ? 30  CYS A CB  1 
ATOM   226 S  SG  . CYS A 1 30  ? -1.513  -2.762  10.463  1.00 28.13 ? 30  CYS A SG  1 
ATOM   227 N  N   . VAL A 1 31  ? -2.839  -2.461  7.555   1.00 15.00 ? 31  VAL A N   1 
ATOM   228 C  CA  . VAL A 1 31  ? -2.697  -1.316  6.665   1.00 15.26 ? 31  VAL A CA  1 
ATOM   229 C  C   . VAL A 1 31  ? -2.927  -0.050  7.478   1.00 15.13 ? 31  VAL A C   1 
ATOM   230 O  O   . VAL A 1 31  ? -3.937  0.062   8.176   1.00 15.44 ? 31  VAL A O   1 
ATOM   231 C  CB  . VAL A 1 31  ? -3.721  -1.342  5.512   1.00 16.55 ? 31  VAL A CB  1 
ATOM   232 C  CG1 . VAL A 1 31  ? -3.597  -0.074  4.687   1.00 15.62 ? 31  VAL A CG1 1 
ATOM   233 C  CG2 . VAL A 1 31  ? -3.489  -2.560  4.626   1.00 18.09 ? 31  VAL A CG2 1 
ATOM   234 N  N   . ASN A 1 32  ? -1.983  0.888   7.405   1.00 14.67 ? 32  ASN A N   1 
ATOM   235 C  CA  . ASN A 1 32  ? -2.110  2.159   8.121   1.00 15.44 ? 32  ASN A CA  1 
ATOM   236 C  C   . ASN A 1 32  ? -2.435  3.234   7.094   1.00 14.89 ? 32  ASN A C   1 
ATOM   237 O  O   . ASN A 1 32  ? -1.798  3.297   6.045   1.00 15.03 ? 32  ASN A O   1 
ATOM   238 C  CB  . ASN A 1 32  ? -0.796  2.570   8.796   1.00 17.04 ? 32  ASN A CB  1 
ATOM   239 C  CG  . ASN A 1 32  ? -0.265  1.530   9.751   1.00 21.40 ? 32  ASN A CG  1 
ATOM   240 O  OD1 . ASN A 1 32  ? 0.916   1.187   9.702   1.00 25.65 ? 32  ASN A OD1 1 
ATOM   241 N  ND2 . ASN A 1 32  ? -1.122  1.034   10.637  1.00 20.43 ? 32  ASN A ND2 1 
ATOM   242 N  N   . ILE A 1 33  ? -3.413  4.083   7.403   1.00 12.48 ? 33  ILE A N   1 
ATOM   243 C  CA  . ILE A 1 33  ? -3.782  5.174   6.509   1.00 13.80 ? 33  ILE A CA  1 
ATOM   244 C  C   . ILE A 1 33  ? -3.360  6.488   7.147   1.00 11.63 ? 33  ILE A C   1 
ATOM   245 O  O   . ILE A 1 33  ? -3.783  6.803   8.263   1.00 13.78 ? 33  ILE A O   1 
ATOM   246 C  CB  . ILE A 1 33  ? -5.304  5.217   6.268   1.00 12.98 ? 33  ILE A CB  1 
ATOM   247 C  CG1 . ILE A 1 33  ? -5.762  3.898   5.634   1.00 14.42 ? 33  ILE A CG1 1 
ATOM   248 C  CG2 . ILE A 1 33  ? -5.664  6.431   5.384   1.00 13.76 ? 33  ILE A CG2 1 
ATOM   249 C  CD1 . ILE A 1 33  ? -7.275  3.789   5.473   1.00 16.34 ? 33  ILE A CD1 1 
ATOM   250 N  N   . VAL A 1 34  ? -2.511  7.239   6.447   1.00 8.86  ? 34  VAL A N   1 
ATOM   251 C  CA  . VAL A 1 34  ? -2.045  8.539   6.934   1.00 12.18 ? 34  VAL A CA  1 
ATOM   252 C  C   . VAL A 1 34  ? -2.697  9.605   6.054   1.00 12.30 ? 34  VAL A C   1 
ATOM   253 O  O   . VAL A 1 34  ? -2.405  9.713   4.873   1.00 10.90 ? 34  VAL A O   1 
ATOM   254 C  CB  . VAL A 1 34  ? -0.521  8.653   6.825   1.00 13.68 ? 34  VAL A CB  1 
ATOM   255 C  CG1 . VAL A 1 34  ? -0.065  9.997   7.380   1.00 14.65 ? 34  VAL A CG1 1 
ATOM   256 C  CG2 . VAL A 1 34  ? 0.144   7.500   7.567   1.00 16.42 ? 34  VAL A CG2 1 
ATOM   257 N  N   . PRO A 1 35  ? -3.600  10.411  6.625   1.00 13.72 ? 35  PRO A N   1 
ATOM   258 C  CA  . PRO A 1 35  ? -4.257  11.441  5.813   1.00 16.14 ? 35  PRO A CA  1 
ATOM   259 C  C   . PRO A 1 35  ? -3.496  12.759  5.691   1.00 15.21 ? 35  PRO A C   1 
ATOM   260 O  O   . PRO A 1 35  ? -2.447  12.950  6.303   1.00 14.51 ? 35  PRO A O   1 
ATOM   261 C  CB  . PRO A 1 35  ? -5.586  11.624  6.532   1.00 18.30 ? 35  PRO A CB  1 
ATOM   262 C  CG  . PRO A 1 35  ? -5.168  11.510  7.970   1.00 17.78 ? 35  PRO A CG  1 
ATOM   263 C  CD  . PRO A 1 35  ? -4.210  10.321  7.964   1.00 18.22 ? 35  PRO A CD  1 
ATOM   264 N  N   . GLY A 1 36  ? -4.035  13.659  4.869   1.00 15.89 ? 36  GLY A N   1 
ATOM   265 C  CA  . GLY A 1 36  ? -3.457  14.983  4.716   1.00 14.30 ? 36  GLY A CA  1 
ATOM   266 C  C   . GLY A 1 36  ? -2.169  15.245  3.957   1.00 14.11 ? 36  GLY A C   1 
ATOM   267 O  O   . GLY A 1 36  ? -1.507  16.252  4.208   1.00 16.21 ? 36  GLY A O   1 
ATOM   268 N  N   . LEU A 1 37  ? -1.814  14.382  3.013   1.00 12.01 ? 37  LEU A N   1 
ATOM   269 C  CA  . LEU A 1 37  ? -0.585  14.595  2.260   1.00 12.53 ? 37  LEU A CA  1 
ATOM   270 C  C   . LEU A 1 37  ? -0.740  15.575  1.109   1.00 13.63 ? 37  LEU A C   1 
ATOM   271 O  O   . LEU A 1 37  ? -1.823  15.738  0.559   1.00 12.24 ? 37  LEU A O   1 
ATOM   272 C  CB  . LEU A 1 37  ? -0.084  13.287  1.658   1.00 13.78 ? 37  LEU A CB  1 
ATOM   273 C  CG  . LEU A 1 37  ? 0.868   12.389  2.435   1.00 16.24 ? 37  LEU A CG  1 
ATOM   274 C  CD1 . LEU A 1 37  ? 0.168   11.829  3.654   1.00 15.82 ? 37  LEU A CD1 1 
ATOM   275 C  CD2 . LEU A 1 37  ? 1.335   11.264  1.511   1.00 16.43 ? 37  LEU A CD2 1 
ATOM   276 N  N   . THR A 1 38  ? 0.365   16.229  0.765   1.00 13.75 ? 38  THR A N   1 
ATOM   277 C  CA  . THR A 1 38  ? 0.427   17.125  -0.384  1.00 16.18 ? 38  THR A CA  1 
ATOM   278 C  C   . THR A 1 38  ? 1.444   16.409  -1.254  1.00 16.42 ? 38  THR A C   1 
ATOM   279 O  O   . THR A 1 38  ? 2.531   16.084  -0.783  1.00 18.24 ? 38  THR A O   1 
ATOM   280 C  CB  . THR A 1 38  ? 1.007   18.505  -0.033  1.00 16.79 ? 38  THR A CB  1 
ATOM   281 O  OG1 . THR A 1 38  ? 0.064   19.230  0.765   1.00 19.92 ? 38  THR A OG1 1 
ATOM   282 C  CG2 . THR A 1 38  ? 1.303   19.296  -1.298  1.00 20.75 ? 38  THR A CG2 1 
ATOM   283 N  N   . SER A 1 39  ? 1.102   16.136  -2.504  1.00 16.39 ? 39  SER A N   1 
ATOM   284 C  CA  . SER A 1 39  ? 2.048   15.452  -3.371  1.00 15.62 ? 39  SER A CA  1 
ATOM   285 C  C   . SER A 1 39  ? 2.443   16.342  -4.538  1.00 17.66 ? 39  SER A C   1 
ATOM   286 O  O   . SER A 1 39  ? 1.596   16.957  -5.188  1.00 17.05 ? 39  SER A O   1 
ATOM   287 C  CB  . SER A 1 39  ? 1.450   14.140  -3.868  1.00 17.66 ? 39  SER A CB  1 
ATOM   288 O  OG  . SER A 1 39  ? 1.145   13.296  -2.766  1.00 19.99 ? 39  SER A OG  1 
ATOM   289 N  N   . ILE A 1 40  ? 3.746   16.418  -4.783  1.00 17.69 ? 40  ILE A N   1 
ATOM   290 C  CA  . ILE A 1 40  ? 4.276   17.238  -5.863  1.00 20.57 ? 40  ILE A CA  1 
ATOM   291 C  C   . ILE A 1 40  ? 5.094   16.316  -6.761  1.00 21.40 ? 40  ILE A C   1 
ATOM   292 O  O   . ILE A 1 40  ? 6.087   15.733  -6.324  1.00 22.21 ? 40  ILE A O   1 
ATOM   293 C  CB  . ILE A 1 40  ? 5.154   18.380  -5.293  1.00 20.41 ? 40  ILE A CB  1 
ATOM   294 C  CG1 . ILE A 1 40  ? 4.302   19.263  -4.367  1.00 21.82 ? 40  ILE A CG1 1 
ATOM   295 C  CG2 . ILE A 1 40  ? 5.729   19.221  -6.420  1.00 19.71 ? 40  ILE A CG2 1 
ATOM   296 C  CD1 . ILE A 1 40  ? 5.063   20.385  -3.692  1.00 24.32 ? 40  ILE A CD1 1 
ATOM   297 N  N   . TYR A 1 41  ? 4.660   16.167  -8.009  1.00 22.70 ? 41  TYR A N   1 
ATOM   298 C  CA  . TYR A 1 41  ? 5.357   15.288  -8.938  1.00 24.11 ? 41  TYR A CA  1 
ATOM   299 C  C   . TYR A 1 41  ? 5.439   15.824  -10.357 1.00 25.63 ? 41  TYR A C   1 
ATOM   300 O  O   . TYR A 1 41  ? 4.777   16.795  -10.712 1.00 25.00 ? 41  TYR A O   1 
ATOM   301 C  CB  . TYR A 1 41  ? 4.694   13.907  -8.954  1.00 23.18 ? 41  TYR A CB  1 
ATOM   302 C  CG  . TYR A 1 41  ? 3.198   13.924  -9.160  1.00 23.81 ? 41  TYR A CG  1 
ATOM   303 C  CD1 . TYR A 1 41  ? 2.330   14.285  -8.123  1.00 24.35 ? 41  TYR A CD1 1 
ATOM   304 C  CD2 . TYR A 1 41  ? 2.643   13.569  -10.388 1.00 24.70 ? 41  TYR A CD2 1 
ATOM   305 C  CE1 . TYR A 1 41  ? 0.948   14.288  -8.307  1.00 24.35 ? 41  TYR A CE1 1 
ATOM   306 C  CE2 . TYR A 1 41  ? 1.265   13.567  -10.586 1.00 25.79 ? 41  TYR A CE2 1 
ATOM   307 C  CZ  . TYR A 1 41  ? 0.422   13.928  -9.541  1.00 26.14 ? 41  TYR A CZ  1 
ATOM   308 O  OH  . TYR A 1 41  ? -0.940  13.926  -9.734  1.00 27.00 ? 41  TYR A OH  1 
ATOM   309 N  N   . ARG A 1 42  ? 6.263   15.179  -11.172 1.00 27.99 ? 42  ARG A N   1 
ATOM   310 C  CA  . ARG A 1 42  ? 6.421   15.602  -12.554 1.00 30.83 ? 42  ARG A CA  1 
ATOM   311 C  C   . ARG A 1 42  ? 5.451   14.881  -13.475 1.00 32.70 ? 42  ARG A C   1 
ATOM   312 O  O   . ARG A 1 42  ? 5.246   13.672  -13.366 1.00 33.00 ? 42  ARG A O   1 
ATOM   313 C  CB  . ARG A 1 42  ? 7.853   15.351  -13.024 1.00 30.87 ? 42  ARG A CB  1 
ATOM   314 C  CG  . ARG A 1 42  ? 8.073   15.650  -14.492 1.00 31.96 ? 42  ARG A CG  1 
ATOM   315 C  CD  . ARG A 1 42  ? 9.547   15.648  -14.823 1.00 33.45 ? 42  ARG A CD  1 
ATOM   316 N  NE  . ARG A 1 42  ? 10.246  16.732  -14.139 1.00 34.21 ? 42  ARG A NE  1 
ATOM   317 C  CZ  . ARG A 1 42  ? 10.034  18.023  -14.371 1.00 35.26 ? 42  ARG A CZ  1 
ATOM   318 N  NH1 . ARG A 1 42  ? 9.141   18.401  -15.276 1.00 37.25 ? 42  ARG A NH1 1 
ATOM   319 N  NH2 . ARG A 1 42  ? 10.712  18.940  -13.694 1.00 35.59 ? 42  ARG A NH2 1 
ATOM   320 N  N   . TRP A 1 43  ? 4.854   15.640  -14.384 1.00 36.03 ? 43  TRP A N   1 
ATOM   321 C  CA  . TRP A 1 43  ? 3.909   15.091  -15.341 1.00 40.18 ? 43  TRP A CA  1 
ATOM   322 C  C   . TRP A 1 43  ? 3.957   15.942  -16.606 1.00 41.57 ? 43  TRP A C   1 
ATOM   323 O  O   . TRP A 1 43  ? 3.567   17.111  -16.598 1.00 41.49 ? 43  TRP A O   1 
ATOM   324 C  CB  . TRP A 1 43  ? 2.501   15.096  -14.747 1.00 41.52 ? 43  TRP A CB  1 
ATOM   325 C  CG  . TRP A 1 43  ? 1.548   14.198  -15.463 1.00 44.01 ? 43  TRP A CG  1 
ATOM   326 C  CD1 . TRP A 1 43  ? 1.725   12.873  -15.741 1.00 44.44 ? 43  TRP A CD1 1 
ATOM   327 C  CD2 . TRP A 1 43  ? 0.250   14.543  -15.960 1.00 45.01 ? 43  TRP A CD2 1 
ATOM   328 N  NE1 . TRP A 1 43  ? 0.616   12.370  -16.381 1.00 45.96 ? 43  TRP A NE1 1 
ATOM   329 C  CE2 . TRP A 1 43  ? -0.306  13.375  -16.528 1.00 45.54 ? 43  TRP A CE2 1 
ATOM   330 C  CE3 . TRP A 1 43  ? -0.500  15.728  -15.980 1.00 46.07 ? 43  TRP A CE3 1 
ATOM   331 C  CZ2 . TRP A 1 43  ? -1.578  13.353  -17.110 1.00 46.20 ? 43  TRP A CZ2 1 
ATOM   332 C  CZ3 . TRP A 1 43  ? -1.767  15.707  -16.560 1.00 46.71 ? 43  TRP A CZ3 1 
ATOM   333 C  CH2 . TRP A 1 43  ? -2.291  14.525  -17.117 1.00 46.43 ? 43  TRP A CH2 1 
ATOM   334 N  N   . GLN A 1 44  ? 4.459   15.354  -17.688 1.00 44.30 ? 44  GLN A N   1 
ATOM   335 C  CA  . GLN A 1 44  ? 4.568   16.059  -18.959 1.00 45.23 ? 44  GLN A CA  1 
ATOM   336 C  C   . GLN A 1 44  ? 5.502   17.256  -18.810 1.00 45.76 ? 44  GLN A C   1 
ATOM   337 O  O   . GLN A 1 44  ? 5.160   18.372  -19.208 1.00 46.58 ? 44  GLN A O   1 
ATOM   338 C  CB  . GLN A 1 44  ? 3.190   16.541  -19.415 1.00 46.79 ? 44  GLN A CB  1 
ATOM   339 C  CG  . GLN A 1 44  ? 2.114   15.467  -19.395 1.00 49.37 ? 44  GLN A CG  1 
ATOM   340 C  CD  . GLN A 1 44  ? 2.376   14.348  -20.385 1.00 51.37 ? 44  GLN A CD  1 
ATOM   341 O  OE1 . GLN A 1 44  ? 1.619   13.378  -20.455 1.00 52.70 ? 44  GLN A OE1 1 
ATOM   342 N  NE2 . GLN A 1 44  ? 3.449   14.478  -21.158 1.00 52.77 ? 44  GLN A NE2 1 
ATOM   343 N  N   . GLY A 1 45  ? 6.677   17.022  -18.234 1.00 45.07 ? 45  GLY A N   1 
ATOM   344 C  CA  . GLY A 1 45  ? 7.627   18.104  -18.046 1.00 45.76 ? 45  GLY A CA  1 
ATOM   345 C  C   . GLY A 1 45  ? 6.988   19.278  -17.329 1.00 45.42 ? 45  GLY A C   1 
ATOM   346 O  O   . GLY A 1 45  ? 7.313   20.438  -17.589 1.00 45.62 ? 45  GLY A O   1 
ATOM   347 N  N   . GLU A 1 46  ? 6.069   18.967  -16.421 1.00 44.80 ? 46  GLU A N   1 
ATOM   348 C  CA  . GLU A 1 46  ? 5.360   19.980  -15.653 1.00 43.43 ? 46  GLU A CA  1 
ATOM   349 C  C   . GLU A 1 46  ? 5.212   19.498  -14.213 1.00 40.66 ? 46  GLU A C   1 
ATOM   350 O  O   . GLU A 1 46  ? 4.775   18.374  -13.974 1.00 41.86 ? 46  GLU A O   1 
ATOM   351 C  CB  . GLU A 1 46  ? 3.977   20.213  -16.265 1.00 45.75 ? 46  GLU A CB  1 
ATOM   352 C  CG  . GLU A 1 46  ? 3.183   21.339  -15.634 1.00 48.28 ? 46  GLU A CG  1 
ATOM   353 C  CD  . GLU A 1 46  ? 1.782   21.448  -16.211 1.00 50.48 ? 46  GLU A CD  1 
ATOM   354 O  OE1 . GLU A 1 46  ? 1.654   21.550  -17.452 1.00 51.46 ? 46  GLU A OE1 1 
ATOM   355 O  OE2 . GLU A 1 46  ? 0.810   21.435  -15.427 1.00 51.48 ? 46  GLU A OE2 1 
ATOM   356 N  N   . VAL A 1 47  ? 5.585   20.345  -13.260 1.00 37.82 ? 47  VAL A N   1 
ATOM   357 C  CA  . VAL A 1 47  ? 5.482   20.000  -11.845 1.00 34.04 ? 47  VAL A CA  1 
ATOM   358 C  C   . VAL A 1 47  ? 4.054   20.272  -11.370 1.00 32.95 ? 47  VAL A C   1 
ATOM   359 O  O   . VAL A 1 47  ? 3.629   21.429  -11.310 1.00 32.97 ? 47  VAL A O   1 
ATOM   360 C  CB  . VAL A 1 47  ? 6.471   20.837  -11.003 1.00 34.22 ? 47  VAL A CB  1 
ATOM   361 C  CG1 . VAL A 1 47  ? 6.384   20.438  -9.541  1.00 32.47 ? 47  VAL A CG1 1 
ATOM   362 C  CG2 . VAL A 1 47  ? 7.887   20.642  -11.520 1.00 32.97 ? 47  VAL A CG2 1 
ATOM   363 N  N   . VAL A 1 48  ? 3.317   19.209  -11.043 1.00 29.16 ? 48  VAL A N   1 
ATOM   364 C  CA  . VAL A 1 48  ? 1.933   19.342  -10.588 1.00 26.10 ? 48  VAL A CA  1 
ATOM   365 C  C   . VAL A 1 48  ? 1.757   18.965  -9.120  1.00 25.03 ? 48  VAL A C   1 
ATOM   366 O  O   . VAL A 1 48  ? 2.645   18.373  -8.509  1.00 24.22 ? 48  VAL A O   1 
ATOM   367 C  CB  . VAL A 1 48  ? 0.980   18.478  -11.435 1.00 26.16 ? 48  VAL A CB  1 
ATOM   368 C  CG1 . VAL A 1 48  ? 1.042   18.923  -12.887 1.00 26.57 ? 48  VAL A CG1 1 
ATOM   369 C  CG2 . VAL A 1 48  ? 1.351   17.011  -11.307 1.00 27.21 ? 48  VAL A CG2 1 
ATOM   370 N  N   . GLU A 1 49  ? 0.594   19.295  -8.569  1.00 23.20 ? 49  GLU A N   1 
ATOM   371 C  CA  . GLU A 1 49  ? 0.313   19.025  -7.164  1.00 21.91 ? 49  GLU A CA  1 
ATOM   372 C  C   . GLU A 1 49  ? -1.001  18.283  -6.975  1.00 20.00 ? 49  GLU A C   1 
ATOM   373 O  O   . GLU A 1 49  ? -1.916  18.407  -7.786  1.00 19.65 ? 49  GLU A O   1 
ATOM   374 C  CB  . GLU A 1 49  ? 0.273   20.352  -6.409  1.00 23.57 ? 49  GLU A CB  1 
ATOM   375 C  CG  . GLU A 1 49  ? 0.207   20.234  -4.908  1.00 29.25 ? 49  GLU A CG  1 
ATOM   376 C  CD  . GLU A 1 49  ? 0.427   21.570  -4.239  1.00 30.97 ? 49  GLU A CD  1 
ATOM   377 O  OE1 . GLU A 1 49  ? 1.357   22.291  -4.661  1.00 34.48 ? 49  GLU A OE1 1 
ATOM   378 O  OE2 . GLU A 1 49  ? -0.317  21.896  -3.294  1.00 32.74 ? 49  GLU A OE2 1 
ATOM   379 N  N   . ASP A 1 50  ? -1.099  17.514  -5.895  1.00 17.27 ? 50  ASP A N   1 
ATOM   380 C  CA  . ASP A 1 50  ? -2.313  16.769  -5.621  1.00 15.64 ? 50  ASP A CA  1 
ATOM   381 C  C   . ASP A 1 50  ? -2.471  16.566  -4.116  1.00 15.91 ? 50  ASP A C   1 
ATOM   382 O  O   . ASP A 1 50  ? -1.512  16.713  -3.367  1.00 16.22 ? 50  ASP A O   1 
ATOM   383 C  CB  . ASP A 1 50  ? -2.250  15.414  -6.334  1.00 16.20 ? 50  ASP A CB  1 
ATOM   384 C  CG  . ASP A 1 50  ? -3.582  14.731  -6.395  1.00 16.68 ? 50  ASP A CG  1 
ATOM   385 O  OD1 . ASP A 1 50  ? -4.584  15.415  -6.125  1.00 15.98 ? 50  ASP A OD1 1 
ATOM   386 O  OD2 . ASP A 1 50  ? -3.645  13.529  -6.725  1.00 16.96 ? 50  ASP A OD2 1 
ATOM   387 N  N   . GLN A 1 51  ? -3.690  16.275  -3.680  1.00 14.84 ? 51  GLN A N   1 
ATOM   388 C  CA  . GLN A 1 51  ? -3.959  16.015  -2.267  1.00 13.42 ? 51  GLN A CA  1 
ATOM   389 C  C   . GLN A 1 51  ? -4.136  14.508  -2.177  1.00 13.52 ? 51  GLN A C   1 
ATOM   390 O  O   . GLN A 1 51  ? -4.918  13.932  -2.930  1.00 15.41 ? 51  GLN A O   1 
ATOM   391 C  CB  . GLN A 1 51  ? -5.240  16.701  -1.820  1.00 14.81 ? 51  GLN A CB  1 
ATOM   392 C  CG  . GLN A 1 51  ? -5.212  18.185  -1.967  1.00 11.99 ? 51  GLN A CG  1 
ATOM   393 C  CD  . GLN A 1 51  ? -6.489  18.808  -1.468  1.00 14.24 ? 51  GLN A CD  1 
ATOM   394 O  OE1 . GLN A 1 51  ? -6.783  18.766  -0.271  1.00 15.89 ? 51  GLN A OE1 1 
ATOM   395 N  NE2 . GLN A 1 51  ? -7.267  19.375  -2.379  1.00 16.33 ? 51  GLN A NE2 1 
ATOM   396 N  N   . GLU A 1 52  ? -3.422  13.870  -1.255  1.00 12.69 ? 52  GLU A N   1 
ATOM   397 C  CA  . GLU A 1 52  ? -3.490  12.416  -1.143  1.00 13.49 ? 52  GLU A CA  1 
ATOM   398 C  C   . GLU A 1 52  ? -3.429  11.897  0.280   1.00 11.87 ? 52  GLU A C   1 
ATOM   399 O  O   . GLU A 1 52  ? -3.281  12.657  1.230   1.00 13.57 ? 52  GLU A O   1 
ATOM   400 C  CB  . GLU A 1 52  ? -2.324  11.774  -1.898  1.00 14.64 ? 52  GLU A CB  1 
ATOM   401 C  CG  . GLU A 1 52  ? -2.230  12.107  -3.381  1.00 13.93 ? 52  GLU A CG  1 
ATOM   402 C  CD  . GLU A 1 52  ? -1.184  11.263  -4.071  1.00 18.96 ? 52  GLU A CD  1 
ATOM   403 O  OE1 . GLU A 1 52  ? -0.006  11.323  -3.661  1.00 19.57 ? 52  GLU A OE1 1 
ATOM   404 O  OE2 . GLU A 1 52  ? -1.547  10.526  -5.008  1.00 23.21 ? 52  GLU A OE2 1 
ATOM   405 N  N   . LEU A 1 53  ? -3.557  10.579  0.391   1.00 12.84 ? 53  LEU A N   1 
ATOM   406 C  CA  . LEU A 1 53  ? -3.452  9.872   1.654   1.00 11.08 ? 53  LEU A CA  1 
ATOM   407 C  C   . LEU A 1 53  ? -2.445  8.776   1.384   1.00 12.91 ? 53  LEU A C   1 
ATOM   408 O  O   . LEU A 1 53  ? -2.341  8.281   0.256   1.00 12.85 ? 53  LEU A O   1 
ATOM   409 C  CB  . LEU A 1 53  ? -4.778  9.253   2.079   1.00 11.53 ? 53  LEU A CB  1 
ATOM   410 C  CG  . LEU A 1 53  ? -5.871  10.238  2.485   1.00 14.09 ? 53  LEU A CG  1 
ATOM   411 C  CD1 . LEU A 1 53  ? -6.662  10.679  1.272   1.00 13.91 ? 53  LEU A CD1 1 
ATOM   412 C  CD2 . LEU A 1 53  ? -6.774  9.565   3.497   1.00 12.92 ? 53  LEU A CD2 1 
ATOM   413 N  N   . LEU A 1 54  ? -1.700  8.405   2.416   1.00 10.79 ? 54  LEU A N   1 
ATOM   414 C  CA  . LEU A 1 54  ? -0.679  7.380   2.283   1.00 13.01 ? 54  LEU A CA  1 
ATOM   415 C  C   . LEU A 1 54  ? -1.119  6.094   2.943   1.00 12.37 ? 54  LEU A C   1 
ATOM   416 O  O   . LEU A 1 54  ? -1.660  6.112   4.040   1.00 12.19 ? 54  LEU A O   1 
ATOM   417 C  CB  . LEU A 1 54  ? 0.622   7.853   2.943   1.00 13.29 ? 54  LEU A CB  1 
ATOM   418 C  CG  . LEU A 1 54  ? 1.801   6.874   3.035   1.00 14.46 ? 54  LEU A CG  1 
ATOM   419 C  CD1 . LEU A 1 54  ? 2.385   6.635   1.654   1.00 14.42 ? 54  LEU A CD1 1 
ATOM   420 C  CD2 . LEU A 1 54  ? 2.868   7.446   3.955   1.00 15.05 ? 54  LEU A CD2 1 
ATOM   421 N  N   . LEU A 1 55  ? -0.895  4.972   2.271   1.00 13.37 ? 55  LEU A N   1 
ATOM   422 C  CA  . LEU A 1 55  ? -1.221  3.681   2.862   1.00 13.52 ? 55  LEU A CA  1 
ATOM   423 C  C   . LEU A 1 55  ? 0.115   2.995   3.141   1.00 13.68 ? 55  LEU A C   1 
ATOM   424 O  O   . LEU A 1 55  ? 0.978   2.952   2.258   1.00 13.74 ? 55  LEU A O   1 
ATOM   425 C  CB  . LEU A 1 55  ? -2.011  2.793   1.896   1.00 14.47 ? 55  LEU A CB  1 
ATOM   426 C  CG  . LEU A 1 55  ? -3.311  3.269   1.239   1.00 18.25 ? 55  LEU A CG  1 
ATOM   427 C  CD1 . LEU A 1 55  ? -4.081  2.051   0.762   1.00 14.60 ? 55  LEU A CD1 1 
ATOM   428 C  CD2 . LEU A 1 55  ? -4.151  4.062   2.207   1.00 19.19 ? 55  LEU A CD2 1 
ATOM   429 N  N   . LEU A 1 56  ? 0.304   2.513   4.369   1.00 11.86 ? 56  LEU A N   1 
ATOM   430 C  CA  . LEU A 1 56  ? 1.517   1.767   4.733   1.00 14.21 ? 56  LEU A CA  1 
ATOM   431 C  C   . LEU A 1 56  ? 0.994   0.348   4.898   1.00 13.63 ? 56  LEU A C   1 
ATOM   432 O  O   . LEU A 1 56  ? 0.251   0.058   5.836   1.00 14.32 ? 56  LEU A O   1 
ATOM   433 C  CB  . LEU A 1 56  ? 2.112   2.261   6.055   1.00 15.26 ? 56  LEU A CB  1 
ATOM   434 C  CG  . LEU A 1 56  ? 2.607   3.707   6.121   1.00 18.01 ? 56  LEU A CG  1 
ATOM   435 C  CD1 . LEU A 1 56  ? 3.289   3.969   7.462   1.00 20.06 ? 56  LEU A CD1 1 
ATOM   436 C  CD2 . LEU A 1 56  ? 3.577   3.950   5.006   1.00 20.64 ? 56  LEU A CD2 1 
ATOM   437 N  N   . VAL A 1 57  ? 1.381   -0.534  3.980   1.00 14.67 ? 57  VAL A N   1 
ATOM   438 C  CA  . VAL A 1 57  ? 0.900   -1.914  3.975   1.00 16.35 ? 57  VAL A CA  1 
ATOM   439 C  C   . VAL A 1 57  ? 1.925   -2.948  4.434   1.00 17.92 ? 57  VAL A C   1 
ATOM   440 O  O   . VAL A 1 57  ? 3.003   -3.049  3.858   1.00 18.08 ? 57  VAL A O   1 
ATOM   441 C  CB  . VAL A 1 57  ? 0.440   -2.303  2.553   1.00 16.40 ? 57  VAL A CB  1 
ATOM   442 C  CG1 . VAL A 1 57  ? -0.259  -3.659  2.580   1.00 17.86 ? 57  VAL A CG1 1 
ATOM   443 C  CG2 . VAL A 1 57  ? -0.486  -1.222  1.994   1.00 13.81 ? 57  VAL A CG2 1 
ATOM   444 N  N   . LYS A 1 58  ? 1.575   -3.722  5.460   1.00 17.06 ? 58  LYS A N   1 
ATOM   445 C  CA  . LYS A 1 58  ? 2.464   -4.764  5.982   1.00 17.62 ? 58  LYS A CA  1 
ATOM   446 C  C   . LYS A 1 58  ? 2.141   -6.067  5.249   1.00 18.91 ? 58  LYS A C   1 
ATOM   447 O  O   . LYS A 1 58  ? 1.087   -6.664  5.466   1.00 16.97 ? 58  LYS A O   1 
ATOM   448 C  CB  . LYS A 1 58  ? 2.235   -4.945  7.481   1.00 19.18 ? 58  LYS A CB  1 
ATOM   449 C  CG  . LYS A 1 58  ? 2.051   -3.638  8.237   1.00 23.09 ? 58  LYS A CG  1 
ATOM   450 C  CD  . LYS A 1 58  ? 3.244   -2.712  8.093   1.00 23.10 ? 58  LYS A CD  1 
ATOM   451 C  CE  . LYS A 1 58  ? 2.836   -1.283  8.405   1.00 25.04 ? 58  LYS A CE  1 
ATOM   452 N  NZ  . LYS A 1 58  ? 2.042   -1.216  9.672   1.00 28.45 ? 58  LYS A NZ  1 
ATOM   453 N  N   . THR A 1 59  ? 3.054   -6.517  4.395   1.00 17.81 ? 59  THR A N   1 
ATOM   454 C  CA  . THR A 1 59  ? 2.807   -7.725  3.613   1.00 20.60 ? 59  THR A CA  1 
ATOM   455 C  C   . THR A 1 59  ? 4.090   -8.528  3.370   1.00 20.47 ? 59  THR A C   1 
ATOM   456 O  O   . THR A 1 59  ? 5.064   -8.375  4.105   1.00 20.22 ? 59  THR A O   1 
ATOM   457 C  CB  . THR A 1 59  ? 2.160   -7.331  2.269   1.00 21.79 ? 59  THR A CB  1 
ATOM   458 O  OG1 . THR A 1 59  ? 1.813   -8.503  1.520   1.00 22.99 ? 59  THR A OG1 1 
ATOM   459 C  CG2 . THR A 1 59  ? 3.111   -6.464  1.467   1.00 21.78 ? 59  THR A CG2 1 
ATOM   460 N  N   . THR A 1 60  ? 4.079   -9.393  2.356   1.00 22.08 ? 60  THR A N   1 
ATOM   461 C  CA  . THR A 1 60  ? 5.248   -10.211 2.028   1.00 24.46 ? 60  THR A CA  1 
ATOM   462 C  C   . THR A 1 60  ? 5.511   -10.226 0.522   1.00 24.16 ? 60  THR A C   1 
ATOM   463 O  O   . THR A 1 60  ? 4.641   -9.885  -0.282  1.00 24.07 ? 60  THR A O   1 
ATOM   464 C  CB  . THR A 1 60  ? 5.065   -11.671 2.487   1.00 25.93 ? 60  THR A CB  1 
ATOM   465 O  OG1 . THR A 1 60  ? 4.070   -12.302 1.675   1.00 26.76 ? 60  THR A OG1 1 
ATOM   466 C  CG2 . THR A 1 60  ? 4.628   -11.725 3.934   1.00 25.77 ? 60  THR A CG2 1 
ATOM   467 N  N   . THR A 1 61  ? 6.719   -10.628 0.139   1.00 24.90 ? 61  THR A N   1 
ATOM   468 C  CA  . THR A 1 61  ? 7.082   -10.684 -1.271  1.00 26.16 ? 61  THR A CA  1 
ATOM   469 C  C   . THR A 1 61  ? 6.230   -11.701 -2.026  1.00 26.45 ? 61  THR A C   1 
ATOM   470 O  O   . THR A 1 61  ? 6.027   -11.574 -3.232  1.00 26.66 ? 61  THR A O   1 
ATOM   471 C  CB  . THR A 1 61  ? 8.564   -11.058 -1.454  1.00 26.40 ? 61  THR A CB  1 
ATOM   472 O  OG1 . THR A 1 61  ? 8.854   -12.246 -0.706  1.00 26.15 ? 61  THR A OG1 1 
ATOM   473 C  CG2 . THR A 1 61  ? 9.455   -9.929  -0.978  1.00 27.87 ? 61  THR A CG2 1 
ATOM   474 N  N   . HIS A 1 62  ? 5.730   -12.705 -1.317  1.00 27.80 ? 62  HIS A N   1 
ATOM   475 C  CA  . HIS A 1 62  ? 4.906   -13.723 -1.959  1.00 29.25 ? 62  HIS A CA  1 
ATOM   476 C  C   . HIS A 1 62  ? 3.519   -13.195 -2.308  1.00 28.95 ? 62  HIS A C   1 
ATOM   477 O  O   . HIS A 1 62  ? 2.918   -13.614 -3.300  1.00 28.46 ? 62  HIS A O   1 
ATOM   478 C  CB  . HIS A 1 62  ? 4.778   -14.959 -1.063  1.00 32.72 ? 62  HIS A CB  1 
ATOM   479 C  CG  . HIS A 1 62  ? 3.945   -16.053 -1.660  1.00 37.59 ? 62  HIS A CG  1 
ATOM   480 N  ND1 . HIS A 1 62  ? 2.567   -16.002 -1.702  1.00 39.13 ? 62  HIS A ND1 1 
ATOM   481 C  CD2 . HIS A 1 62  ? 4.296   -17.213 -2.264  1.00 38.99 ? 62  HIS A CD2 1 
ATOM   482 C  CE1 . HIS A 1 62  ? 2.106   -17.083 -2.305  1.00 40.21 ? 62  HIS A CE1 1 
ATOM   483 N  NE2 . HIS A 1 62  ? 3.135   -17.835 -2.656  1.00 40.94 ? 62  HIS A NE2 1 
ATOM   484 N  N   . ALA A 1 63  ? 3.015   -12.274 -1.495  1.00 26.82 ? 63  ALA A N   1 
ATOM   485 C  CA  . ALA A 1 63  ? 1.697   -11.700 -1.729  1.00 25.85 ? 63  ALA A CA  1 
ATOM   486 C  C   . ALA A 1 63  ? 1.764   -10.494 -2.655  1.00 24.82 ? 63  ALA A C   1 
ATOM   487 O  O   . ALA A 1 63  ? 0.792   -10.175 -3.335  1.00 25.45 ? 63  ALA A O   1 
ATOM   488 C  CB  . ALA A 1 63  ? 1.058   -11.297 -0.400  1.00 25.79 ? 63  ALA A CB  1 
ATOM   489 N  N   . PHE A 1 64  ? 2.921   -9.838  -2.695  1.00 25.17 ? 64  PHE A N   1 
ATOM   490 C  CA  . PHE A 1 64  ? 3.094   -8.640  -3.511  1.00 25.23 ? 64  PHE A CA  1 
ATOM   491 C  C   . PHE A 1 64  ? 2.542   -8.692  -4.934  1.00 25.60 ? 64  PHE A C   1 
ATOM   492 O  O   . PHE A 1 64  ? 1.840   -7.775  -5.356  1.00 23.86 ? 64  PHE A O   1 
ATOM   493 C  CB  . PHE A 1 64  ? 4.570   -8.226  -3.564  1.00 25.14 ? 64  PHE A CB  1 
ATOM   494 C  CG  . PHE A 1 64  ? 4.778   -6.843  -4.112  1.00 24.89 ? 64  PHE A CG  1 
ATOM   495 C  CD1 . PHE A 1 64  ? 4.357   -5.728  -3.391  1.00 25.18 ? 64  PHE A CD1 1 
ATOM   496 C  CD2 . PHE A 1 64  ? 5.356   -6.654  -5.360  1.00 24.59 ? 64  PHE A CD2 1 
ATOM   497 C  CE1 . PHE A 1 64  ? 4.500   -4.448  -3.905  1.00 22.60 ? 64  PHE A CE1 1 
ATOM   498 C  CE2 . PHE A 1 64  ? 5.504   -5.371  -5.889  1.00 24.34 ? 64  PHE A CE2 1 
ATOM   499 C  CZ  . PHE A 1 64  ? 5.076   -4.264  -5.157  1.00 25.01 ? 64  PHE A CZ  1 
ATOM   500 N  N   . PRO A 1 65  ? 2.862   -9.748  -5.705  1.00 26.37 ? 65  PRO A N   1 
ATOM   501 C  CA  . PRO A 1 65  ? 2.343   -9.819  -7.075  1.00 26.78 ? 65  PRO A CA  1 
ATOM   502 C  C   . PRO A 1 65  ? 0.819   -9.721  -7.116  1.00 26.03 ? 65  PRO A C   1 
ATOM   503 O  O   . PRO A 1 65  ? 0.254   -9.037  -7.969  1.00 27.54 ? 65  PRO A O   1 
ATOM   504 C  CB  . PRO A 1 65  ? 2.844   -11.178 -7.566  1.00 26.64 ? 65  PRO A CB  1 
ATOM   505 C  CG  . PRO A 1 65  ? 4.115   -11.360 -6.802  1.00 28.29 ? 65  PRO A CG  1 
ATOM   506 C  CD  . PRO A 1 65  ? 3.737   -10.896 -5.416  1.00 26.60 ? 65  PRO A CD  1 
ATOM   507 N  N   . LYS A 1 66  ? 0.163   -10.408 -6.187  1.00 26.93 ? 66  LYS A N   1 
ATOM   508 C  CA  . LYS A 1 66  ? -1.292  -10.403 -6.112  1.00 27.62 ? 66  LYS A CA  1 
ATOM   509 C  C   . LYS A 1 66  ? -1.774  -9.055  -5.588  1.00 26.52 ? 66  LYS A C   1 
ATOM   510 O  O   . LYS A 1 66  ? -2.821  -8.554  -5.995  1.00 26.25 ? 66  LYS A O   1 
ATOM   511 C  CB  . LYS A 1 66  ? -1.789  -11.528 -5.199  1.00 28.66 ? 66  LYS A CB  1 
ATOM   512 C  CG  . LYS A 1 66  ? -1.487  -12.938 -5.701  1.00 31.16 ? 66  LYS A CG  1 
ATOM   513 C  CD  . LYS A 1 66  ? -0.007  -13.282 -5.600  1.00 34.43 ? 66  LYS A CD  1 
ATOM   514 C  CE  . LYS A 1 66  ? 0.259   -14.706 -6.071  1.00 35.66 ? 66  LYS A CE  1 
ATOM   515 N  NZ  . LYS A 1 66  ? 1.701   -15.071 -5.981  1.00 38.01 ? 66  LYS A NZ  1 
ATOM   516 N  N   . LEU A 1 67  ? -0.999  -8.468  -4.685  1.00 26.58 ? 67  LEU A N   1 
ATOM   517 C  CA  . LEU A 1 67  ? -1.348  -7.170  -4.129  1.00 24.31 ? 67  LEU A CA  1 
ATOM   518 C  C   . LEU A 1 67  ? -1.359  -6.124  -5.236  1.00 25.59 ? 67  LEU A C   1 
ATOM   519 O  O   . LEU A 1 67  ? -2.290  -5.322  -5.330  1.00 25.59 ? 67  LEU A O   1 
ATOM   520 C  CB  . LEU A 1 67  ? -0.352  -6.788  -3.033  1.00 24.00 ? 67  LEU A CB  1 
ATOM   521 C  CG  . LEU A 1 67  ? -0.492  -5.410  -2.385  1.00 21.39 ? 67  LEU A CG  1 
ATOM   522 C  CD1 . LEU A 1 67  ? 0.149   -5.431  -1.012  1.00 25.35 ? 67  LEU A CD1 1 
ATOM   523 C  CD2 . LEU A 1 67  ? 0.151   -4.357  -3.264  1.00 21.34 ? 67  LEU A CD2 1 
ATOM   524 N  N   . LYS A 1 68  ? -0.331  -6.126  -6.081  1.00 26.16 ? 68  LYS A N   1 
ATOM   525 C  CA  . LYS A 1 68  ? -0.277  -5.162  -7.175  1.00 28.01 ? 68  LYS A CA  1 
ATOM   526 C  C   . LYS A 1 68  ? -1.506  -5.273  -8.066  1.00 29.45 ? 68  LYS A C   1 
ATOM   527 O  O   . LYS A 1 68  ? -2.095  -4.263  -8.447  1.00 29.21 ? 68  LYS A O   1 
ATOM   528 C  CB  . LYS A 1 68  ? 0.969   -5.362  -8.039  1.00 28.57 ? 68  LYS A CB  1 
ATOM   529 C  CG  . LYS A 1 68  ? 2.253   -4.822  -7.438  1.00 32.35 ? 68  LYS A CG  1 
ATOM   530 C  CD  . LYS A 1 68  ? 3.350   -4.720  -8.496  1.00 33.19 ? 68  LYS A CD  1 
ATOM   531 C  CE  . LYS A 1 68  ? 3.632   -6.072  -9.142  1.00 35.56 ? 68  LYS A CE  1 
ATOM   532 N  NZ  . LYS A 1 68  ? 4.683   -5.983  -10.196 1.00 36.55 ? 68  LYS A NZ  1 
ATOM   533 N  N   . GLU A 1 69  ? -1.880  -6.503  -8.410  1.00 31.35 ? 69  GLU A N   1 
ATOM   534 C  CA  . GLU A 1 69  ? -3.044  -6.735  -9.261  1.00 31.56 ? 69  GLU A CA  1 
ATOM   535 C  C   . GLU A 1 69  ? -4.312  -6.154  -8.657  1.00 30.91 ? 69  GLU A C   1 
ATOM   536 O  O   . GLU A 1 69  ? -5.064  -5.451  -9.329  1.00 31.05 ? 69  GLU A O   1 
ATOM   537 C  CB  . GLU A 1 69  ? -3.247  -8.233  -9.506  1.00 34.77 ? 69  GLU A CB  1 
ATOM   538 C  CG  . GLU A 1 69  ? -2.371  -8.807  -10.603 1.00 39.26 ? 69  GLU A CG  1 
ATOM   539 C  CD  . GLU A 1 69  ? -2.645  -10.279 -10.854 1.00 42.10 ? 69  GLU A CD  1 
ATOM   540 O  OE1 . GLU A 1 69  ? -3.825  -10.644 -11.054 1.00 42.99 ? 69  GLU A OE1 1 
ATOM   541 O  OE2 . GLU A 1 69  ? -1.679  -11.071 -10.857 1.00 44.56 ? 69  GLU A OE2 1 
ATOM   542 N  N   . ARG A 1 70  ? -4.549  -6.449  -7.387  1.00 30.01 ? 70  ARG A N   1 
ATOM   543 C  CA  . ARG A 1 70  ? -5.740  -5.950  -6.718  1.00 29.59 ? 70  ARG A CA  1 
ATOM   544 C  C   . ARG A 1 70  ? -5.705  -4.427  -6.604  1.00 28.42 ? 70  ARG A C   1 
ATOM   545 O  O   . ARG A 1 70  ? -6.722  -3.765  -6.791  1.00 28.35 ? 70  ARG A O   1 
ATOM   546 C  CB  . ARG A 1 70  ? -5.875  -6.588  -5.332  1.00 29.47 ? 70  ARG A CB  1 
ATOM   547 C  CG  . ARG A 1 70  ? -5.917  -8.113  -5.353  1.00 31.35 ? 70  ARG A CG  1 
ATOM   548 C  CD  . ARG A 1 70  ? -7.132  -8.659  -6.110  1.00 30.90 ? 70  ARG A CD  1 
ATOM   549 N  NE  . ARG A 1 70  ? -8.388  -8.395  -5.411  1.00 30.35 ? 70  ARG A NE  1 
ATOM   550 C  CZ  . ARG A 1 70  ? -9.369  -7.635  -5.891  1.00 31.32 ? 70  ARG A CZ  1 
ATOM   551 N  NH1 . ARG A 1 70  ? -9.244  -7.056  -7.080  1.00 31.74 ? 70  ARG A NH1 1 
ATOM   552 N  NH2 . ARG A 1 70  ? -10.478 -7.457  -5.183  1.00 31.38 ? 70  ARG A NH2 1 
ATOM   553 N  N   . VAL A 1 71  ? -4.535  -3.867  -6.308  1.00 27.23 ? 71  VAL A N   1 
ATOM   554 C  CA  . VAL A 1 71  ? -4.424  -2.418  -6.179  1.00 26.34 ? 71  VAL A CA  1 
ATOM   555 C  C   . VAL A 1 71  ? -4.691  -1.693  -7.496  1.00 27.87 ? 71  VAL A C   1 
ATOM   556 O  O   . VAL A 1 71  ? -5.403  -0.691  -7.523  1.00 27.38 ? 71  VAL A O   1 
ATOM   557 C  CB  . VAL A 1 71  ? -3.035  -2.005  -5.651  1.00 25.23 ? 71  VAL A CB  1 
ATOM   558 C  CG1 . VAL A 1 71  ? -2.913  -0.484  -5.646  1.00 24.32 ? 71  VAL A CG1 1 
ATOM   559 C  CG2 . VAL A 1 71  ? -2.833  -2.553  -4.251  1.00 22.01 ? 71  VAL A CG2 1 
ATOM   560 N  N   . LYS A 1 72  ? -4.121  -2.192  -8.588  1.00 28.98 ? 72  LYS A N   1 
ATOM   561 C  CA  . LYS A 1 72  ? -4.334  -1.560  -9.884  1.00 30.17 ? 72  LYS A CA  1 
ATOM   562 C  C   . LYS A 1 72  ? -5.815  -1.586  -10.252 1.00 30.98 ? 72  LYS A C   1 
ATOM   563 O  O   . LYS A 1 72  ? -6.325  -0.650  -10.866 1.00 32.18 ? 72  LYS A O   1 
ATOM   564 C  CB  . LYS A 1 72  ? -3.509  -2.266  -10.960 1.00 29.84 ? 72  LYS A CB  1 
ATOM   565 C  CG  . LYS A 1 72  ? -2.013  -2.072  -10.792 1.00 31.91 ? 72  LYS A CG  1 
ATOM   566 C  CD  . LYS A 1 72  ? -1.230  -2.870  -11.817 1.00 32.79 ? 72  LYS A CD  1 
ATOM   567 C  CE  . LYS A 1 72  ? 0.264   -2.719  -11.582 1.00 34.24 ? 72  LYS A CE  1 
ATOM   568 N  NZ  . LYS A 1 72  ? 1.055   -3.595  -12.486 1.00 35.41 ? 72  LYS A NZ  1 
ATOM   569 N  N   . ALA A 1 73  ? -6.502  -2.655  -9.856  1.00 31.68 ? 73  ALA A N   1 
ATOM   570 C  CA  . ALA A 1 73  ? -7.925  -2.813  -10.140 1.00 32.80 ? 73  ALA A CA  1 
ATOM   571 C  C   . ALA A 1 73  ? -8.783  -1.824  -9.356  1.00 32.77 ? 73  ALA A C   1 
ATOM   572 O  O   . ALA A 1 73  ? -9.676  -1.183  -9.912  1.00 32.61 ? 73  ALA A O   1 
ATOM   573 C  CB  . ALA A 1 73  ? -8.364  -4.239  -9.823  1.00 31.95 ? 73  ALA A CB  1 
ATOM   574 N  N   . LEU A 1 74  ? -8.506  -1.711  -8.060  1.00 32.03 ? 74  LEU A N   1 
ATOM   575 C  CA  . LEU A 1 74  ? -9.252  -0.813  -7.184  1.00 30.61 ? 74  LEU A CA  1 
ATOM   576 C  C   . LEU A 1 74  ? -8.851  0.652   -7.337  1.00 29.44 ? 74  LEU A C   1 
ATOM   577 O  O   . LEU A 1 74  ? -9.700  1.537   -7.281  1.00 29.41 ? 74  LEU A O   1 
ATOM   578 C  CB  . LEU A 1 74  ? -9.071  -1.240  -5.724  1.00 32.00 ? 74  LEU A CB  1 
ATOM   579 C  CG  . LEU A 1 74  ? -9.614  -2.616  -5.318  1.00 31.93 ? 74  LEU A CG  1 
ATOM   580 C  CD1 . LEU A 1 74  ? -9.136  -2.964  -3.921  1.00 33.56 ? 74  LEU A CD1 1 
ATOM   581 C  CD2 . LEU A 1 74  ? -11.138 -2.616  -5.378  1.00 34.42 ? 74  LEU A CD2 1 
ATOM   582 N  N   . HIS A 1 75  ? -7.561  0.907   -7.535  1.00 26.77 ? 75  HIS A N   1 
ATOM   583 C  CA  . HIS A 1 75  ? -7.066  2.276   -7.671  1.00 26.54 ? 75  HIS A CA  1 
ATOM   584 C  C   . HIS A 1 75  ? -7.616  2.920   -8.945  1.00 27.91 ? 75  HIS A C   1 
ATOM   585 O  O   . HIS A 1 75  ? -7.573  2.328   -10.023 1.00 28.03 ? 75  HIS A O   1 
ATOM   586 C  CB  . HIS A 1 75  ? -5.532  2.273   -7.686  1.00 22.33 ? 75  HIS A CB  1 
ATOM   587 C  CG  . HIS A 1 75  ? -4.915  3.573   -7.266  1.00 22.64 ? 75  HIS A CG  1 
ATOM   588 N  ND1 . HIS A 1 75  ? -5.038  4.733   -8.000  1.00 21.96 ? 75  HIS A ND1 1 
ATOM   589 C  CD2 . HIS A 1 75  ? -4.149  3.887   -6.193  1.00 21.10 ? 75  HIS A CD2 1 
ATOM   590 C  CE1 . HIS A 1 75  ? -4.372  5.705   -7.400  1.00 24.53 ? 75  HIS A CE1 1 
ATOM   591 N  NE2 . HIS A 1 75  ? -3.822  5.216   -6.302  1.00 21.76 ? 75  HIS A NE2 1 
ATOM   592 N  N   . PRO A 1 76  ? -8.137  4.152   -8.835  1.00 28.64 ? 76  PRO A N   1 
ATOM   593 C  CA  . PRO A 1 76  ? -8.704  4.871   -9.982  1.00 30.60 ? 76  PRO A CA  1 
ATOM   594 C  C   . PRO A 1 76  ? -7.727  5.319   -11.067 1.00 31.86 ? 76  PRO A C   1 
ATOM   595 O  O   . PRO A 1 76  ? -8.125  5.510   -12.216 1.00 32.85 ? 76  PRO A O   1 
ATOM   596 C  CB  . PRO A 1 76  ? -9.418  6.048   -9.324  1.00 30.95 ? 76  PRO A CB  1 
ATOM   597 C  CG  . PRO A 1 76  ? -8.552  6.332   -8.135  1.00 28.95 ? 76  PRO A CG  1 
ATOM   598 C  CD  . PRO A 1 76  ? -8.289  4.942   -7.600  1.00 29.43 ? 76  PRO A CD  1 
ATOM   599 N  N   . TYR A 1 77  ? -6.456  5.480   -10.714 1.00 31.03 ? 77  TYR A N   1 
ATOM   600 C  CA  . TYR A 1 77  ? -5.460  5.933   -11.680 1.00 31.23 ? 77  TYR A CA  1 
ATOM   601 C  C   . TYR A 1 77  ? -4.687  4.789   -12.336 1.00 31.22 ? 77  TYR A C   1 
ATOM   602 O  O   . TYR A 1 77  ? -4.420  3.761   -11.716 1.00 31.34 ? 77  TYR A O   1 
ATOM   603 C  CB  . TYR A 1 77  ? -4.518  6.935   -10.999 1.00 29.62 ? 77  TYR A CB  1 
ATOM   604 C  CG  . TYR A 1 77  ? -5.252  8.166   -10.489 1.00 31.97 ? 77  TYR A CG  1 
ATOM   605 C  CD1 . TYR A 1 77  ? -4.673  9.016   -9.543  1.00 31.14 ? 77  TYR A CD1 1 
ATOM   606 C  CD2 . TYR A 1 77  ? -6.542  8.474   -10.946 1.00 31.86 ? 77  TYR A CD2 1 
ATOM   607 C  CE1 . TYR A 1 77  ? -5.361  10.140  -9.061  1.00 30.73 ? 77  TYR A CE1 1 
ATOM   608 C  CE2 . TYR A 1 77  ? -7.235  9.591   -10.472 1.00 30.83 ? 77  TYR A CE2 1 
ATOM   609 C  CZ  . TYR A 1 77  ? -6.643  10.419  -9.530  1.00 31.55 ? 77  TYR A CZ  1 
ATOM   610 O  OH  . TYR A 1 77  ? -7.337  11.517  -9.051  1.00 28.16 ? 77  TYR A OH  1 
ATOM   611 N  N   . THR A 1 78  ? -4.339  4.984   -13.604 1.00 33.07 ? 78  THR A N   1 
ATOM   612 C  CA  . THR A 1 78  ? -3.636  3.972   -14.387 1.00 33.80 ? 78  THR A CA  1 
ATOM   613 C  C   . THR A 1 78  ? -2.306  3.472   -13.830 1.00 33.34 ? 78  THR A C   1 
ATOM   614 O  O   . THR A 1 78  ? -2.093  2.263   -13.744 1.00 34.38 ? 78  THR A O   1 
ATOM   615 C  CB  . THR A 1 78  ? -3.412  4.454   -15.837 1.00 35.00 ? 78  THR A CB  1 
ATOM   616 O  OG1 . THR A 1 78  ? -2.687  5.690   -15.832 1.00 35.55 ? 78  THR A OG1 1 
ATOM   617 C  CG2 . THR A 1 78  ? -4.748  4.654   -16.535 1.00 36.15 ? 78  THR A CG2 1 
ATOM   618 N  N   . VAL A 1 79  ? -1.415  4.388   -13.461 1.00 31.11 ? 79  VAL A N   1 
ATOM   619 C  CA  . VAL A 1 79  ? -0.111  4.001   -12.921 1.00 29.66 ? 79  VAL A CA  1 
ATOM   620 C  C   . VAL A 1 79  ? 0.002   4.412   -11.457 1.00 26.55 ? 79  VAL A C   1 
ATOM   621 O  O   . VAL A 1 79  ? 0.671   5.393   -11.126 1.00 26.33 ? 79  VAL A O   1 
ATOM   622 C  CB  . VAL A 1 79  ? 1.039   4.660   -13.711 1.00 29.15 ? 79  VAL A CB  1 
ATOM   623 C  CG1 . VAL A 1 79  ? 2.388   4.225   -13.139 1.00 30.88 ? 79  VAL A CG1 1 
ATOM   624 C  CG2 . VAL A 1 79  ? 0.941   4.278   -15.180 1.00 31.38 ? 79  VAL A CG2 1 
ATOM   625 N  N   . PRO A 1 80  ? -0.648  3.657   -10.559 1.00 25.84 ? 80  PRO A N   1 
ATOM   626 C  CA  . PRO A 1 80  ? -0.603  3.975   -9.132  1.00 24.51 ? 80  PRO A CA  1 
ATOM   627 C  C   . PRO A 1 80  ? 0.752   3.721   -8.498  1.00 24.07 ? 80  PRO A C   1 
ATOM   628 O  O   . PRO A 1 80  ? 1.496   2.832   -8.920  1.00 23.15 ? 80  PRO A O   1 
ATOM   629 C  CB  . PRO A 1 80  ? -1.681  3.069   -8.551  1.00 25.36 ? 80  PRO A CB  1 
ATOM   630 C  CG  . PRO A 1 80  ? -1.559  1.846   -9.399  1.00 26.35 ? 80  PRO A CG  1 
ATOM   631 C  CD  . PRO A 1 80  ? -1.431  2.431   -10.795 1.00 25.49 ? 80  PRO A CD  1 
ATOM   632 N  N   . GLU A 1 81  ? 1.076   4.511   -7.484  1.00 20.87 ? 81  GLU A N   1 
ATOM   633 C  CA  . GLU A 1 81  ? 2.332   4.319   -6.792  1.00 20.90 ? 81  GLU A CA  1 
ATOM   634 C  C   . GLU A 1 81  ? 2.207   3.101   -5.900  1.00 18.78 ? 81  GLU A C   1 
ATOM   635 O  O   . GLU A 1 81  ? 1.318   3.042   -5.050  1.00 18.94 ? 81  GLU A O   1 
ATOM   636 C  CB  . GLU A 1 81  ? 2.673   5.517   -5.911  1.00 22.26 ? 81  GLU A CB  1 
ATOM   637 C  CG  . GLU A 1 81  ? 3.859   5.237   -4.992  1.00 23.51 ? 81  GLU A CG  1 
ATOM   638 C  CD  . GLU A 1 81  ? 4.121   6.348   -4.003  1.00 24.90 ? 81  GLU A CD  1 
ATOM   639 O  OE1 . GLU A 1 81  ? 5.220   6.354   -3.414  1.00 26.27 ? 81  GLU A OE1 1 
ATOM   640 O  OE2 . GLU A 1 81  ? 3.233   7.206   -3.806  1.00 24.38 ? 81  GLU A OE2 1 
ATOM   641 N  N   . ILE A 1 82  ? 3.088   2.128   -6.106  1.00 18.55 ? 82  ILE A N   1 
ATOM   642 C  CA  . ILE A 1 82  ? 3.126   0.922   -5.288  1.00 18.84 ? 82  ILE A CA  1 
ATOM   643 C  C   . ILE A 1 82  ? 4.601   0.571   -5.147  1.00 20.43 ? 82  ILE A C   1 
ATOM   644 O  O   . ILE A 1 82  ? 5.193   0.000   -6.065  1.00 21.10 ? 82  ILE A O   1 
ATOM   645 C  CB  . ILE A 1 82  ? 2.423   -0.283  -5.954  1.00 17.69 ? 82  ILE A CB  1 
ATOM   646 C  CG1 . ILE A 1 82  ? 1.035   0.118   -6.452  1.00 20.60 ? 82  ILE A CG1 1 
ATOM   647 C  CG2 . ILE A 1 82  ? 2.299   -1.425  -4.945  1.00 18.23 ? 82  ILE A CG2 1 
ATOM   648 C  CD1 . ILE A 1 82  ? 0.283   -1.009  -7.147  1.00 21.14 ? 82  ILE A CD1 1 
ATOM   649 N  N   . VAL A 1 83  ? 5.202   0.926   -4.014  1.00 19.73 ? 83  VAL A N   1 
ATOM   650 C  CA  . VAL A 1 83  ? 6.615   0.632   -3.796  1.00 19.13 ? 83  VAL A CA  1 
ATOM   651 C  C   . VAL A 1 83  ? 6.803   -0.136  -2.498  1.00 19.12 ? 83  VAL A C   1 
ATOM   652 O  O   . VAL A 1 83  ? 6.234   0.221   -1.468  1.00 18.78 ? 83  VAL A O   1 
ATOM   653 C  CB  . VAL A 1 83  ? 7.462   1.927   -3.748  1.00 19.50 ? 83  VAL A CB  1 
ATOM   654 C  CG1 . VAL A 1 83  ? 7.261   2.734   -5.035  1.00 21.55 ? 83  VAL A CG1 1 
ATOM   655 C  CG2 . VAL A 1 83  ? 7.096   2.752   -2.526  1.00 22.03 ? 83  VAL A CG2 1 
ATOM   656 N  N   . ALA A 1 84  ? 7.603   -1.197  -2.552  1.00 17.02 ? 84  ALA A N   1 
ATOM   657 C  CA  . ALA A 1 84  ? 7.853   -2.021  -1.377  1.00 16.39 ? 84  ALA A CA  1 
ATOM   658 C  C   . ALA A 1 84  ? 9.224   -1.754  -0.766  1.00 17.24 ? 84  ALA A C   1 
ATOM   659 O  O   . ALA A 1 84  ? 10.231  -1.712  -1.475  1.00 18.10 ? 84  ALA A O   1 
ATOM   660 C  CB  . ALA A 1 84  ? 7.737   -3.500  -1.746  1.00 16.11 ? 84  ALA A CB  1 
ATOM   661 N  N   . LEU A 1 85  ? 9.251   -1.572  0.551   1.00 14.70 ? 85  LEU A N   1 
ATOM   662 C  CA  . LEU A 1 85  ? 10.490  -1.342  1.283   1.00 15.36 ? 85  LEU A CA  1 
ATOM   663 C  C   . LEU A 1 85  ? 10.737  -2.616  2.080   1.00 14.85 ? 85  LEU A C   1 
ATOM   664 O  O   . LEU A 1 85  ? 9.836   -3.132  2.731   1.00 17.09 ? 85  LEU A O   1 
ATOM   665 C  CB  . LEU A 1 85  ? 10.338  -0.158  2.239   1.00 16.38 ? 85  LEU A CB  1 
ATOM   666 C  CG  . LEU A 1 85  ? 9.821   1.136   1.615   1.00 15.83 ? 85  LEU A CG  1 
ATOM   667 C  CD1 . LEU A 1 85  ? 9.719   2.189   2.702   1.00 15.64 ? 85  LEU A CD1 1 
ATOM   668 C  CD2 . LEU A 1 85  ? 10.756  1.608   0.511   1.00 17.11 ? 85  LEU A CD2 1 
ATOM   669 N  N   . PRO A 1 86  ? 11.970  -3.133  2.059   1.00 16.99 ? 86  PRO A N   1 
ATOM   670 C  CA  . PRO A 1 86  ? 12.232  -4.365  2.805   1.00 16.67 ? 86  PRO A CA  1 
ATOM   671 C  C   . PRO A 1 86  ? 12.309  -4.212  4.321   1.00 16.30 ? 86  PRO A C   1 
ATOM   672 O  O   . PRO A 1 86  ? 12.840  -3.226  4.822   1.00 16.98 ? 86  PRO A O   1 
ATOM   673 C  CB  . PRO A 1 86  ? 13.556  -4.835  2.210   1.00 17.39 ? 86  PRO A CB  1 
ATOM   674 C  CG  . PRO A 1 86  ? 14.282  -3.532  2.006   1.00 17.32 ? 86  PRO A CG  1 
ATOM   675 C  CD  . PRO A 1 86  ? 13.201  -2.617  1.431   1.00 16.80 ? 86  PRO A CD  1 
ATOM   676 N  N   . ILE A 1 87  ? 11.755  -5.183  5.042   1.00 14.31 ? 87  ILE A N   1 
ATOM   677 C  CA  . ILE A 1 87  ? 11.820  -5.183  6.499   1.00 15.02 ? 87  ILE A CA  1 
ATOM   678 C  C   . ILE A 1 87  ? 13.059  -6.001  6.868   1.00 16.87 ? 87  ILE A C   1 
ATOM   679 O  O   . ILE A 1 87  ? 13.096  -7.226  6.660   1.00 18.71 ? 87  ILE A O   1 
ATOM   680 C  CB  . ILE A 1 87  ? 10.558  -5.824  7.134   1.00 16.03 ? 87  ILE A CB  1 
ATOM   681 C  CG1 . ILE A 1 87  ? 9.348   -4.909  6.905   1.00 16.85 ? 87  ILE A CG1 1 
ATOM   682 C  CG2 . ILE A 1 87  ? 10.786  -6.068  8.634   1.00 14.43 ? 87  ILE A CG2 1 
ATOM   683 C  CD1 . ILE A 1 87  ? 8.022   -5.456  7.403   1.00 14.93 ? 87  ILE A CD1 1 
ATOM   684 N  N   . ALA A 1 88  ? 14.073  -5.321  7.394   1.00 17.84 ? 88  ALA A N   1 
ATOM   685 C  CA  . ALA A 1 88  ? 15.324  -5.964  7.794   1.00 18.23 ? 88  ALA A CA  1 
ATOM   686 C  C   . ALA A 1 88  ? 15.159  -6.821  9.043   1.00 21.55 ? 88  ALA A C   1 
ATOM   687 O  O   . ALA A 1 88  ? 15.759  -7.894  9.159   1.00 22.33 ? 88  ALA A O   1 
ATOM   688 C  CB  . ALA A 1 88  ? 16.393  -4.910  8.037   1.00 17.86 ? 88  ALA A CB  1 
ATOM   689 N  N   . GLU A 1 89  ? 14.357  -6.335  9.985   1.00 18.84 ? 89  GLU A N   1 
ATOM   690 C  CA  . GLU A 1 89  ? 14.105  -7.052  11.228  1.00 20.82 ? 89  GLU A CA  1 
ATOM   691 C  C   . GLU A 1 89  ? 12.945  -6.411  11.977  1.00 21.52 ? 89  GLU A C   1 
ATOM   692 O  O   . GLU A 1 89  ? 12.424  -5.374  11.565  1.00 21.34 ? 89  GLU A O   1 
ATOM   693 C  CB  . GLU A 1 89  ? 15.355  -7.049  12.113  1.00 21.85 ? 89  GLU A CB  1 
ATOM   694 C  CG  . GLU A 1 89  ? 15.958  -5.676  12.359  1.00 24.83 ? 89  GLU A CG  1 
ATOM   695 C  CD  . GLU A 1 89  ? 17.156  -5.728  13.295  1.00 28.13 ? 89  GLU A CD  1 
ATOM   696 O  OE1 . GLU A 1 89  ? 17.873  -4.713  13.411  1.00 26.88 ? 89  GLU A OE1 1 
ATOM   697 O  OE2 . GLU A 1 89  ? 17.376  -6.786  13.918  1.00 28.91 ? 89  GLU A OE2 1 
ATOM   698 N  N   . GLY A 1 90  ? 12.539  -7.030  13.077  1.00 21.71 ? 90  GLY A N   1 
ATOM   699 C  CA  . GLY A 1 90  ? 11.442  -6.481  13.846  1.00 22.90 ? 90  GLY A CA  1 
ATOM   700 C  C   . GLY A 1 90  ? 11.009  -7.391  14.968  1.00 24.38 ? 90  GLY A C   1 
ATOM   701 O  O   . GLY A 1 90  ? 11.665  -8.394  15.269  1.00 25.24 ? 90  GLY A O   1 
ATOM   702 N  N   . ASN A 1 91  ? 9.902   -7.032  15.603  1.00 24.32 ? 91  ASN A N   1 
ATOM   703 C  CA  . ASN A 1 91  ? 9.365   -7.839  16.687  1.00 26.17 ? 91  ASN A CA  1 
ATOM   704 C  C   . ASN A 1 91  ? 9.027   -9.197  16.081  1.00 25.62 ? 91  ASN A C   1 
ATOM   705 O  O   . ASN A 1 91  ? 8.107   -9.310  15.273  1.00 26.53 ? 91  ASN A O   1 
ATOM   706 C  CB  . ASN A 1 91  ? 8.111   -7.166  17.251  1.00 25.79 ? 91  ASN A CB  1 
ATOM   707 C  CG  . ASN A 1 91  ? 7.478   -7.965  18.358  1.00 27.67 ? 91  ASN A CG  1 
ATOM   708 O  OD1 . ASN A 1 91  ? 8.126   -8.820  18.963  1.00 29.96 ? 91  ASN A OD1 1 
ATOM   709 N  ND2 . ASN A 1 91  ? 6.210   -7.690  18.640  1.00 25.25 ? 91  ASN A ND2 1 
ATOM   710 N  N   . ARG A 1 92  ? 9.786   -10.222 16.462  1.00 29.23 ? 92  ARG A N   1 
ATOM   711 C  CA  . ARG A 1 92  ? 9.595   -11.578 15.942  1.00 31.01 ? 92  ARG A CA  1 
ATOM   712 C  C   . ARG A 1 92  ? 8.150   -12.064 15.967  1.00 31.27 ? 92  ARG A C   1 
ATOM   713 O  O   . ARG A 1 92  ? 7.657   -12.623 14.983  1.00 29.58 ? 92  ARG A O   1 
ATOM   714 C  CB  . ARG A 1 92  ? 10.481  -12.564 16.716  1.00 34.35 ? 92  ARG A CB  1 
ATOM   715 C  CG  . ARG A 1 92  ? 11.960  -12.196 16.719  1.00 37.93 ? 92  ARG A CG  1 
ATOM   716 C  CD  . ARG A 1 92  ? 12.791  -13.178 17.543  1.00 40.11 ? 92  ARG A CD  1 
ATOM   717 N  NE  . ARG A 1 92  ? 14.161  -12.705 17.740  1.00 41.88 ? 92  ARG A NE  1 
ATOM   718 C  CZ  . ARG A 1 92  ? 15.025  -12.478 16.753  1.00 43.85 ? 92  ARG A CZ  1 
ATOM   719 N  NH1 . ARG A 1 92  ? 14.665  -12.682 15.495  1.00 44.48 ? 92  ARG A NH1 1 
ATOM   720 N  NH2 . ARG A 1 92  ? 16.248  -12.038 17.023  1.00 43.26 ? 92  ARG A NH2 1 
ATOM   721 N  N   . GLU A 1 93  ? 7.466   -11.858 17.087  1.00 32.37 ? 93  GLU A N   1 
ATOM   722 C  CA  . GLU A 1 93  ? 6.081   -12.293 17.197  1.00 32.92 ? 93  GLU A CA  1 
ATOM   723 C  C   . GLU A 1 93  ? 5.171   -11.484 16.276  1.00 30.95 ? 93  GLU A C   1 
ATOM   724 O  O   . GLU A 1 93  ? 4.160   -11.991 15.790  1.00 30.36 ? 93  GLU A O   1 
ATOM   725 C  CB  . GLU A 1 93  ? 5.613   -12.192 18.650  1.00 36.38 ? 93  GLU A CB  1 
ATOM   726 C  CG  . GLU A 1 93  ? 6.383   -13.120 19.580  1.00 41.72 ? 93  GLU A CG  1 
ATOM   727 C  CD  . GLU A 1 93  ? 5.844   -13.118 20.994  1.00 45.01 ? 93  GLU A CD  1 
ATOM   728 O  OE1 . GLU A 1 93  ? 4.662   -13.485 21.180  1.00 47.68 ? 93  GLU A OE1 1 
ATOM   729 O  OE2 . GLU A 1 93  ? 6.601   -12.753 21.918  1.00 47.49 ? 93  GLU A OE2 1 
ATOM   730 N  N   . TYR A 1 94  ? 5.537   -10.231 16.024  1.00 29.33 ? 94  TYR A N   1 
ATOM   731 C  CA  . TYR A 1 94  ? 4.738   -9.391  15.140  1.00 27.37 ? 94  TYR A CA  1 
ATOM   732 C  C   . TYR A 1 94  ? 4.911   -9.849  13.697  1.00 25.50 ? 94  TYR A C   1 
ATOM   733 O  O   . TYR A 1 94  ? 3.941   -9.947  12.946  1.00 24.89 ? 94  TYR A O   1 
ATOM   734 C  CB  . TYR A 1 94  ? 5.149   -7.919  15.252  1.00 26.58 ? 94  TYR A CB  1 
ATOM   735 C  CG  . TYR A 1 94  ? 4.328   -7.011  14.367  1.00 25.92 ? 94  TYR A CG  1 
ATOM   736 C  CD1 . TYR A 1 94  ? 3.002   -6.713  14.681  1.00 26.08 ? 94  TYR A CD1 1 
ATOM   737 C  CD2 . TYR A 1 94  ? 4.857   -6.488  13.190  1.00 25.50 ? 94  TYR A CD2 1 
ATOM   738 C  CE1 . TYR A 1 94  ? 2.221   -5.916  13.842  1.00 25.29 ? 94  TYR A CE1 1 
ATOM   739 C  CE2 . TYR A 1 94  ? 4.086   -5.693  12.344  1.00 26.22 ? 94  TYR A CE2 1 
ATOM   740 C  CZ  . TYR A 1 94  ? 2.769   -5.409  12.678  1.00 26.57 ? 94  TYR A CZ  1 
ATOM   741 O  OH  . TYR A 1 94  ? 2.004   -4.611  11.853  1.00 26.88 ? 94  TYR A OH  1 
ATOM   742 N  N   . LEU A 1 95  ? 6.150   -10.134 13.310  1.00 24.41 ? 95  LEU A N   1 
ATOM   743 C  CA  . LEU A 1 95  ? 6.420   -10.577 11.951  1.00 25.23 ? 95  LEU A CA  1 
ATOM   744 C  C   . LEU A 1 95  ? 5.800   -11.939 11.654  1.00 25.40 ? 95  LEU A C   1 
ATOM   745 O  O   . LEU A 1 95  ? 5.403   -12.207 10.521  1.00 25.11 ? 95  LEU A O   1 
ATOM   746 C  CB  . LEU A 1 95  ? 7.928   -10.612 11.696  1.00 24.57 ? 95  LEU A CB  1 
ATOM   747 C  CG  . LEU A 1 95  ? 8.619   -9.245  11.708  1.00 25.30 ? 95  LEU A CG  1 
ATOM   748 C  CD1 . LEU A 1 95  ? 10.101  -9.413  11.393  1.00 22.84 ? 95  LEU A CD1 1 
ATOM   749 C  CD2 . LEU A 1 95  ? 7.955   -8.328  10.690  1.00 23.96 ? 95  LEU A CD2 1 
ATOM   750 N  N   . ASP A 1 96  ? 5.719   -12.797 12.666  1.00 27.79 ? 96  ASP A N   1 
ATOM   751 C  CA  . ASP A 1 96  ? 5.118   -14.112 12.475  1.00 30.20 ? 96  ASP A CA  1 
ATOM   752 C  C   . ASP A 1 96  ? 3.632   -13.906 12.210  1.00 29.91 ? 96  ASP A C   1 
ATOM   753 O  O   . ASP A 1 96  ? 3.062   -14.517 11.306  1.00 29.47 ? 96  ASP A O   1 
ATOM   754 C  CB  . ASP A 1 96  ? 5.306   -14.987 13.718  1.00 33.07 ? 96  ASP A CB  1 
ATOM   755 C  CG  . ASP A 1 96  ? 4.730   -16.383 13.537  1.00 37.21 ? 96  ASP A CG  1 
ATOM   756 O  OD1 . ASP A 1 96  ? 5.102   -17.050 12.549  1.00 39.05 ? 96  ASP A OD1 1 
ATOM   757 O  OD2 . ASP A 1 96  ? 3.910   -16.811 14.381  1.00 40.63 ? 96  ASP A OD2 1 
ATOM   758 N  N   . TRP A 1 97  ? 3.013   -13.038 13.007  1.00 29.52 ? 97  TRP A N   1 
ATOM   759 C  CA  . TRP A 1 97  ? 1.598   -12.721 12.852  1.00 29.13 ? 97  TRP A CA  1 
ATOM   760 C  C   . TRP A 1 97  ? 1.384   -12.184 11.444  1.00 29.01 ? 97  TRP A C   1 
ATOM   761 O  O   . TRP A 1 97  ? 0.376   -12.470 10.798  1.00 28.63 ? 97  TRP A O   1 
ATOM   762 C  CB  . TRP A 1 97  ? 1.180   -11.655 13.875  1.00 29.80 ? 97  TRP A CB  1 
ATOM   763 C  CG  . TRP A 1 97  ? -0.161  -11.028 13.591  1.00 30.59 ? 97  TRP A CG  1 
ATOM   764 C  CD1 . TRP A 1 97  ? -1.395  -11.564 13.843  1.00 30.29 ? 97  TRP A CD1 1 
ATOM   765 C  CD2 . TRP A 1 97  ? -0.396  -9.762  12.957  1.00 28.72 ? 97  TRP A CD2 1 
ATOM   766 N  NE1 . TRP A 1 97  ? -2.381  -10.711 13.403  1.00 30.69 ? 97  TRP A NE1 1 
ATOM   767 C  CE2 . TRP A 1 97  ? -1.796  -9.598  12.855  1.00 30.42 ? 97  TRP A CE2 1 
ATOM   768 C  CE3 . TRP A 1 97  ? 0.442   -8.751  12.465  1.00 30.33 ? 97  TRP A CE3 1 
ATOM   769 C  CZ2 . TRP A 1 97  ? -2.380  -8.461  12.279  1.00 30.66 ? 97  TRP A CZ2 1 
ATOM   770 C  CZ3 . TRP A 1 97  ? -0.137  -7.619  11.894  1.00 30.45 ? 97  TRP A CZ3 1 
ATOM   771 C  CH2 . TRP A 1 97  ? -1.537  -7.487  11.806  1.00 30.47 ? 97  TRP A CH2 1 
ATOM   772 N  N   . LEU A 1 98  ? 2.350   -11.401 10.976  1.00 28.16 ? 98  LEU A N   1 
ATOM   773 C  CA  . LEU A 1 98  ? 2.289   -10.802 9.651   1.00 28.54 ? 98  LEU A CA  1 
ATOM   774 C  C   . LEU A 1 98  ? 2.272   -11.880 8.568   1.00 29.41 ? 98  LEU A C   1 
ATOM   775 O  O   . LEU A 1 98  ? 1.444   -11.842 7.660   1.00 28.93 ? 98  LEU A O   1 
ATOM   776 C  CB  . LEU A 1 98  ? 3.484   -9.859  9.458   1.00 28.56 ? 98  LEU A CB  1 
ATOM   777 C  CG  . LEU A 1 98  ? 3.524   -8.935  8.238   1.00 30.48 ? 98  LEU A CG  1 
ATOM   778 C  CD1 . LEU A 1 98  ? 4.648   -7.924  8.414   1.00 28.76 ? 98  LEU A CD1 1 
ATOM   779 C  CD2 . LEU A 1 98  ? 3.729   -9.741  6.961   1.00 30.85 ? 98  LEU A CD2 1 
ATOM   780 N  N   . ARG A 1 99  ? 3.184   -12.844 8.662   1.00 30.46 ? 99  ARG A N   1 
ATOM   781 C  CA  . ARG A 1 99  ? 3.238   -13.917 7.675   1.00 32.04 ? 99  ARG A CA  1 
ATOM   782 C  C   . ARG A 1 99  ? 2.024   -14.828 7.822   1.00 33.38 ? 99  ARG A C   1 
ATOM   783 O  O   . ARG A 1 99  ? 1.377   -15.183 6.838   1.00 34.05 ? 99  ARG A O   1 
ATOM   784 C  CB  . ARG A 1 99  ? 4.527   -14.726 7.841   1.00 30.78 ? 99  ARG A CB  1 
ATOM   785 C  CG  . ARG A 1 99  ? 5.791   -13.926 7.575   1.00 29.43 ? 99  ARG A CG  1 
ATOM   786 C  CD  . ARG A 1 99  ? 7.005   -14.837 7.526   1.00 28.45 ? 99  ARG A CD  1 
ATOM   787 N  NE  . ARG A 1 99  ? 7.210   -15.558 8.778   1.00 28.12 ? 99  ARG A NE  1 
ATOM   788 C  CZ  . ARG A 1 99  ? 7.810   -15.049 9.850   1.00 29.71 ? 99  ARG A CZ  1 
ATOM   789 N  NH1 . ARG A 1 99  ? 8.274   -13.808 9.831   1.00 29.48 ? 99  ARG A NH1 1 
ATOM   790 N  NH2 . ARG A 1 99  ? 7.942   -15.783 10.948  1.00 30.84 ? 99  ARG A NH2 1 
ATOM   791 N  N   . GLU A 1 100 ? 1.719   -15.187 9.063   1.00 35.67 ? 100 GLU A N   1 
ATOM   792 C  CA  . GLU A 1 100 ? 0.585   -16.046 9.383   1.00 38.69 ? 100 GLU A CA  1 
ATOM   793 C  C   . GLU A 1 100 ? -0.736  -15.549 8.795   1.00 39.23 ? 100 GLU A C   1 
ATOM   794 O  O   . GLU A 1 100 ? -1.612  -16.349 8.465   1.00 38.93 ? 100 GLU A O   1 
ATOM   795 C  CB  . GLU A 1 100 ? 0.461   -16.166 10.908  1.00 40.19 ? 100 GLU A CB  1 
ATOM   796 C  CG  . GLU A 1 100 ? -0.877  -16.694 11.413  1.00 44.73 ? 100 GLU A CG  1 
ATOM   797 C  CD  . GLU A 1 100 ? -0.936  -16.771 12.932  1.00 46.85 ? 100 GLU A CD  1 
ATOM   798 O  OE1 . GLU A 1 100 ? -0.233  -17.625 13.515  1.00 48.35 ? 100 GLU A OE1 1 
ATOM   799 O  OE2 . GLU A 1 100 ? -1.679  -15.975 13.546  1.00 47.88 ? 100 GLU A OE2 1 
ATOM   800 N  N   . ASN A 1 101 ? -0.877  -14.233 8.658   1.00 39.70 ? 101 ASN A N   1 
ATOM   801 C  CA  . ASN A 1 101 ? -2.111  -13.651 8.133   1.00 39.29 ? 101 ASN A CA  1 
ATOM   802 C  C   . ASN A 1 101 ? -2.020  -13.108 6.709   1.00 39.20 ? 101 ASN A C   1 
ATOM   803 O  O   . ASN A 1 101 ? -2.895  -12.364 6.265   1.00 38.72 ? 101 ASN A O   1 
ATOM   804 C  CB  . ASN A 1 101 ? -2.596  -12.547 9.076   1.00 39.83 ? 101 ASN A CB  1 
ATOM   805 C  CG  . ASN A 1 101 ? -3.046  -13.091 10.415  1.00 39.87 ? 101 ASN A CG  1 
ATOM   806 O  OD1 . ASN A 1 101 ? -4.077  -13.753 10.513  1.00 41.31 ? 101 ASN A OD1 1 
ATOM   807 N  ND2 . ASN A 1 101 ? -2.268  -12.825 11.452  1.00 40.77 ? 101 ASN A ND2 1 
ATOM   808 N  N   . THR A 1 102 ? -0.964  -13.481 5.995   1.00 38.60 ? 102 THR A N   1 
ATOM   809 C  CA  . THR A 1 102 ? -0.784  -13.040 4.619   1.00 39.60 ? 102 THR A CA  1 
ATOM   810 C  C   . THR A 1 102 ? -0.683  -14.270 3.722   1.00 41.10 ? 102 THR A C   1 
ATOM   811 O  O   . THR A 1 102 ? -0.052  -15.260 4.087   1.00 41.38 ? 102 THR A O   1 
ATOM   812 C  CB  . THR A 1 102 ? 0.498   -12.182 4.469   1.00 38.92 ? 102 THR A CB  1 
ATOM   813 O  OG1 . THR A 1 102 ? 0.385   -11.012 5.289   1.00 38.97 ? 102 THR A OG1 1 
ATOM   814 C  CG2 . THR A 1 102 ? 0.689   -11.753 3.024   1.00 39.11 ? 102 THR A CG2 1 
ATOM   815 N  N   . GLY A 1 103 ? -1.316  -14.212 2.555   1.00 42.45 ? 103 GLY A N   1 
ATOM   816 C  CA  . GLY A 1 103 ? -1.273  -15.341 1.643   1.00 45.28 ? 103 GLY A CA  1 
ATOM   817 C  C   . GLY A 1 103 ? -0.698  -14.983 0.285   1.00 46.41 ? 103 GLY A C   1 
ATOM   818 O  O   . GLY A 1 103 ? 0.426   -15.435 -0.022  1.00 47.88 ? 103 GLY A O   1 
ATOM   819 O  OXT . GLY A 1 103 ? -1.367  -14.248 -0.473  1.00 47.84 ? 103 GLY A OXT 1 
HETATM 820 NA NA  . NA  B 2 .   ? 0.714   9.738   -5.348  1.00 14.60 ? 104 NA  A NA  1 
HETATM 821 NA NA  . NA  C 2 .   ? -6.751  14.963  -6.296  0.50 3.38  ? 105 NA  A NA  1 
HETATM 822 CL CL  . CL  D 3 .   ? -6.918  13.767  3.722   1.00 28.07 ? 108 CL  A CL  1 
HETATM 823 CL CL  . CL  E 3 .   ? -0.652  7.815   -7.640  1.00 39.33 ? 109 CL  A CL  1 
HETATM 824 CL CL  . CL  F 3 .   ? -4.064  21.705  -1.236  1.00 32.99 ? 110 CL  A CL  1 
HETATM 825 CL CL  . CL  G 3 .   ? 5.138   11.840  -17.161 1.00 49.25 ? 111 CL  A CL  1 
HETATM 826 S  S   . SO4 H 4 .   ? 14.043  -12.113 7.272   1.00 70.37 ? 200 SO4 A S   1 
HETATM 827 O  O1  . SO4 H 4 .   ? 12.780  -11.514 6.449   1.00 69.37 ? 200 SO4 A O1  1 
HETATM 828 O  O2  . SO4 H 4 .   ? 13.769  -11.795 8.659   1.00 69.90 ? 200 SO4 A O2  1 
HETATM 829 O  O3  . SO4 H 4 .   ? 14.150  -13.396 7.055   1.00 69.90 ? 200 SO4 A O3  1 
HETATM 830 O  O4  . SO4 H 4 .   ? 15.139  -11.304 6.806   1.00 69.74 ? 200 SO4 A O4  1 
HETATM 831 C  C1  . GOL I 5 .   ? -5.442  18.081  2.050   1.00 44.93 ? 500 GOL A C1  1 
HETATM 832 O  O1  . GOL I 5 .   ? -6.845  17.330  2.293   1.00 43.71 ? 500 GOL A O1  1 
HETATM 833 C  C2  . GOL I 5 .   ? -4.248  17.491  1.629   1.00 45.21 ? 500 GOL A C2  1 
HETATM 834 O  O2  . GOL I 5 .   ? -4.152  16.214  2.015   1.00 46.12 ? 500 GOL A O2  1 
HETATM 835 C  C3  . GOL I 5 .   ? -3.593  18.303  1.035   1.00 46.24 ? 500 GOL A C3  1 
HETATM 836 O  O3  . GOL I 5 .   ? -3.157  19.648  0.388   1.00 46.90 ? 500 GOL A O3  1 
HETATM 837 O  O   . HOH J 6 .   ? -7.083  13.949  -4.191  1.00 15.37 ? 501 HOH A O   1 
HETATM 838 O  O   . HOH J 6 .   ? -6.189  12.813  -7.197  1.00 25.69 ? 502 HOH A O   1 
HETATM 839 O  O   . HOH J 6 .   ? -12.935 -3.022  -0.121  1.00 28.63 ? 503 HOH A O   1 
HETATM 840 O  O   . HOH J 6 .   ? -7.600  -8.481  -9.293  1.00 23.88 ? 504 HOH A O   1 
HETATM 841 O  O   . HOH J 6 .   ? -1.580  7.491   -13.514 1.00 29.40 ? 505 HOH A O   1 
HETATM 842 O  O   . HOH J 6 .   ? 1.769   21.681  1.538   1.00 27.04 ? 506 HOH A O   1 
HETATM 843 O  O   . HOH J 6 .   ? 2.476   -14.746 1.908   1.00 37.96 ? 507 HOH A O   1 
HETATM 844 O  O   . HOH J 6 .   ? 8.391   22.837  -17.699 1.00 25.41 ? 508 HOH A O   1 
HETATM 845 O  O   . HOH J 6 .   ? -5.434  14.295  1.369   1.00 24.01 ? 509 HOH A O   1 
HETATM 846 O  O   . HOH J 6 .   ? 1.029   11.651  -6.771  1.00 29.35 ? 510 HOH A O   1 
HETATM 847 O  O   . HOH J 6 .   ? -13.887 11.656  6.979   1.00 37.11 ? 511 HOH A O   1 
HETATM 848 O  O   . HOH J 6 .   ? -1.589  12.228  -7.666  1.00 24.58 ? 512 HOH A O   1 
HETATM 849 O  O   . HOH J 6 .   ? -10.698 8.689   -5.148  1.00 33.19 ? 513 HOH A O   1 
HETATM 850 O  O   . HOH J 6 .   ? -7.511  1.994   -12.664 1.00 37.77 ? 514 HOH A O   1 
HETATM 851 O  O   . HOH J 6 .   ? -19.782 6.396   0.319   1.00 39.49 ? 515 HOH A O   1 
HETATM 852 O  O   . HOH J 6 .   ? -4.824  -10.581 6.468   1.00 25.95 ? 516 HOH A O   1 
HETATM 853 O  O   . HOH J 6 .   ? -1.726  23.415  -2.313  1.00 29.35 ? 517 HOH A O   1 
HETATM 854 O  O   . HOH J 6 .   ? -3.634  9.569   -6.053  1.00 36.92 ? 518 HOH A O   1 
HETATM 855 O  O   . HOH J 6 .   ? -13.287 2.803   -3.531  1.00 44.24 ? 519 HOH A O   1 
HETATM 856 O  O   . HOH J 6 .   ? 3.175   9.734   -4.751  1.00 38.41 ? 520 HOH A O   1 
HETATM 857 O  O   . HOH J 6 .   ? 12.539  -9.388  8.090   1.00 31.11 ? 521 HOH A O   1 
HETATM 858 O  O   . HOH J 6 .   ? 10.838  21.901  -14.501 1.00 34.01 ? 522 HOH A O   1 
HETATM 859 O  O   . HOH J 6 .   ? 0.715   -10.367 -12.567 1.00 46.25 ? 523 HOH A O   1 
HETATM 860 O  O   . HOH J 6 .   ? -12.172 6.571   -6.880  1.00 20.15 ? 524 HOH A O   1 
HETATM 861 O  O   . HOH J 6 .   ? -1.118  -3.976  12.942  1.00 36.65 ? 525 HOH A O   1 
HETATM 862 O  O   . HOH J 6 .   ? 9.364   25.159  -17.994 1.00 40.87 ? 526 HOH A O   1 
HETATM 863 O  O   . HOH J 6 .   ? -4.939  7.732   -15.045 1.00 33.72 ? 527 HOH A O   1 
HETATM 864 O  O   . HOH J 6 .   ? -16.058 -9.076  4.226   1.00 44.29 ? 528 HOH A O   1 
HETATM 865 O  O   . HOH J 6 .   ? 8.346   -15.071 -2.322  1.00 38.68 ? 529 HOH A O   1 
HETATM 866 O  O   . HOH J 6 .   ? 0.665   -11.968 -10.637 1.00 40.19 ? 530 HOH A O   1 
HETATM 867 O  O   . HOH J 6 .   ? 4.872   21.195  -20.143 1.00 43.72 ? 531 HOH A O   1 
HETATM 868 O  O   . HOH J 6 .   ? 6.952   -14.408 1.046   1.00 46.16 ? 532 HOH A O   1 
HETATM 869 O  O   . HOH J 6 .   ? -15.094 -1.859  1.006   1.00 38.92 ? 533 HOH A O   1 
HETATM 870 O  O   . HOH J 6 .   ? 6.228   23.740  -13.944 1.00 21.55 ? 534 HOH A O   1 
HETATM 871 O  O   . HOH J 6 .   ? 0.031   -6.124  -11.942 1.00 37.09 ? 535 HOH A O   1 
HETATM 872 O  O   . HOH J 6 .   ? -0.153  9.059   -18.114 1.00 37.54 ? 536 HOH A O   1 
HETATM 873 O  O   . HOH J 6 .   ? 17.100  -5.965  4.480   1.00 35.85 ? 537 HOH A O   1 
HETATM 874 O  O   . HOH J 6 .   ? 8.944   -17.717 13.783  1.00 50.02 ? 538 HOH A O   1 
HETATM 875 O  O   . HOH J 6 .   ? -2.781  -16.697 4.706   1.00 46.12 ? 539 HOH A O   1 
HETATM 876 O  O   . HOH J 6 .   ? 11.469  -12.689 12.054  1.00 39.67 ? 540 HOH A O   1 
HETATM 877 O  O   . HOH J 6 .   ? 13.893  -14.298 0.128   1.00 53.03 ? 541 HOH A O   1 
HETATM 878 O  O   . HOH J 6 .   ? -2.767  16.690  -9.939  1.00 51.18 ? 542 HOH A O   1 
HETATM 879 O  O   . HOH J 6 .   ? 0.911   6.458   -18.857 1.00 44.48 ? 543 HOH A O   1 
HETATM 880 O  O   . HOH J 6 .   ? -17.481 -3.275  4.866   1.00 45.85 ? 544 HOH A O   1 
HETATM 881 O  O   . HOH J 6 .   ? 5.278   -19.513 11.750  1.00 57.40 ? 545 HOH A O   1 
HETATM 882 O  O   . HOH J 6 .   ? 8.008   12.160  -20.156 1.00 56.34 ? 546 HOH A O   1 
HETATM 883 O  O   . HOH J 6 .   ? 12.385  -16.677 -1.601  1.00 53.86 ? 547 HOH A O   1 
HETATM 884 O  O   . HOH J 6 .   ? 14.210  23.523  -16.818 1.00 45.45 ? 548 HOH A O   1 
HETATM 885 O  O   . HOH J 6 .   ? 2.976   -16.646 16.943  1.00 57.61 ? 549 HOH A O   1 
HETATM 886 O  O   . HOH J 6 .   ? -18.313 0.356   -2.949  1.00 57.81 ? 550 HOH A O   1 
HETATM 887 O  O   . HOH J 6 .   ? -5.090  3.342   -20.451 1.00 62.30 ? 551 HOH A O   1 
HETATM 888 O  O   . HOH J 6 .   ? 19.143  -5.374  5.829   1.00 48.38 ? 552 HOH A O   1 
HETATM 889 O  O   . HOH J 6 .   ? 7.683   -16.624 16.035  1.00 55.89 ? 553 HOH A O   1 
HETATM 890 O  O   . HOH J 6 .   ? 0.426   6.396   -21.477 1.00 62.89 ? 554 HOH A O   1 
HETATM 891 O  O   . HOH J 6 .   ? 11.219  -16.420 15.773  1.00 44.67 ? 555 HOH A O   1 
HETATM 892 O  O   . HOH J 6 .   ? -1.676  11.316  -23.640 1.00 41.42 ? 556 HOH A O   1 
HETATM 893 O  O   . HOH J 6 .   ? 4.135   -4.283  -12.274 1.00 27.71 ? 557 HOH A O   1 
HETATM 894 O  O   . HOH J 6 .   ? -17.167 2.511   0.660   1.00 53.13 ? 558 HOH A O   1 
HETATM 895 O  O   . HOH J 6 .   ? 1.499   -8.963  -10.400 1.00 34.43 ? 559 HOH A O   1 
HETATM 896 O  O   . HOH J 6 .   ? 2.887   8.340   -13.757 1.00 45.30 ? 560 HOH A O   1 
HETATM 897 O  O   . HOH J 6 .   ? -1.371  18.449  3.073   1.00 50.76 ? 561 HOH A O   1 
HETATM 898 O  O   . HOH J 6 .   ? 15.810  24.272  -14.336 1.00 45.07 ? 562 HOH A O   1 
HETATM 899 O  O   . HOH J 6 .   ? 5.378   -8.950  -9.528  1.00 40.47 ? 563 HOH A O   1 
HETATM 900 O  O   . HOH J 6 .   ? -6.959  -11.021 -9.956  1.00 46.44 ? 564 HOH A O   1 
HETATM 901 O  O   . HOH J 6 .   ? 12.863  -8.399  1.508   1.00 52.65 ? 565 HOH A O   1 
HETATM 902 O  O   . HOH J 6 .   ? 1.662   20.777  4.016   1.00 43.26 ? 566 HOH A O   1 
HETATM 903 O  O   . HOH J 6 .   ? 4.925   24.081  -11.477 1.00 51.81 ? 567 HOH A O   1 
HETATM 904 O  O   . HOH J 6 .   ? -5.544  16.663  7.317   1.00 44.33 ? 568 HOH A O   1 
HETATM 905 O  O   . HOH J 6 .   ? -2.740  4.619   -20.215 1.00 50.56 ? 569 HOH A O   1 
HETATM 906 O  O   . HOH J 6 .   ? -7.979  13.052  -14.701 1.00 47.89 ? 570 HOH A O   1 
HETATM 907 O  O   . HOH J 6 .   ? -3.141  -2.998  -15.618 1.00 54.33 ? 571 HOH A O   1 
HETATM 908 O  O   . HOH J 6 .   ? -16.321 -1.239  -3.767  1.00 54.75 ? 572 HOH A O   1 
HETATM 909 O  O   . HOH J 6 .   ? -7.846  25.709  2.878   1.00 49.60 ? 573 HOH A O   1 
HETATM 910 O  O   . HOH J 6 .   ? 11.058  -16.199 18.457  1.00 45.56 ? 574 HOH A O   1 
HETATM 911 O  O   . HOH J 6 .   ? -11.967 2.442   -5.662  1.00 47.45 ? 575 HOH A O   1 
HETATM 912 O  O   . HOH J 6 .   ? 6.451   -19.557 18.191  1.00 56.95 ? 576 HOH A O   1 
HETATM 913 O  O   . HOH J 6 .   ? -3.564  5.034   -24.692 0.50 61.85 ? 577 HOH A O   1 
HETATM 914 O  O   . HOH J 6 .   ? 5.819   -9.105  21.336  1.00 31.79 ? 578 HOH A O   1 
HETATM 915 O  O   . HOH J 6 .   ? 0.440   8.795   -22.856 1.00 44.51 ? 579 HOH A O   1 
HETATM 916 O  O   . HOH J 6 .   ? -4.420  18.699  4.641   1.00 54.30 ? 580 HOH A O   1 
HETATM 917 O  O   . HOH J 6 .   ? -19.638 3.176   3.745   0.50 40.25 ? 581 HOH A O   1 
HETATM 918 O  O   . HOH J 6 .   ? 1.349   -17.042 5.105   1.00 49.78 ? 582 HOH A O   1 
HETATM 919 O  O   . HOH J 6 .   ? 3.238   -15.460 4.315   1.00 48.37 ? 583 HOH A O   1 
HETATM 920 O  O   . HOH J 6 .   ? 1.637   8.698   -11.325 1.00 39.97 ? 584 HOH A O   1 
# 
loop_
_pdbx_poly_seq_scheme.asym_id 
_pdbx_poly_seq_scheme.entity_id 
_pdbx_poly_seq_scheme.seq_id 
_pdbx_poly_seq_scheme.mon_id 
_pdbx_poly_seq_scheme.ndb_seq_num 
_pdbx_poly_seq_scheme.pdb_seq_num 
_pdbx_poly_seq_scheme.auth_seq_num 
_pdbx_poly_seq_scheme.pdb_mon_id 
_pdbx_poly_seq_scheme.auth_mon_id 
_pdbx_poly_seq_scheme.pdb_strand_id 
_pdbx_poly_seq_scheme.pdb_ins_code 
_pdbx_poly_seq_scheme.hetero 
A 1 1   MET 1   1   1   MET MET A . n 
A 1 2   GLU 2   2   2   GLU GLU A . n 
A 1 3   GLU 3   3   3   GLU GLU A . n 
A 1 4   VAL 4   4   4   VAL VAL A . n 
A 1 5   VAL 5   5   5   VAL VAL A . n 
A 1 6   LEU 6   6   6   LEU LEU A . n 
A 1 7   ILE 7   7   7   ILE ILE A . n 
A 1 8   THR 8   8   8   THR THR A . n 
A 1 9   VAL 9   9   9   VAL VAL A . n 
A 1 10  PRO 10  10  10  PRO PRO A . n 
A 1 11  SER 11  11  11  SER SER A . n 
A 1 12  GLU 12  12  12  GLU GLU A . n 
A 1 13  GLU 13  13  13  GLU GLU A . n 
A 1 14  VAL 14  14  14  VAL VAL A . n 
A 1 15  ALA 15  15  15  ALA ALA A . n 
A 1 16  ARG 16  16  16  ARG ARG A . n 
A 1 17  THR 17  17  17  THR THR A . n 
A 1 18  ILE 18  18  18  ILE ILE A . n 
A 1 19  ALA 19  19  19  ALA ALA A . n 
A 1 20  LYS 20  20  20  LYS LYS A . n 
A 1 21  ALA 21  21  21  ALA ALA A . n 
A 1 22  LEU 22  22  22  LEU LEU A . n 
A 1 23  VAL 23  23  23  VAL VAL A . n 
A 1 24  GLU 24  24  24  GLU GLU A . n 
A 1 25  GLU 25  25  25  GLU GLU A . n 
A 1 26  ARG 26  26  26  ARG ARG A . n 
A 1 27  LEU 27  27  27  LEU LEU A . n 
A 1 28  ALA 28  28  28  ALA ALA A . n 
A 1 29  ALA 29  29  29  ALA ALA A . n 
A 1 30  CYS 30  30  30  CYS CYS A . n 
A 1 31  VAL 31  31  31  VAL VAL A . n 
A 1 32  ASN 32  32  32  ASN ASN A . n 
A 1 33  ILE 33  33  33  ILE ILE A . n 
A 1 34  VAL 34  34  34  VAL VAL A . n 
A 1 35  PRO 35  35  35  PRO PRO A . n 
A 1 36  GLY 36  36  36  GLY GLY A . n 
A 1 37  LEU 37  37  37  LEU LEU A . n 
A 1 38  THR 38  38  38  THR THR A . n 
A 1 39  SER 39  39  39  SER SER A . n 
A 1 40  ILE 40  40  40  ILE ILE A . n 
A 1 41  TYR 41  41  41  TYR TYR A . n 
A 1 42  ARG 42  42  42  ARG ARG A . n 
A 1 43  TRP 43  43  43  TRP TRP A . n 
A 1 44  GLN 44  44  44  GLN GLN A . n 
A 1 45  GLY 45  45  45  GLY GLY A . n 
A 1 46  GLU 46  46  46  GLU GLU A . n 
A 1 47  VAL 47  47  47  VAL VAL A . n 
A 1 48  VAL 48  48  48  VAL VAL A . n 
A 1 49  GLU 49  49  49  GLU GLU A . n 
A 1 50  ASP 50  50  50  ASP ASP A . n 
A 1 51  GLN 51  51  51  GLN GLN A . n 
A 1 52  GLU 52  52  52  GLU GLU A . n 
A 1 53  LEU 53  53  53  LEU LEU A . n 
A 1 54  LEU 54  54  54  LEU LEU A . n 
A 1 55  LEU 55  55  55  LEU LEU A . n 
A 1 56  LEU 56  56  56  LEU LEU A . n 
A 1 57  VAL 57  57  57  VAL VAL A . n 
A 1 58  LYS 58  58  58  LYS LYS A . n 
A 1 59  THR 59  59  59  THR THR A . n 
A 1 60  THR 60  60  60  THR THR A . n 
A 1 61  THR 61  61  61  THR THR A . n 
A 1 62  HIS 62  62  62  HIS HIS A . n 
A 1 63  ALA 63  63  63  ALA ALA A . n 
A 1 64  PHE 64  64  64  PHE PHE A . n 
A 1 65  PRO 65  65  65  PRO PRO A . n 
A 1 66  LYS 66  66  66  LYS LYS A . n 
A 1 67  LEU 67  67  67  LEU LEU A . n 
A 1 68  LYS 68  68  68  LYS LYS A . n 
A 1 69  GLU 69  69  69  GLU GLU A . n 
A 1 70  ARG 70  70  70  ARG ARG A . n 
A 1 71  VAL 71  71  71  VAL VAL A . n 
A 1 72  LYS 72  72  72  LYS LYS A . n 
A 1 73  ALA 73  73  73  ALA ALA A . n 
A 1 74  LEU 74  74  74  LEU LEU A . n 
A 1 75  HIS 75  75  75  HIS HIS A . n 
A 1 76  PRO 76  76  76  PRO PRO A . n 
A 1 77  TYR 77  77  77  TYR TYR A . n 
A 1 78  THR 78  78  78  THR THR A . n 
A 1 79  VAL 79  79  79  VAL VAL A . n 
A 1 80  PRO 80  80  80  PRO PRO A . n 
A 1 81  GLU 81  81  81  GLU GLU A . n 
A 1 82  ILE 82  82  82  ILE ILE A . n 
A 1 83  VAL 83  83  83  VAL VAL A . n 
A 1 84  ALA 84  84  84  ALA ALA A . n 
A 1 85  LEU 85  85  85  LEU LEU A . n 
A 1 86  PRO 86  86  86  PRO PRO A . n 
A 1 87  ILE 87  87  87  ILE ILE A . n 
A 1 88  ALA 88  88  88  ALA ALA A . n 
A 1 89  GLU 89  89  89  GLU GLU A . n 
A 1 90  GLY 90  90  90  GLY GLY A . n 
A 1 91  ASN 91  91  91  ASN ASN A . n 
A 1 92  ARG 92  92  92  ARG ARG A . n 
A 1 93  GLU 93  93  93  GLU GLU A . n 
A 1 94  TYR 94  94  94  TYR TYR A . n 
A 1 95  LEU 95  95  95  LEU LEU A . n 
A 1 96  ASP 96  96  96  ASP ASP A . n 
A 1 97  TRP 97  97  97  TRP TRP A . n 
A 1 98  LEU 98  98  98  LEU LEU A . n 
A 1 99  ARG 99  99  99  ARG ARG A . n 
A 1 100 GLU 100 100 100 GLU GLU A . n 
A 1 101 ASN 101 101 101 ASN ASN A . n 
A 1 102 THR 102 102 102 THR THR A . n 
A 1 103 GLY 103 103 103 GLY GLY A . n 
# 
_pdbx_SG_project.id                    1 
_pdbx_SG_project.project_name          ? 
_pdbx_SG_project.full_name_of_center   'RIKEN Structural Genomics/Proteomics Initiative' 
_pdbx_SG_project.initial_of_center     RSGI 
# 
loop_
_pdbx_nonpoly_scheme.asym_id 
_pdbx_nonpoly_scheme.entity_id 
_pdbx_nonpoly_scheme.mon_id 
_pdbx_nonpoly_scheme.ndb_seq_num 
_pdbx_nonpoly_scheme.pdb_seq_num 
_pdbx_nonpoly_scheme.auth_seq_num 
_pdbx_nonpoly_scheme.pdb_mon_id 
_pdbx_nonpoly_scheme.auth_mon_id 
_pdbx_nonpoly_scheme.pdb_strand_id 
_pdbx_nonpoly_scheme.pdb_ins_code 
B 2 NA  1  104 104 NA  NA  A . 
C 2 NA  1  105 105 NA  NA  A . 
D 3 CL  1  108 108 CL  CL  A . 
E 3 CL  1  109 109 CL  CL  A . 
F 3 CL  1  110 110 CL  CL  A . 
G 3 CL  1  111 111 CL  CL  A . 
H 4 SO4 1  200 200 SO4 SO4 A . 
I 5 GOL 1  500 500 GOL GOL A . 
J 6 HOH 1  501 1   HOH HOH A . 
J 6 HOH 2  502 2   HOH HOH A . 
J 6 HOH 3  503 3   HOH HOH A . 
J 6 HOH 4  504 4   HOH HOH A . 
J 6 HOH 5  505 5   HOH HOH A . 
J 6 HOH 6  506 6   HOH HOH A . 
J 6 HOH 7  507 7   HOH HOH A . 
J 6 HOH 8  508 8   HOH HOH A . 
J 6 HOH 9  509 9   HOH HOH A . 
J 6 HOH 10 510 10  HOH HOH A . 
J 6 HOH 11 511 11  HOH HOH A . 
J 6 HOH 12 512 12  HOH HOH A . 
J 6 HOH 13 513 13  HOH HOH A . 
J 6 HOH 14 514 14  HOH HOH A . 
J 6 HOH 15 515 15  HOH HOH A . 
J 6 HOH 16 516 16  HOH HOH A . 
J 6 HOH 17 517 17  HOH HOH A . 
J 6 HOH 18 518 18  HOH HOH A . 
J 6 HOH 19 519 19  HOH HOH A . 
J 6 HOH 20 520 20  HOH HOH A . 
J 6 HOH 21 521 21  HOH HOH A . 
J 6 HOH 22 522 22  HOH HOH A . 
J 6 HOH 23 523 23  HOH HOH A . 
J 6 HOH 24 524 24  HOH HOH A . 
J 6 HOH 25 525 25  HOH HOH A . 
J 6 HOH 26 526 26  HOH HOH A . 
J 6 HOH 27 527 27  HOH HOH A . 
J 6 HOH 28 528 28  HOH HOH A . 
J 6 HOH 29 529 29  HOH HOH A . 
J 6 HOH 30 530 30  HOH HOH A . 
J 6 HOH 31 531 31  HOH HOH A . 
J 6 HOH 32 532 32  HOH HOH A . 
J 6 HOH 33 533 33  HOH HOH A . 
J 6 HOH 34 534 34  HOH HOH A . 
J 6 HOH 35 535 35  HOH HOH A . 
J 6 HOH 36 536 36  HOH HOH A . 
J 6 HOH 37 537 37  HOH HOH A . 
J 6 HOH 38 538 38  HOH HOH A . 
J 6 HOH 39 539 39  HOH HOH A . 
J 6 HOH 40 540 40  HOH HOH A . 
J 6 HOH 41 541 41  HOH HOH A . 
J 6 HOH 42 542 42  HOH HOH A . 
J 6 HOH 43 543 43  HOH HOH A . 
J 6 HOH 44 544 44  HOH HOH A . 
J 6 HOH 45 545 45  HOH HOH A . 
J 6 HOH 46 546 46  HOH HOH A . 
J 6 HOH 47 547 47  HOH HOH A . 
J 6 HOH 48 548 48  HOH HOH A . 
J 6 HOH 49 549 49  HOH HOH A . 
J 6 HOH 50 550 50  HOH HOH A . 
J 6 HOH 51 551 51  HOH HOH A . 
J 6 HOH 52 552 52  HOH HOH A . 
J 6 HOH 53 553 53  HOH HOH A . 
J 6 HOH 54 554 54  HOH HOH A . 
J 6 HOH 55 555 55  HOH HOH A . 
J 6 HOH 56 556 56  HOH HOH A . 
J 6 HOH 57 557 57  HOH HOH A . 
J 6 HOH 58 558 58  HOH HOH A . 
J 6 HOH 59 559 59  HOH HOH A . 
J 6 HOH 60 560 60  HOH HOH A . 
J 6 HOH 61 561 61  HOH HOH A . 
J 6 HOH 62 562 62  HOH HOH A . 
J 6 HOH 63 563 63  HOH HOH A . 
J 6 HOH 64 564 64  HOH HOH A . 
J 6 HOH 65 565 65  HOH HOH A . 
J 6 HOH 66 566 66  HOH HOH A . 
J 6 HOH 67 567 67  HOH HOH A . 
J 6 HOH 68 568 68  HOH HOH A . 
J 6 HOH 69 569 69  HOH HOH A . 
J 6 HOH 70 570 70  HOH HOH A . 
J 6 HOH 71 571 71  HOH HOH A . 
J 6 HOH 72 572 72  HOH HOH A . 
J 6 HOH 73 573 73  HOH HOH A . 
J 6 HOH 74 574 74  HOH HOH A . 
J 6 HOH 75 575 75  HOH HOH A . 
J 6 HOH 76 576 76  HOH HOH A . 
J 6 HOH 77 577 77  HOH HOH A . 
J 6 HOH 78 578 78  HOH HOH A . 
J 6 HOH 79 579 79  HOH HOH A . 
J 6 HOH 80 580 80  HOH HOH A . 
J 6 HOH 81 581 81  HOH HOH A . 
J 6 HOH 82 582 82  HOH HOH A . 
J 6 HOH 83 583 83  HOH HOH A . 
J 6 HOH 84 584 84  HOH HOH A . 
# 
loop_
_pdbx_struct_assembly.id 
_pdbx_struct_assembly.details 
_pdbx_struct_assembly.method_details 
_pdbx_struct_assembly.oligomeric_details 
_pdbx_struct_assembly.oligomeric_count 
1 author_and_software_defined_assembly PISA trimeric    3  
2 software_defined_assembly            PQS  dodecameric 12 
# 
loop_
_pdbx_struct_assembly_gen.assembly_id 
_pdbx_struct_assembly_gen.oper_expression 
_pdbx_struct_assembly_gen.asym_id_list 
1 1,2,3                      A,B,C,D,E,F,G,H,I,J 
2 1,4,5,6,7,8,9,2,10,11,3,12 A,B,C,D,E,F,G,H,I,J 
# 
loop_
_pdbx_struct_assembly_prop.biol_id 
_pdbx_struct_assembly_prop.type 
_pdbx_struct_assembly_prop.value 
_pdbx_struct_assembly_prop.details 
1 'ABSA (A^2)' 10140 ? 
1 MORE         -219  ? 
1 'SSA (A^2)'  12380 ? 
# 
loop_
_pdbx_struct_oper_list.id 
_pdbx_struct_oper_list.type 
_pdbx_struct_oper_list.name 
_pdbx_struct_oper_list.symmetry_operation 
_pdbx_struct_oper_list.matrix[1][1] 
_pdbx_struct_oper_list.matrix[1][2] 
_pdbx_struct_oper_list.matrix[1][3] 
_pdbx_struct_oper_list.vector[1] 
_pdbx_struct_oper_list.matrix[2][1] 
_pdbx_struct_oper_list.matrix[2][2] 
_pdbx_struct_oper_list.matrix[2][3] 
_pdbx_struct_oper_list.vector[2] 
_pdbx_struct_oper_list.matrix[3][1] 
_pdbx_struct_oper_list.matrix[3][2] 
_pdbx_struct_oper_list.matrix[3][3] 
_pdbx_struct_oper_list.vector[3] 
1  'identity operation'         1_555  x,y,z       1.0000000000  0.0000000000  0.0000000000  0.0000000000   0.0000000000  1.0000000000  0.0000000000  0.0000000000  0.0000000000  0.0000000000  1.0000000000  0.0000000000   
2  'crystal symmetry operation' 8_656  -z+1,x,-y+1 0.2391861930  -0.9349675592 0.2619649373  9.5616848794   -0.4375049905 0.1370793034  0.8887061651  2.9611130933  -0.8668214051 -0.3271772117 -0.3762654964 16.6513627416  
3  'crystal symmetry operation' 11_566 y,-z+1,-x+1 0.2391861930  -0.4375049905 -0.8668214051 13.4422363999  -0.9349675592 0.1370793034  -0.3271772117 13.9819042861 0.2619649373  0.8887061651  -0.3762654964 1.1289476260   
4  'crystal symmetry operation' 2_665  -x+1,-y+1,z -0.9831585749 -0.1718514895 0.0621794357  -16.1209087666 -0.1718514895 0.7535887968  -0.6344848232 11.9352046479 0.0621794357  -0.6344848232 -0.7704302219 37.3528924164  
5  'crystal symmetry operation' 3_656  -x+1,y,-z+1 -0.9619460722 -0.0896602856 -0.2581100297 -13.5379399378 -0.0896602856 -0.7887480406 0.6081427148  30.0163584471 -0.2581100297 0.6081427148  0.7506941128  -12.4227914152 
6  'crystal symmetry operation' 4_566  x,-y+1,-z+1 0.9451046470  0.2615117751  0.1959305940  -8.7417650987  0.2615117751  -0.9648407562 0.0263421084  44.7637838522 0.1959305940  0.0263421084  -0.9802638908 27.0370810143  
7  'crystal symmetry operation' 5_555  z,x,y       0.0328779022  0.9715455215  -0.2345598927 -27.2991431283 -0.2035154209 -0.2232620114 -0.9532762180 36.9498878427 -0.9785195537 0.0790782775  0.1903841092  -0.5898988480  
8  'crystal symmetry operation' 6_566  z,-x+1,-y+1 -0.2138705382 0.8753203961  -0.4336745289 -24.9950606019 0.1791816630  0.4715659703  0.8634346919  1.9584395674  0.9602881466  0.1069567190  -0.2576954321 23.2399381768  
9  'crystal symmetry operation' 7_665  -z+1,-x+1,y -0.0581935570 -0.9118983584 0.4062694842  4.3319050477   0.4618387484  -0.3853832624 -0.7988646391 44.8459064437 0.8850528122  0.1411422152  0.4435768194  12.6657799452  
10 'crystal symmetry operation' 9_555  y,z,x       0.0328779022  -0.2035154209 -0.9785195537 7.8401829772   0.9715455215  -0.2232620114 0.0790782775  34.8185147106 -0.2345598927 -0.9532762180 0.1903841092  28.9324726219  
11 'crystal symmetry operation' 10_656 -y+1,z,-x+1 -0.0581935570 0.4618387484  0.8850528122  -31.6693724993 -0.9118983584 -0.3853832624 0.1411422152  19.4454425940 0.4062694842  -0.7988646391 0.4435768194  28.4476416517  
12 'crystal symmetry operation' 12_665 -y+1,-z+1,x -0.2138705382 0.1791816630  0.9602881466  -28.0136606809 0.8753203961  0.4715659703  0.1069567190  18.4694853566 -0.4336745289 0.8634346919  -0.2576954321 -6.5418798840  
# 
loop_
_pdbx_struct_special_symmetry.id 
_pdbx_struct_special_symmetry.PDB_model_num 
_pdbx_struct_special_symmetry.auth_asym_id 
_pdbx_struct_special_symmetry.auth_comp_id 
_pdbx_struct_special_symmetry.auth_seq_id 
_pdbx_struct_special_symmetry.PDB_ins_code 
_pdbx_struct_special_symmetry.label_asym_id 
_pdbx_struct_special_symmetry.label_comp_id 
_pdbx_struct_special_symmetry.label_seq_id 
1 1 A NA  105 ? C NA  . 
2 1 A HOH 577 ? J HOH . 
3 1 A HOH 581 ? J HOH . 
# 
loop_
_pdbx_struct_conn_angle.id 
_pdbx_struct_conn_angle.ptnr1_label_atom_id 
_pdbx_struct_conn_angle.ptnr1_label_alt_id 
_pdbx_struct_conn_angle.ptnr1_label_asym_id 
_pdbx_struct_conn_angle.ptnr1_label_comp_id 
_pdbx_struct_conn_angle.ptnr1_label_seq_id 
_pdbx_struct_conn_angle.ptnr1_auth_atom_id 
_pdbx_struct_conn_angle.ptnr1_auth_asym_id 
_pdbx_struct_conn_angle.ptnr1_auth_comp_id 
_pdbx_struct_conn_angle.ptnr1_auth_seq_id 
_pdbx_struct_conn_angle.ptnr1_PDB_ins_code 
_pdbx_struct_conn_angle.ptnr1_symmetry 
_pdbx_struct_conn_angle.ptnr2_label_atom_id 
_pdbx_struct_conn_angle.ptnr2_label_alt_id 
_pdbx_struct_conn_angle.ptnr2_label_asym_id 
_pdbx_struct_conn_angle.ptnr2_label_comp_id 
_pdbx_struct_conn_angle.ptnr2_label_seq_id 
_pdbx_struct_conn_angle.ptnr2_auth_atom_id 
_pdbx_struct_conn_angle.ptnr2_auth_asym_id 
_pdbx_struct_conn_angle.ptnr2_auth_comp_id 
_pdbx_struct_conn_angle.ptnr2_auth_seq_id 
_pdbx_struct_conn_angle.ptnr2_PDB_ins_code 
_pdbx_struct_conn_angle.ptnr2_symmetry 
_pdbx_struct_conn_angle.ptnr3_label_atom_id 
_pdbx_struct_conn_angle.ptnr3_label_alt_id 
_pdbx_struct_conn_angle.ptnr3_label_asym_id 
_pdbx_struct_conn_angle.ptnr3_label_comp_id 
_pdbx_struct_conn_angle.ptnr3_label_seq_id 
_pdbx_struct_conn_angle.ptnr3_auth_atom_id 
_pdbx_struct_conn_angle.ptnr3_auth_asym_id 
_pdbx_struct_conn_angle.ptnr3_auth_comp_id 
_pdbx_struct_conn_angle.ptnr3_auth_seq_id 
_pdbx_struct_conn_angle.ptnr3_PDB_ins_code 
_pdbx_struct_conn_angle.ptnr3_symmetry 
_pdbx_struct_conn_angle.value 
_pdbx_struct_conn_angle.value_esd 
1  OG1 ? A THR 8  ? A THR 8   ? 1_555 NA ? B NA . ? A NA 104 ? 1_555 OE1 ? A GLU 52 ? A GLU 52  ? 1_555 93.4  ? 
2  OG1 ? A THR 8  ? A THR 8   ? 1_555 NA ? B NA . ? A NA 104 ? 1_555 OE2 ? A GLU 52 ? A GLU 52  ? 1_555 96.4  ? 
3  OE1 ? A GLU 52 ? A GLU 52  ? 1_555 NA ? B NA . ? A NA 104 ? 1_555 OE2 ? A GLU 52 ? A GLU 52  ? 1_555 54.0  ? 
4  OG1 ? A THR 8  ? A THR 8   ? 1_555 NA ? B NA . ? A NA 104 ? 1_555 O   ? J HOH .  ? A HOH 510 ? 1_555 175.5 ? 
5  OE1 ? A GLU 52 ? A GLU 52  ? 1_555 NA ? B NA . ? A NA 104 ? 1_555 O   ? J HOH .  ? A HOH 510 ? 1_555 86.0  ? 
6  OE2 ? A GLU 52 ? A GLU 52  ? 1_555 NA ? B NA . ? A NA 104 ? 1_555 O   ? J HOH .  ? A HOH 510 ? 1_555 86.9  ? 
7  OG1 ? A THR 8  ? A THR 8   ? 1_555 NA ? B NA . ? A NA 104 ? 1_555 O   ? J HOH .  ? A HOH 520 ? 1_555 84.8  ? 
8  OE1 ? A GLU 52 ? A GLU 52  ? 1_555 NA ? B NA . ? A NA 104 ? 1_555 O   ? J HOH .  ? A HOH 520 ? 1_555 97.2  ? 
9  OE2 ? A GLU 52 ? A GLU 52  ? 1_555 NA ? B NA . ? A NA 104 ? 1_555 O   ? J HOH .  ? A HOH 520 ? 1_555 151.1 ? 
10 O   ? J HOH .  ? A HOH 510 ? 1_555 NA ? B NA . ? A NA 104 ? 1_555 O   ? J HOH .  ? A HOH 520 ? 1_555 90.8  ? 
11 OD1 ? A ASP 50 ? A ASP 50  ? 1_555 NA ? C NA . ? A NA 105 ? 1_555 OD1 ? A ASP 50 ? A ASP 50  ? 3_656 179.1 ? 
12 OD1 ? A ASP 50 ? A ASP 50  ? 1_555 NA ? C NA . ? A NA 105 ? 1_555 O   ? J HOH .  ? A HOH 501 ? 1_555 99.0  ? 
13 OD1 ? A ASP 50 ? A ASP 50  ? 3_656 NA ? C NA . ? A NA 105 ? 1_555 O   ? J HOH .  ? A HOH 501 ? 1_555 81.3  ? 
14 OD1 ? A ASP 50 ? A ASP 50  ? 1_555 NA ? C NA . ? A NA 105 ? 1_555 O   ? J HOH .  ? A HOH 501 ? 3_656 80.9  ? 
15 OD1 ? A ASP 50 ? A ASP 50  ? 3_656 NA ? C NA . ? A NA 105 ? 1_555 O   ? J HOH .  ? A HOH 501 ? 3_656 98.2  ? 
16 O   ? J HOH .  ? A HOH 501 ? 1_555 NA ? C NA . ? A NA 105 ? 1_555 O   ? J HOH .  ? A HOH 501 ? 3_656 89.3  ? 
17 OD1 ? A ASP 50 ? A ASP 50  ? 1_555 NA ? C NA . ? A NA 105 ? 1_555 O   ? J HOH .  ? A HOH 502 ? 1_555 89.0  ? 
18 OD1 ? A ASP 50 ? A ASP 50  ? 3_656 NA ? C NA . ? A NA 105 ? 1_555 O   ? J HOH .  ? A HOH 502 ? 1_555 91.9  ? 
19 O   ? J HOH .  ? A HOH 501 ? 1_555 NA ? C NA . ? A NA 105 ? 1_555 O   ? J HOH .  ? A HOH 502 ? 1_555 89.0  ? 
20 O   ? J HOH .  ? A HOH 501 ? 3_656 NA ? C NA . ? A NA 105 ? 1_555 O   ? J HOH .  ? A HOH 502 ? 1_555 169.4 ? 
21 OD1 ? A ASP 50 ? A ASP 50  ? 1_555 NA ? C NA . ? A NA 105 ? 1_555 O   ? J HOH .  ? A HOH 502 ? 3_656 91.4  ? 
22 OD1 ? A ASP 50 ? A ASP 50  ? 3_656 NA ? C NA . ? A NA 105 ? 1_555 O   ? J HOH .  ? A HOH 502 ? 3_656 88.3  ? 
23 O   ? J HOH .  ? A HOH 501 ? 1_555 NA ? C NA . ? A NA 105 ? 1_555 O   ? J HOH .  ? A HOH 502 ? 3_656 168.8 ? 
24 O   ? J HOH .  ? A HOH 501 ? 3_656 NA ? C NA . ? A NA 105 ? 1_555 O   ? J HOH .  ? A HOH 502 ? 3_656 88.0  ? 
25 O   ? J HOH .  ? A HOH 502 ? 1_555 NA ? C NA . ? A NA 105 ? 1_555 O   ? J HOH .  ? A HOH 502 ? 3_656 95.5  ? 
# 
loop_
_pdbx_audit_revision_history.ordinal 
_pdbx_audit_revision_history.data_content_type 
_pdbx_audit_revision_history.major_revision 
_pdbx_audit_revision_history.minor_revision 
_pdbx_audit_revision_history.revision_date 
1 'Structure model' 1 0 2003-03-11 
2 'Structure model' 1 1 2008-04-29 
3 'Structure model' 1 2 2011-07-13 
4 'Structure model' 1 3 2014-05-07 
5 'Structure model' 1 4 2023-10-25 
# 
_pdbx_audit_revision_details.ordinal             1 
_pdbx_audit_revision_details.revision_ordinal    1 
_pdbx_audit_revision_details.data_content_type   'Structure model' 
_pdbx_audit_revision_details.provider            repository 
_pdbx_audit_revision_details.type                'Initial release' 
_pdbx_audit_revision_details.description         ? 
_pdbx_audit_revision_details.details             ? 
# 
loop_
_pdbx_audit_revision_group.ordinal 
_pdbx_audit_revision_group.revision_ordinal 
_pdbx_audit_revision_group.data_content_type 
_pdbx_audit_revision_group.group 
1 2 'Structure model' 'Version format compliance' 
2 3 'Structure model' 'Derived calculations'      
3 3 'Structure model' 'Version format compliance' 
4 4 'Structure model' 'Database references'       
5 5 'Structure model' 'Data collection'           
6 5 'Structure model' 'Database references'       
7 5 'Structure model' 'Derived calculations'      
8 5 'Structure model' 'Refinement description'    
# 
loop_
_pdbx_audit_revision_category.ordinal 
_pdbx_audit_revision_category.revision_ordinal 
_pdbx_audit_revision_category.data_content_type 
_pdbx_audit_revision_category.category 
1 5 'Structure model' chem_comp_atom                
2 5 'Structure model' chem_comp_bond                
3 5 'Structure model' database_2                    
4 5 'Structure model' pdbx_initial_refinement_model 
5 5 'Structure model' pdbx_struct_conn_angle        
6 5 'Structure model' struct_conn                   
7 5 'Structure model' struct_site                   
# 
loop_
_pdbx_audit_revision_item.ordinal 
_pdbx_audit_revision_item.revision_ordinal 
_pdbx_audit_revision_item.data_content_type 
_pdbx_audit_revision_item.item 
1  5 'Structure model' '_database_2.pdbx_DOI'                        
2  5 'Structure model' '_database_2.pdbx_database_accession'         
3  5 'Structure model' '_pdbx_struct_conn_angle.ptnr1_auth_comp_id'  
4  5 'Structure model' '_pdbx_struct_conn_angle.ptnr1_auth_seq_id'   
5  5 'Structure model' '_pdbx_struct_conn_angle.ptnr1_label_asym_id' 
6  5 'Structure model' '_pdbx_struct_conn_angle.ptnr1_label_atom_id' 
7  5 'Structure model' '_pdbx_struct_conn_angle.ptnr1_label_comp_id' 
8  5 'Structure model' '_pdbx_struct_conn_angle.ptnr1_label_seq_id'  
9  5 'Structure model' '_pdbx_struct_conn_angle.ptnr1_symmetry'      
10 5 'Structure model' '_pdbx_struct_conn_angle.ptnr3_auth_comp_id'  
11 5 'Structure model' '_pdbx_struct_conn_angle.ptnr3_auth_seq_id'   
12 5 'Structure model' '_pdbx_struct_conn_angle.ptnr3_label_asym_id' 
13 5 'Structure model' '_pdbx_struct_conn_angle.ptnr3_label_atom_id' 
14 5 'Structure model' '_pdbx_struct_conn_angle.ptnr3_label_comp_id' 
15 5 'Structure model' '_pdbx_struct_conn_angle.ptnr3_label_seq_id'  
16 5 'Structure model' '_pdbx_struct_conn_angle.ptnr3_symmetry'      
17 5 'Structure model' '_pdbx_struct_conn_angle.value'               
18 5 'Structure model' '_struct_conn.pdbx_dist_value'                
19 5 'Structure model' '_struct_conn.ptnr1_auth_comp_id'             
20 5 'Structure model' '_struct_conn.ptnr1_auth_seq_id'              
21 5 'Structure model' '_struct_conn.ptnr1_label_asym_id'            
22 5 'Structure model' '_struct_conn.ptnr1_label_atom_id'            
23 5 'Structure model' '_struct_conn.ptnr1_label_comp_id'            
24 5 'Structure model' '_struct_conn.ptnr1_label_seq_id'             
25 5 'Structure model' '_struct_conn.ptnr1_symmetry'                 
26 5 'Structure model' '_struct_conn.ptnr2_auth_comp_id'             
27 5 'Structure model' '_struct_conn.ptnr2_auth_seq_id'              
28 5 'Structure model' '_struct_conn.ptnr2_label_asym_id'            
29 5 'Structure model' '_struct_conn.ptnr2_label_atom_id'            
30 5 'Structure model' '_struct_conn.ptnr2_label_comp_id'            
31 5 'Structure model' '_struct_conn.ptnr2_label_seq_id'             
32 5 'Structure model' '_struct_conn.ptnr2_symmetry'                 
33 5 'Structure model' '_struct_site.pdbx_auth_asym_id'              
34 5 'Structure model' '_struct_site.pdbx_auth_comp_id'              
35 5 'Structure model' '_struct_site.pdbx_auth_seq_id'               
# 
loop_
_software.name 
_software.classification 
_software.version 
_software.citation_id 
_software.pdbx_ordinal 
HKL-2000  'data collection' .   ? 1 
SCALEPACK 'data scaling'    .   ? 2 
CNS       refinement        1.1 ? 3 
HKL-2000  'data reduction'  .   ? 4 
CNS       phasing           1.1 ? 5 
# 
loop_
_pdbx_validate_torsion.id 
_pdbx_validate_torsion.PDB_model_num 
_pdbx_validate_torsion.auth_comp_id 
_pdbx_validate_torsion.auth_asym_id 
_pdbx_validate_torsion.auth_seq_id 
_pdbx_validate_torsion.PDB_ins_code 
_pdbx_validate_torsion.label_alt_id 
_pdbx_validate_torsion.phi 
_pdbx_validate_torsion.psi 
1 1 THR A 59 ? ? -146.21 -159.82 
2 1 VAL A 79 ? ? -113.60 76.47   
# 
loop_
_chem_comp_atom.comp_id 
_chem_comp_atom.atom_id 
_chem_comp_atom.type_symbol 
_chem_comp_atom.pdbx_aromatic_flag 
_chem_comp_atom.pdbx_stereo_config 
_chem_comp_atom.pdbx_ordinal 
ALA N    N  N N 1   
ALA CA   C  N S 2   
ALA C    C  N N 3   
ALA O    O  N N 4   
ALA CB   C  N N 5   
ALA OXT  O  N N 6   
ALA H    H  N N 7   
ALA H2   H  N N 8   
ALA HA   H  N N 9   
ALA HB1  H  N N 10  
ALA HB2  H  N N 11  
ALA HB3  H  N N 12  
ALA HXT  H  N N 13  
ARG N    N  N N 14  
ARG CA   C  N S 15  
ARG C    C  N N 16  
ARG O    O  N N 17  
ARG CB   C  N N 18  
ARG CG   C  N N 19  
ARG CD   C  N N 20  
ARG NE   N  N N 21  
ARG CZ   C  N N 22  
ARG NH1  N  N N 23  
ARG NH2  N  N N 24  
ARG OXT  O  N N 25  
ARG H    H  N N 26  
ARG H2   H  N N 27  
ARG HA   H  N N 28  
ARG HB2  H  N N 29  
ARG HB3  H  N N 30  
ARG HG2  H  N N 31  
ARG HG3  H  N N 32  
ARG HD2  H  N N 33  
ARG HD3  H  N N 34  
ARG HE   H  N N 35  
ARG HH11 H  N N 36  
ARG HH12 H  N N 37  
ARG HH21 H  N N 38  
ARG HH22 H  N N 39  
ARG HXT  H  N N 40  
ASN N    N  N N 41  
ASN CA   C  N S 42  
ASN C    C  N N 43  
ASN O    O  N N 44  
ASN CB   C  N N 45  
ASN CG   C  N N 46  
ASN OD1  O  N N 47  
ASN ND2  N  N N 48  
ASN OXT  O  N N 49  
ASN H    H  N N 50  
ASN H2   H  N N 51  
ASN HA   H  N N 52  
ASN HB2  H  N N 53  
ASN HB3  H  N N 54  
ASN HD21 H  N N 55  
ASN HD22 H  N N 56  
ASN HXT  H  N N 57  
ASP N    N  N N 58  
ASP CA   C  N S 59  
ASP C    C  N N 60  
ASP O    O  N N 61  
ASP CB   C  N N 62  
ASP CG   C  N N 63  
ASP OD1  O  N N 64  
ASP OD2  O  N N 65  
ASP OXT  O  N N 66  
ASP H    H  N N 67  
ASP H2   H  N N 68  
ASP HA   H  N N 69  
ASP HB2  H  N N 70  
ASP HB3  H  N N 71  
ASP HD2  H  N N 72  
ASP HXT  H  N N 73  
CL  CL   CL N N 74  
CYS N    N  N N 75  
CYS CA   C  N R 76  
CYS C    C  N N 77  
CYS O    O  N N 78  
CYS CB   C  N N 79  
CYS SG   S  N N 80  
CYS OXT  O  N N 81  
CYS H    H  N N 82  
CYS H2   H  N N 83  
CYS HA   H  N N 84  
CYS HB2  H  N N 85  
CYS HB3  H  N N 86  
CYS HG   H  N N 87  
CYS HXT  H  N N 88  
GLN N    N  N N 89  
GLN CA   C  N S 90  
GLN C    C  N N 91  
GLN O    O  N N 92  
GLN CB   C  N N 93  
GLN CG   C  N N 94  
GLN CD   C  N N 95  
GLN OE1  O  N N 96  
GLN NE2  N  N N 97  
GLN OXT  O  N N 98  
GLN H    H  N N 99  
GLN H2   H  N N 100 
GLN HA   H  N N 101 
GLN HB2  H  N N 102 
GLN HB3  H  N N 103 
GLN HG2  H  N N 104 
GLN HG3  H  N N 105 
GLN HE21 H  N N 106 
GLN HE22 H  N N 107 
GLN HXT  H  N N 108 
GLU N    N  N N 109 
GLU CA   C  N S 110 
GLU C    C  N N 111 
GLU O    O  N N 112 
GLU CB   C  N N 113 
GLU CG   C  N N 114 
GLU CD   C  N N 115 
GLU OE1  O  N N 116 
GLU OE2  O  N N 117 
GLU OXT  O  N N 118 
GLU H    H  N N 119 
GLU H2   H  N N 120 
GLU HA   H  N N 121 
GLU HB2  H  N N 122 
GLU HB3  H  N N 123 
GLU HG2  H  N N 124 
GLU HG3  H  N N 125 
GLU HE2  H  N N 126 
GLU HXT  H  N N 127 
GLY N    N  N N 128 
GLY CA   C  N N 129 
GLY C    C  N N 130 
GLY O    O  N N 131 
GLY OXT  O  N N 132 
GLY H    H  N N 133 
GLY H2   H  N N 134 
GLY HA2  H  N N 135 
GLY HA3  H  N N 136 
GLY HXT  H  N N 137 
GOL C1   C  N N 138 
GOL O1   O  N N 139 
GOL C2   C  N N 140 
GOL O2   O  N N 141 
GOL C3   C  N N 142 
GOL O3   O  N N 143 
GOL H11  H  N N 144 
GOL H12  H  N N 145 
GOL HO1  H  N N 146 
GOL H2   H  N N 147 
GOL HO2  H  N N 148 
GOL H31  H  N N 149 
GOL H32  H  N N 150 
GOL HO3  H  N N 151 
HIS N    N  N N 152 
HIS CA   C  N S 153 
HIS C    C  N N 154 
HIS O    O  N N 155 
HIS CB   C  N N 156 
HIS CG   C  Y N 157 
HIS ND1  N  Y N 158 
HIS CD2  C  Y N 159 
HIS CE1  C  Y N 160 
HIS NE2  N  Y N 161 
HIS OXT  O  N N 162 
HIS H    H  N N 163 
HIS H2   H  N N 164 
HIS HA   H  N N 165 
HIS HB2  H  N N 166 
HIS HB3  H  N N 167 
HIS HD1  H  N N 168 
HIS HD2  H  N N 169 
HIS HE1  H  N N 170 
HIS HE2  H  N N 171 
HIS HXT  H  N N 172 
HOH O    O  N N 173 
HOH H1   H  N N 174 
HOH H2   H  N N 175 
ILE N    N  N N 176 
ILE CA   C  N S 177 
ILE C    C  N N 178 
ILE O    O  N N 179 
ILE CB   C  N S 180 
ILE CG1  C  N N 181 
ILE CG2  C  N N 182 
ILE CD1  C  N N 183 
ILE OXT  O  N N 184 
ILE H    H  N N 185 
ILE H2   H  N N 186 
ILE HA   H  N N 187 
ILE HB   H  N N 188 
ILE HG12 H  N N 189 
ILE HG13 H  N N 190 
ILE HG21 H  N N 191 
ILE HG22 H  N N 192 
ILE HG23 H  N N 193 
ILE HD11 H  N N 194 
ILE HD12 H  N N 195 
ILE HD13 H  N N 196 
ILE HXT  H  N N 197 
LEU N    N  N N 198 
LEU CA   C  N S 199 
LEU C    C  N N 200 
LEU O    O  N N 201 
LEU CB   C  N N 202 
LEU CG   C  N N 203 
LEU CD1  C  N N 204 
LEU CD2  C  N N 205 
LEU OXT  O  N N 206 
LEU H    H  N N 207 
LEU H2   H  N N 208 
LEU HA   H  N N 209 
LEU HB2  H  N N 210 
LEU HB3  H  N N 211 
LEU HG   H  N N 212 
LEU HD11 H  N N 213 
LEU HD12 H  N N 214 
LEU HD13 H  N N 215 
LEU HD21 H  N N 216 
LEU HD22 H  N N 217 
LEU HD23 H  N N 218 
LEU HXT  H  N N 219 
LYS N    N  N N 220 
LYS CA   C  N S 221 
LYS C    C  N N 222 
LYS O    O  N N 223 
LYS CB   C  N N 224 
LYS CG   C  N N 225 
LYS CD   C  N N 226 
LYS CE   C  N N 227 
LYS NZ   N  N N 228 
LYS OXT  O  N N 229 
LYS H    H  N N 230 
LYS H2   H  N N 231 
LYS HA   H  N N 232 
LYS HB2  H  N N 233 
LYS HB3  H  N N 234 
LYS HG2  H  N N 235 
LYS HG3  H  N N 236 
LYS HD2  H  N N 237 
LYS HD3  H  N N 238 
LYS HE2  H  N N 239 
LYS HE3  H  N N 240 
LYS HZ1  H  N N 241 
LYS HZ2  H  N N 242 
LYS HZ3  H  N N 243 
LYS HXT  H  N N 244 
MET N    N  N N 245 
MET CA   C  N S 246 
MET C    C  N N 247 
MET O    O  N N 248 
MET CB   C  N N 249 
MET CG   C  N N 250 
MET SD   S  N N 251 
MET CE   C  N N 252 
MET OXT  O  N N 253 
MET H    H  N N 254 
MET H2   H  N N 255 
MET HA   H  N N 256 
MET HB2  H  N N 257 
MET HB3  H  N N 258 
MET HG2  H  N N 259 
MET HG3  H  N N 260 
MET HE1  H  N N 261 
MET HE2  H  N N 262 
MET HE3  H  N N 263 
MET HXT  H  N N 264 
NA  NA   NA N N 265 
PHE N    N  N N 266 
PHE CA   C  N S 267 
PHE C    C  N N 268 
PHE O    O  N N 269 
PHE CB   C  N N 270 
PHE CG   C  Y N 271 
PHE CD1  C  Y N 272 
PHE CD2  C  Y N 273 
PHE CE1  C  Y N 274 
PHE CE2  C  Y N 275 
PHE CZ   C  Y N 276 
PHE OXT  O  N N 277 
PHE H    H  N N 278 
PHE H2   H  N N 279 
PHE HA   H  N N 280 
PHE HB2  H  N N 281 
PHE HB3  H  N N 282 
PHE HD1  H  N N 283 
PHE HD2  H  N N 284 
PHE HE1  H  N N 285 
PHE HE2  H  N N 286 
PHE HZ   H  N N 287 
PHE HXT  H  N N 288 
PRO N    N  N N 289 
PRO CA   C  N S 290 
PRO C    C  N N 291 
PRO O    O  N N 292 
PRO CB   C  N N 293 
PRO CG   C  N N 294 
PRO CD   C  N N 295 
PRO OXT  O  N N 296 
PRO H    H  N N 297 
PRO HA   H  N N 298 
PRO HB2  H  N N 299 
PRO HB3  H  N N 300 
PRO HG2  H  N N 301 
PRO HG3  H  N N 302 
PRO HD2  H  N N 303 
PRO HD3  H  N N 304 
PRO HXT  H  N N 305 
SER N    N  N N 306 
SER CA   C  N S 307 
SER C    C  N N 308 
SER O    O  N N 309 
SER CB   C  N N 310 
SER OG   O  N N 311 
SER OXT  O  N N 312 
SER H    H  N N 313 
SER H2   H  N N 314 
SER HA   H  N N 315 
SER HB2  H  N N 316 
SER HB3  H  N N 317 
SER HG   H  N N 318 
SER HXT  H  N N 319 
SO4 S    S  N N 320 
SO4 O1   O  N N 321 
SO4 O2   O  N N 322 
SO4 O3   O  N N 323 
SO4 O4   O  N N 324 
THR N    N  N N 325 
THR CA   C  N S 326 
THR C    C  N N 327 
THR O    O  N N 328 
THR CB   C  N R 329 
THR OG1  O  N N 330 
THR CG2  C  N N 331 
THR OXT  O  N N 332 
THR H    H  N N 333 
THR H2   H  N N 334 
THR HA   H  N N 335 
THR HB   H  N N 336 
THR HG1  H  N N 337 
THR HG21 H  N N 338 
THR HG22 H  N N 339 
THR HG23 H  N N 340 
THR HXT  H  N N 341 
TRP N    N  N N 342 
TRP CA   C  N S 343 
TRP C    C  N N 344 
TRP O    O  N N 345 
TRP CB   C  N N 346 
TRP CG   C  Y N 347 
TRP CD1  C  Y N 348 
TRP CD2  C  Y N 349 
TRP NE1  N  Y N 350 
TRP CE2  C  Y N 351 
TRP CE3  C  Y N 352 
TRP CZ2  C  Y N 353 
TRP CZ3  C  Y N 354 
TRP CH2  C  Y N 355 
TRP OXT  O  N N 356 
TRP H    H  N N 357 
TRP H2   H  N N 358 
TRP HA   H  N N 359 
TRP HB2  H  N N 360 
TRP HB3  H  N N 361 
TRP HD1  H  N N 362 
TRP HE1  H  N N 363 
TRP HE3  H  N N 364 
TRP HZ2  H  N N 365 
TRP HZ3  H  N N 366 
TRP HH2  H  N N 367 
TRP HXT  H  N N 368 
TYR N    N  N N 369 
TYR CA   C  N S 370 
TYR C    C  N N 371 
TYR O    O  N N 372 
TYR CB   C  N N 373 
TYR CG   C  Y N 374 
TYR CD1  C  Y N 375 
TYR CD2  C  Y N 376 
TYR CE1  C  Y N 377 
TYR CE2  C  Y N 378 
TYR CZ   C  Y N 379 
TYR OH   O  N N 380 
TYR OXT  O  N N 381 
TYR H    H  N N 382 
TYR H2   H  N N 383 
TYR HA   H  N N 384 
TYR HB2  H  N N 385 
TYR HB3  H  N N 386 
TYR HD1  H  N N 387 
TYR HD2  H  N N 388 
TYR HE1  H  N N 389 
TYR HE2  H  N N 390 
TYR HH   H  N N 391 
TYR HXT  H  N N 392 
VAL N    N  N N 393 
VAL CA   C  N S 394 
VAL C    C  N N 395 
VAL O    O  N N 396 
VAL CB   C  N N 397 
VAL CG1  C  N N 398 
VAL CG2  C  N N 399 
VAL OXT  O  N N 400 
VAL H    H  N N 401 
VAL H2   H  N N 402 
VAL HA   H  N N 403 
VAL HB   H  N N 404 
VAL HG11 H  N N 405 
VAL HG12 H  N N 406 
VAL HG13 H  N N 407 
VAL HG21 H  N N 408 
VAL HG22 H  N N 409 
VAL HG23 H  N N 410 
VAL HXT  H  N N 411 
# 
loop_
_chem_comp_bond.comp_id 
_chem_comp_bond.atom_id_1 
_chem_comp_bond.atom_id_2 
_chem_comp_bond.value_order 
_chem_comp_bond.pdbx_aromatic_flag 
_chem_comp_bond.pdbx_stereo_config 
_chem_comp_bond.pdbx_ordinal 
ALA N   CA   sing N N 1   
ALA N   H    sing N N 2   
ALA N   H2   sing N N 3   
ALA CA  C    sing N N 4   
ALA CA  CB   sing N N 5   
ALA CA  HA   sing N N 6   
ALA C   O    doub N N 7   
ALA C   OXT  sing N N 8   
ALA CB  HB1  sing N N 9   
ALA CB  HB2  sing N N 10  
ALA CB  HB3  sing N N 11  
ALA OXT HXT  sing N N 12  
ARG N   CA   sing N N 13  
ARG N   H    sing N N 14  
ARG N   H2   sing N N 15  
ARG CA  C    sing N N 16  
ARG CA  CB   sing N N 17  
ARG CA  HA   sing N N 18  
ARG C   O    doub N N 19  
ARG C   OXT  sing N N 20  
ARG CB  CG   sing N N 21  
ARG CB  HB2  sing N N 22  
ARG CB  HB3  sing N N 23  
ARG CG  CD   sing N N 24  
ARG CG  HG2  sing N N 25  
ARG CG  HG3  sing N N 26  
ARG CD  NE   sing N N 27  
ARG CD  HD2  sing N N 28  
ARG CD  HD3  sing N N 29  
ARG NE  CZ   sing N N 30  
ARG NE  HE   sing N N 31  
ARG CZ  NH1  sing N N 32  
ARG CZ  NH2  doub N N 33  
ARG NH1 HH11 sing N N 34  
ARG NH1 HH12 sing N N 35  
ARG NH2 HH21 sing N N 36  
ARG NH2 HH22 sing N N 37  
ARG OXT HXT  sing N N 38  
ASN N   CA   sing N N 39  
ASN N   H    sing N N 40  
ASN N   H2   sing N N 41  
ASN CA  C    sing N N 42  
ASN CA  CB   sing N N 43  
ASN CA  HA   sing N N 44  
ASN C   O    doub N N 45  
ASN C   OXT  sing N N 46  
ASN CB  CG   sing N N 47  
ASN CB  HB2  sing N N 48  
ASN CB  HB3  sing N N 49  
ASN CG  OD1  doub N N 50  
ASN CG  ND2  sing N N 51  
ASN ND2 HD21 sing N N 52  
ASN ND2 HD22 sing N N 53  
ASN OXT HXT  sing N N 54  
ASP N   CA   sing N N 55  
ASP N   H    sing N N 56  
ASP N   H2   sing N N 57  
ASP CA  C    sing N N 58  
ASP CA  CB   sing N N 59  
ASP CA  HA   sing N N 60  
ASP C   O    doub N N 61  
ASP C   OXT  sing N N 62  
ASP CB  CG   sing N N 63  
ASP CB  HB2  sing N N 64  
ASP CB  HB3  sing N N 65  
ASP CG  OD1  doub N N 66  
ASP CG  OD2  sing N N 67  
ASP OD2 HD2  sing N N 68  
ASP OXT HXT  sing N N 69  
CYS N   CA   sing N N 70  
CYS N   H    sing N N 71  
CYS N   H2   sing N N 72  
CYS CA  C    sing N N 73  
CYS CA  CB   sing N N 74  
CYS CA  HA   sing N N 75  
CYS C   O    doub N N 76  
CYS C   OXT  sing N N 77  
CYS CB  SG   sing N N 78  
CYS CB  HB2  sing N N 79  
CYS CB  HB3  sing N N 80  
CYS SG  HG   sing N N 81  
CYS OXT HXT  sing N N 82  
GLN N   CA   sing N N 83  
GLN N   H    sing N N 84  
GLN N   H2   sing N N 85  
GLN CA  C    sing N N 86  
GLN CA  CB   sing N N 87  
GLN CA  HA   sing N N 88  
GLN C   O    doub N N 89  
GLN C   OXT  sing N N 90  
GLN CB  CG   sing N N 91  
GLN CB  HB2  sing N N 92  
GLN CB  HB3  sing N N 93  
GLN CG  CD   sing N N 94  
GLN CG  HG2  sing N N 95  
GLN CG  HG3  sing N N 96  
GLN CD  OE1  doub N N 97  
GLN CD  NE2  sing N N 98  
GLN NE2 HE21 sing N N 99  
GLN NE2 HE22 sing N N 100 
GLN OXT HXT  sing N N 101 
GLU N   CA   sing N N 102 
GLU N   H    sing N N 103 
GLU N   H2   sing N N 104 
GLU CA  C    sing N N 105 
GLU CA  CB   sing N N 106 
GLU CA  HA   sing N N 107 
GLU C   O    doub N N 108 
GLU C   OXT  sing N N 109 
GLU CB  CG   sing N N 110 
GLU CB  HB2  sing N N 111 
GLU CB  HB3  sing N N 112 
GLU CG  CD   sing N N 113 
GLU CG  HG2  sing N N 114 
GLU CG  HG3  sing N N 115 
GLU CD  OE1  doub N N 116 
GLU CD  OE2  sing N N 117 
GLU OE2 HE2  sing N N 118 
GLU OXT HXT  sing N N 119 
GLY N   CA   sing N N 120 
GLY N   H    sing N N 121 
GLY N   H2   sing N N 122 
GLY CA  C    sing N N 123 
GLY CA  HA2  sing N N 124 
GLY CA  HA3  sing N N 125 
GLY C   O    doub N N 126 
GLY C   OXT  sing N N 127 
GLY OXT HXT  sing N N 128 
GOL C1  O1   sing N N 129 
GOL C1  C2   sing N N 130 
GOL C1  H11  sing N N 131 
GOL C1  H12  sing N N 132 
GOL O1  HO1  sing N N 133 
GOL C2  O2   sing N N 134 
GOL C2  C3   sing N N 135 
GOL C2  H2   sing N N 136 
GOL O2  HO2  sing N N 137 
GOL C3  O3   sing N N 138 
GOL C3  H31  sing N N 139 
GOL C3  H32  sing N N 140 
GOL O3  HO3  sing N N 141 
HIS N   CA   sing N N 142 
HIS N   H    sing N N 143 
HIS N   H2   sing N N 144 
HIS CA  C    sing N N 145 
HIS CA  CB   sing N N 146 
HIS CA  HA   sing N N 147 
HIS C   O    doub N N 148 
HIS C   OXT  sing N N 149 
HIS CB  CG   sing N N 150 
HIS CB  HB2  sing N N 151 
HIS CB  HB3  sing N N 152 
HIS CG  ND1  sing Y N 153 
HIS CG  CD2  doub Y N 154 
HIS ND1 CE1  doub Y N 155 
HIS ND1 HD1  sing N N 156 
HIS CD2 NE2  sing Y N 157 
HIS CD2 HD2  sing N N 158 
HIS CE1 NE2  sing Y N 159 
HIS CE1 HE1  sing N N 160 
HIS NE2 HE2  sing N N 161 
HIS OXT HXT  sing N N 162 
HOH O   H1   sing N N 163 
HOH O   H2   sing N N 164 
ILE N   CA   sing N N 165 
ILE N   H    sing N N 166 
ILE N   H2   sing N N 167 
ILE CA  C    sing N N 168 
ILE CA  CB   sing N N 169 
ILE CA  HA   sing N N 170 
ILE C   O    doub N N 171 
ILE C   OXT  sing N N 172 
ILE CB  CG1  sing N N 173 
ILE CB  CG2  sing N N 174 
ILE CB  HB   sing N N 175 
ILE CG1 CD1  sing N N 176 
ILE CG1 HG12 sing N N 177 
ILE CG1 HG13 sing N N 178 
ILE CG2 HG21 sing N N 179 
ILE CG2 HG22 sing N N 180 
ILE CG2 HG23 sing N N 181 
ILE CD1 HD11 sing N N 182 
ILE CD1 HD12 sing N N 183 
ILE CD1 HD13 sing N N 184 
ILE OXT HXT  sing N N 185 
LEU N   CA   sing N N 186 
LEU N   H    sing N N 187 
LEU N   H2   sing N N 188 
LEU CA  C    sing N N 189 
LEU CA  CB   sing N N 190 
LEU CA  HA   sing N N 191 
LEU C   O    doub N N 192 
LEU C   OXT  sing N N 193 
LEU CB  CG   sing N N 194 
LEU CB  HB2  sing N N 195 
LEU CB  HB3  sing N N 196 
LEU CG  CD1  sing N N 197 
LEU CG  CD2  sing N N 198 
LEU CG  HG   sing N N 199 
LEU CD1 HD11 sing N N 200 
LEU CD1 HD12 sing N N 201 
LEU CD1 HD13 sing N N 202 
LEU CD2 HD21 sing N N 203 
LEU CD2 HD22 sing N N 204 
LEU CD2 HD23 sing N N 205 
LEU OXT HXT  sing N N 206 
LYS N   CA   sing N N 207 
LYS N   H    sing N N 208 
LYS N   H2   sing N N 209 
LYS CA  C    sing N N 210 
LYS CA  CB   sing N N 211 
LYS CA  HA   sing N N 212 
LYS C   O    doub N N 213 
LYS C   OXT  sing N N 214 
LYS CB  CG   sing N N 215 
LYS CB  HB2  sing N N 216 
LYS CB  HB3  sing N N 217 
LYS CG  CD   sing N N 218 
LYS CG  HG2  sing N N 219 
LYS CG  HG3  sing N N 220 
LYS CD  CE   sing N N 221 
LYS CD  HD2  sing N N 222 
LYS CD  HD3  sing N N 223 
LYS CE  NZ   sing N N 224 
LYS CE  HE2  sing N N 225 
LYS CE  HE3  sing N N 226 
LYS NZ  HZ1  sing N N 227 
LYS NZ  HZ2  sing N N 228 
LYS NZ  HZ3  sing N N 229 
LYS OXT HXT  sing N N 230 
MET N   CA   sing N N 231 
MET N   H    sing N N 232 
MET N   H2   sing N N 233 
MET CA  C    sing N N 234 
MET CA  CB   sing N N 235 
MET CA  HA   sing N N 236 
MET C   O    doub N N 237 
MET C   OXT  sing N N 238 
MET CB  CG   sing N N 239 
MET CB  HB2  sing N N 240 
MET CB  HB3  sing N N 241 
MET CG  SD   sing N N 242 
MET CG  HG2  sing N N 243 
MET CG  HG3  sing N N 244 
MET SD  CE   sing N N 245 
MET CE  HE1  sing N N 246 
MET CE  HE2  sing N N 247 
MET CE  HE3  sing N N 248 
MET OXT HXT  sing N N 249 
PHE N   CA   sing N N 250 
PHE N   H    sing N N 251 
PHE N   H2   sing N N 252 
PHE CA  C    sing N N 253 
PHE CA  CB   sing N N 254 
PHE CA  HA   sing N N 255 
PHE C   O    doub N N 256 
PHE C   OXT  sing N N 257 
PHE CB  CG   sing N N 258 
PHE CB  HB2  sing N N 259 
PHE CB  HB3  sing N N 260 
PHE CG  CD1  doub Y N 261 
PHE CG  CD2  sing Y N 262 
PHE CD1 CE1  sing Y N 263 
PHE CD1 HD1  sing N N 264 
PHE CD2 CE2  doub Y N 265 
PHE CD2 HD2  sing N N 266 
PHE CE1 CZ   doub Y N 267 
PHE CE1 HE1  sing N N 268 
PHE CE2 CZ   sing Y N 269 
PHE CE2 HE2  sing N N 270 
PHE CZ  HZ   sing N N 271 
PHE OXT HXT  sing N N 272 
PRO N   CA   sing N N 273 
PRO N   CD   sing N N 274 
PRO N   H    sing N N 275 
PRO CA  C    sing N N 276 
PRO CA  CB   sing N N 277 
PRO CA  HA   sing N N 278 
PRO C   O    doub N N 279 
PRO C   OXT  sing N N 280 
PRO CB  CG   sing N N 281 
PRO CB  HB2  sing N N 282 
PRO CB  HB3  sing N N 283 
PRO CG  CD   sing N N 284 
PRO CG  HG2  sing N N 285 
PRO CG  HG3  sing N N 286 
PRO CD  HD2  sing N N 287 
PRO CD  HD3  sing N N 288 
PRO OXT HXT  sing N N 289 
SER N   CA   sing N N 290 
SER N   H    sing N N 291 
SER N   H2   sing N N 292 
SER CA  C    sing N N 293 
SER CA  CB   sing N N 294 
SER CA  HA   sing N N 295 
SER C   O    doub N N 296 
SER C   OXT  sing N N 297 
SER CB  OG   sing N N 298 
SER CB  HB2  sing N N 299 
SER CB  HB3  sing N N 300 
SER OG  HG   sing N N 301 
SER OXT HXT  sing N N 302 
SO4 S   O1   doub N N 303 
SO4 S   O2   doub N N 304 
SO4 S   O3   sing N N 305 
SO4 S   O4   sing N N 306 
THR N   CA   sing N N 307 
THR N   H    sing N N 308 
THR N   H2   sing N N 309 
THR CA  C    sing N N 310 
THR CA  CB   sing N N 311 
THR CA  HA   sing N N 312 
THR C   O    doub N N 313 
THR C   OXT  sing N N 314 
THR CB  OG1  sing N N 315 
THR CB  CG2  sing N N 316 
THR CB  HB   sing N N 317 
THR OG1 HG1  sing N N 318 
THR CG2 HG21 sing N N 319 
THR CG2 HG22 sing N N 320 
THR CG2 HG23 sing N N 321 
THR OXT HXT  sing N N 322 
TRP N   CA   sing N N 323 
TRP N   H    sing N N 324 
TRP N   H2   sing N N 325 
TRP CA  C    sing N N 326 
TRP CA  CB   sing N N 327 
TRP CA  HA   sing N N 328 
TRP C   O    doub N N 329 
TRP C   OXT  sing N N 330 
TRP CB  CG   sing N N 331 
TRP CB  HB2  sing N N 332 
TRP CB  HB3  sing N N 333 
TRP CG  CD1  doub Y N 334 
TRP CG  CD2  sing Y N 335 
TRP CD1 NE1  sing Y N 336 
TRP CD1 HD1  sing N N 337 
TRP CD2 CE2  doub Y N 338 
TRP CD2 CE3  sing Y N 339 
TRP NE1 CE2  sing Y N 340 
TRP NE1 HE1  sing N N 341 
TRP CE2 CZ2  sing Y N 342 
TRP CE3 CZ3  doub Y N 343 
TRP CE3 HE3  sing N N 344 
TRP CZ2 CH2  doub Y N 345 
TRP CZ2 HZ2  sing N N 346 
TRP CZ3 CH2  sing Y N 347 
TRP CZ3 HZ3  sing N N 348 
TRP CH2 HH2  sing N N 349 
TRP OXT HXT  sing N N 350 
TYR N   CA   sing N N 351 
TYR N   H    sing N N 352 
TYR N   H2   sing N N 353 
TYR CA  C    sing N N 354 
TYR CA  CB   sing N N 355 
TYR CA  HA   sing N N 356 
TYR C   O    doub N N 357 
TYR C   OXT  sing N N 358 
TYR CB  CG   sing N N 359 
TYR CB  HB2  sing N N 360 
TYR CB  HB3  sing N N 361 
TYR CG  CD1  doub Y N 362 
TYR CG  CD2  sing Y N 363 
TYR CD1 CE1  sing Y N 364 
TYR CD1 HD1  sing N N 365 
TYR CD2 CE2  doub Y N 366 
TYR CD2 HD2  sing N N 367 
TYR CE1 CZ   doub Y N 368 
TYR CE1 HE1  sing N N 369 
TYR CE2 CZ   sing Y N 370 
TYR CE2 HE2  sing N N 371 
TYR CZ  OH   sing N N 372 
TYR OH  HH   sing N N 373 
TYR OXT HXT  sing N N 374 
VAL N   CA   sing N N 375 
VAL N   H    sing N N 376 
VAL N   H2   sing N N 377 
VAL CA  C    sing N N 378 
VAL CA  CB   sing N N 379 
VAL CA  HA   sing N N 380 
VAL C   O    doub N N 381 
VAL C   OXT  sing N N 382 
VAL CB  CG1  sing N N 383 
VAL CB  CG2  sing N N 384 
VAL CB  HB   sing N N 385 
VAL CG1 HG11 sing N N 386 
VAL CG1 HG12 sing N N 387 
VAL CG1 HG13 sing N N 388 
VAL CG2 HG21 sing N N 389 
VAL CG2 HG22 sing N N 390 
VAL CG2 HG23 sing N N 391 
VAL OXT HXT  sing N N 392 
# 
loop_
_pdbx_entity_nonpoly.entity_id 
_pdbx_entity_nonpoly.name 
_pdbx_entity_nonpoly.comp_id 
2 'SODIUM ION'   NA  
3 'CHLORIDE ION' CL  
4 'SULFATE ION'  SO4 
5 GLYCEROL       GOL 
6 water          HOH 
# 
_pdbx_initial_refinement_model.id               1 
_pdbx_initial_refinement_model.entity_id_list   ? 
_pdbx_initial_refinement_model.type             'experimental model' 
_pdbx_initial_refinement_model.source_name      PDB 
_pdbx_initial_refinement_model.accession_code   1KR4 
_pdbx_initial_refinement_model.details          ? 
# 
